data_4R7W
#
_entry.id   4R7W
#
_cell.length_a   102.167
_cell.length_b   147.808
_cell.length_c   185.336
_cell.angle_alpha   90.00
_cell.angle_beta   90.00
_cell.angle_gamma   90.00
#
_symmetry.space_group_name_H-M   'P 21 21 21'
#
loop_
_entity.id
_entity.type
_entity.pdbx_description
1 polymer 'Cytosine deaminase'
2 non-polymer 'FE (II) ION'
3 non-polymer '(2R)-2-amino-2,5-dihydro-1,5,2-diazaphosphinin-6(1H)-one 2-oxide'
4 non-polymer DI(HYDROXYETHYL)ETHER
5 non-polymer 1,2-ETHANEDIOL
6 non-polymer GLYCEROL
7 water water
#
_entity_poly.entity_id   1
_entity_poly.type   'polypeptide(L)'
_entity_poly.pdbx_seq_one_letter_code
;MKIINARLRRQEALFTLDLQDGIIHRITAQAAMQTADAGAIDAQGRLAIPPFVEPHIHLDATLTAGEPEWNRSGTLFEGI
TRWSQRKASITPEDTRQRALKTIGMLRDFGVQHVRTHVDVTDPSLAALQALLAVKQEAADLIDLQIVAFPQEGIESYPNG
RELMTRAIEMGADVVGGIPHYENTRDKGVSSVMFLMDLAQRYGRLVDVHCDEIDDPQSRFLEVLAEEARVRGMGAQVTAS
HTCAMGSYDNAYCSKLFRLLKASGINFISCPTESIHLQGRFDSWPKRRGVTRVAELDRAGINVCFAQDSIQDPWYPLGNG
NILRILDAGLHICHMLGYDDLQRCLDFVTDNSARALCLGDNYGLAEGRPANLLILDAENDYEAVRRQARVLTSIRHGKVI
LQREVEHIRYPANSSSVDKLAAALEHHHHHH
;
_entity_poly.pdbx_strand_id   A,B,C,D,E,F
#
# COMPACT_ATOMS: atom_id res chain seq x y z
N MET A 1 38.98 -46.80 -16.16
CA MET A 1 38.21 -46.97 -14.94
C MET A 1 36.74 -47.09 -15.27
N LYS A 2 36.07 -48.04 -14.63
CA LYS A 2 34.65 -48.23 -14.84
C LYS A 2 33.79 -47.79 -13.66
N ILE A 3 32.68 -47.13 -13.96
CA ILE A 3 31.63 -46.91 -12.98
C ILE A 3 30.48 -47.87 -13.26
N ILE A 4 30.15 -48.72 -12.29
CA ILE A 4 29.10 -49.70 -12.50
C ILE A 4 27.89 -49.42 -11.60
N ASN A 5 26.74 -49.97 -11.98
CA ASN A 5 25.51 -49.88 -11.18
C ASN A 5 25.05 -48.46 -10.89
N ALA A 6 25.26 -47.55 -11.84
CA ALA A 6 24.86 -46.16 -11.62
C ALA A 6 23.53 -45.81 -12.24
N ARG A 7 22.77 -44.97 -11.55
N ARG A 7 22.78 -44.97 -11.55
CA ARG A 7 21.57 -44.39 -12.13
CA ARG A 7 21.58 -44.39 -12.12
C ARG A 7 21.91 -43.06 -12.78
C ARG A 7 21.92 -43.05 -12.79
N LEU A 8 21.20 -42.73 -13.85
CA LEU A 8 21.40 -41.44 -14.53
C LEU A 8 20.08 -40.67 -14.45
N ARG A 9 20.16 -39.35 -14.33
CA ARG A 9 19.03 -38.52 -13.93
C ARG A 9 17.71 -38.72 -14.69
N ARG A 10 16.64 -38.90 -13.92
CA ARG A 10 15.28 -39.02 -14.45
C ARG A 10 15.11 -40.23 -15.38
N GLN A 11 16.00 -41.20 -15.25
CA GLN A 11 15.87 -42.49 -15.91
C GLN A 11 15.73 -43.55 -14.84
N GLU A 12 15.54 -44.79 -15.23
CA GLU A 12 15.21 -45.82 -14.26
C GLU A 12 16.28 -46.88 -14.01
N ALA A 13 16.84 -47.45 -15.07
CA ALA A 13 17.72 -48.60 -14.90
C ALA A 13 19.14 -48.20 -14.51
N LEU A 14 20.02 -49.20 -14.50
CA LEU A 14 21.42 -48.99 -14.15
C LEU A 14 22.30 -48.92 -15.40
N PHE A 15 23.46 -48.28 -15.25
CA PHE A 15 24.38 -48.07 -16.36
C PHE A 15 25.83 -48.29 -15.91
N THR A 16 26.67 -48.77 -16.83
CA THR A 16 28.11 -48.74 -16.64
C THR A 16 28.69 -47.57 -17.45
N LEU A 17 29.57 -46.79 -16.81
CA LEU A 17 30.25 -45.68 -17.46
C LEU A 17 31.74 -46.03 -17.59
N ASP A 18 32.23 -46.14 -18.82
CA ASP A 18 33.62 -46.52 -19.04
C ASP A 18 34.47 -45.29 -19.31
N LEU A 19 35.38 -44.98 -18.40
CA LEU A 19 36.20 -43.77 -18.52
C LEU A 19 37.61 -44.13 -18.99
N GLN A 20 38.05 -43.47 -20.05
CA GLN A 20 39.35 -43.75 -20.63
C GLN A 20 39.97 -42.46 -21.09
N ASP A 21 41.25 -42.29 -20.78
CA ASP A 21 42.02 -41.13 -21.27
C ASP A 21 41.39 -39.78 -20.94
N GLY A 22 40.79 -39.69 -19.76
CA GLY A 22 40.23 -38.43 -19.30
C GLY A 22 38.84 -38.14 -19.82
N ILE A 23 38.33 -38.99 -20.72
CA ILE A 23 37.02 -38.76 -21.31
C ILE A 23 36.06 -39.93 -21.12
N ILE A 24 34.77 -39.66 -21.30
CA ILE A 24 33.73 -40.68 -21.16
C ILE A 24 33.68 -41.55 -22.41
N HIS A 25 34.27 -42.73 -22.32
CA HIS A 25 34.42 -43.60 -23.47
C HIS A 25 33.11 -44.29 -23.86
N ARG A 26 32.39 -44.82 -22.88
CA ARG A 26 31.20 -45.63 -23.13
C ARG A 26 30.18 -45.50 -22.02
N ILE A 27 28.90 -45.44 -22.40
CA ILE A 27 27.81 -45.54 -21.43
C ILE A 27 26.88 -46.67 -21.88
N THR A 28 26.63 -47.65 -21.00
CA THR A 28 25.91 -48.84 -21.43
C THR A 28 24.87 -49.26 -20.41
N ALA A 29 23.65 -49.55 -20.89
CA ALA A 29 22.58 -50.01 -20.02
C ALA A 29 22.92 -51.41 -19.51
N GLN A 30 22.73 -51.63 -18.21
CA GLN A 30 22.94 -52.94 -17.62
C GLN A 30 21.64 -53.75 -17.60
N ALA A 31 21.77 -55.07 -17.75
CA ALA A 31 20.65 -55.98 -17.52
C ALA A 31 20.10 -55.82 -16.10
N ALA A 32 21.01 -55.69 -15.12
CA ALA A 32 20.59 -55.57 -13.72
C ALA A 32 21.75 -55.10 -12.85
N MET A 33 21.51 -55.06 -11.54
CA MET A 33 22.58 -54.86 -10.56
C MET A 33 23.67 -55.91 -10.81
N GLN A 34 24.92 -55.45 -10.85
CA GLN A 34 26.04 -56.34 -11.13
C GLN A 34 26.92 -56.58 -9.90
N THR A 35 27.62 -57.70 -9.92
CA THR A 35 28.44 -58.13 -8.79
C THR A 35 29.37 -57.01 -8.28
N ALA A 36 29.34 -56.79 -6.97
CA ALA A 36 30.16 -55.76 -6.33
C ALA A 36 31.63 -55.85 -6.74
N ASP A 37 32.12 -54.80 -7.40
CA ASP A 37 33.49 -54.81 -7.92
C ASP A 37 34.36 -53.79 -7.18
N ALA A 38 35.43 -54.27 -6.57
CA ALA A 38 36.35 -53.41 -5.81
C ALA A 38 37.33 -52.70 -6.74
N GLY A 39 37.52 -53.25 -7.94
CA GLY A 39 38.34 -52.62 -8.94
C GLY A 39 37.65 -51.46 -9.62
N ALA A 40 36.33 -51.39 -9.50
CA ALA A 40 35.56 -50.35 -10.14
C ALA A 40 34.98 -49.38 -9.12
N ILE A 41 34.42 -48.29 -9.62
CA ILE A 41 33.55 -47.45 -8.83
C ILE A 41 32.16 -48.08 -8.84
N ASP A 42 31.78 -48.73 -7.74
CA ASP A 42 30.48 -49.39 -7.67
C ASP A 42 29.47 -48.47 -7.02
N ALA A 43 28.66 -47.81 -7.85
CA ALA A 43 27.63 -46.87 -7.38
C ALA A 43 26.48 -47.53 -6.60
N GLN A 44 26.42 -48.86 -6.63
CA GLN A 44 25.38 -49.62 -5.92
C GLN A 44 23.97 -49.02 -6.02
N GLY A 45 23.61 -48.59 -7.22
CA GLY A 45 22.27 -48.11 -7.49
C GLY A 45 22.13 -46.62 -7.25
N ARG A 46 23.22 -45.99 -6.82
CA ARG A 46 23.17 -44.55 -6.58
C ARG A 46 23.38 -43.76 -7.87
N LEU A 47 23.02 -42.48 -7.80
CA LEU A 47 23.02 -41.60 -8.95
C LEU A 47 24.44 -41.16 -9.34
N ALA A 48 24.77 -41.27 -10.63
CA ALA A 48 25.91 -40.55 -11.18
C ALA A 48 25.45 -39.24 -11.85
N ILE A 49 26.12 -38.12 -11.54
CA ILE A 49 25.82 -36.82 -12.12
C ILE A 49 27.10 -36.10 -12.54
N PRO A 50 26.99 -35.12 -13.45
CA PRO A 50 28.14 -34.25 -13.68
C PRO A 50 28.30 -33.39 -12.44
N PRO A 51 29.49 -32.80 -12.25
CA PRO A 51 29.85 -32.08 -11.01
C PRO A 51 28.91 -30.91 -10.69
N PHE A 52 28.76 -30.61 -9.41
CA PHE A 52 28.03 -29.42 -9.06
C PHE A 52 28.80 -28.20 -9.56
N VAL A 53 28.07 -27.11 -9.77
CA VAL A 53 28.63 -25.86 -10.27
C VAL A 53 28.39 -24.78 -9.24
N GLU A 54 29.39 -23.94 -8.99
CA GLU A 54 29.18 -22.76 -8.18
C GLU A 54 29.43 -21.54 -9.05
N PRO A 55 28.36 -21.05 -9.72
CA PRO A 55 28.42 -20.01 -10.76
C PRO A 55 28.47 -18.61 -10.20
N HIS A 56 28.52 -18.49 -8.87
CA HIS A 56 28.61 -17.17 -8.28
C HIS A 56 29.14 -17.15 -6.85
N ILE A 57 30.41 -16.83 -6.67
CA ILE A 57 31.01 -16.76 -5.33
C ILE A 57 32.10 -15.68 -5.27
N HIS A 58 32.33 -15.14 -4.08
CA HIS A 58 33.37 -14.12 -3.95
C HIS A 58 34.60 -14.66 -3.25
N LEU A 59 35.52 -15.25 -4.02
CA LEU A 59 36.72 -15.87 -3.42
C LEU A 59 37.73 -14.89 -2.85
N ASP A 60 37.71 -13.63 -3.29
CA ASP A 60 38.67 -12.66 -2.73
C ASP A 60 38.24 -12.20 -1.33
N ALA A 61 36.95 -12.35 -1.01
CA ALA A 61 36.44 -11.90 0.28
C ALA A 61 36.23 -13.04 1.28
N THR A 62 36.37 -14.27 0.79
CA THR A 62 35.96 -15.41 1.59
C THR A 62 36.82 -15.58 2.87
N LEU A 63 36.18 -15.99 3.97
CA LEU A 63 36.89 -16.20 5.24
C LEU A 63 37.48 -14.92 5.89
N THR A 64 36.79 -13.79 5.71
CA THR A 64 37.19 -12.53 6.31
C THR A 64 36.14 -11.93 7.26
N ALA A 65 35.03 -12.63 7.46
CA ALA A 65 33.92 -12.15 8.30
C ALA A 65 34.39 -11.64 9.66
N GLY A 66 34.00 -10.41 9.99
CA GLY A 66 34.36 -9.84 11.28
C GLY A 66 35.68 -9.06 11.30
N GLU A 67 36.40 -9.03 10.18
CA GLU A 67 37.69 -8.35 10.14
C GLU A 67 37.59 -7.04 9.35
N PRO A 68 37.86 -5.89 9.99
CA PRO A 68 38.16 -5.68 11.42
C PRO A 68 36.89 -5.60 12.29
N GLU A 69 35.73 -5.55 11.65
CA GLU A 69 34.48 -5.53 12.39
C GLU A 69 33.34 -6.23 11.67
N TRP A 70 32.25 -6.45 12.39
CA TRP A 70 31.11 -7.18 11.84
C TRP A 70 30.13 -6.29 11.09
N ASN A 71 29.43 -6.88 10.14
CA ASN A 71 28.28 -6.25 9.51
C ASN A 71 27.11 -6.43 10.49
N ARG A 72 26.92 -5.44 11.37
CA ARG A 72 25.90 -5.55 12.42
C ARG A 72 24.47 -5.40 11.85
N SER A 73 24.33 -4.64 10.78
CA SER A 73 23.01 -4.42 10.20
C SER A 73 22.53 -5.55 9.27
N GLY A 74 23.46 -6.40 8.81
CA GLY A 74 23.13 -7.42 7.83
C GLY A 74 22.63 -6.90 6.48
N THR A 75 23.16 -5.77 6.02
CA THR A 75 22.75 -5.19 4.75
C THR A 75 23.86 -5.26 3.71
N LEU A 76 23.47 -5.21 2.43
CA LEU A 76 24.44 -5.13 1.34
C LEU A 76 25.44 -3.99 1.55
N PHE A 77 24.93 -2.84 1.98
CA PHE A 77 25.72 -1.61 2.03
C PHE A 77 26.73 -1.55 3.17
N GLU A 78 26.36 -1.95 4.38
CA GLU A 78 27.38 -1.99 5.44
C GLU A 78 28.40 -3.06 5.07
N GLY A 79 27.94 -4.12 4.41
CA GLY A 79 28.81 -5.17 3.93
C GLY A 79 29.92 -4.63 3.03
N ILE A 80 29.55 -3.73 2.12
CA ILE A 80 30.53 -3.07 1.24
C ILE A 80 31.46 -2.18 2.09
N THR A 81 30.87 -1.49 3.06
CA THR A 81 31.68 -0.67 3.98
C THR A 81 32.72 -1.51 4.71
N ARG A 82 32.28 -2.64 5.28
CA ARG A 82 33.18 -3.54 5.98
C ARG A 82 34.25 -4.13 5.07
N TRP A 83 33.84 -4.51 3.86
CA TRP A 83 34.77 -5.06 2.87
C TRP A 83 35.85 -4.03 2.50
N SER A 84 35.44 -2.77 2.37
CA SER A 84 36.40 -1.70 2.07
C SER A 84 37.43 -1.61 3.18
N GLN A 85 36.99 -1.84 4.41
CA GLN A 85 37.92 -1.88 5.53
C GLN A 85 38.94 -3.01 5.39
N ARG A 86 38.45 -4.19 5.03
CA ARG A 86 39.28 -5.38 4.91
C ARG A 86 40.15 -5.32 3.66
N LYS A 87 39.61 -4.74 2.59
CA LYS A 87 40.36 -4.59 1.35
C LYS A 87 41.64 -3.77 1.57
N ALA A 88 41.64 -2.93 2.62
CA ALA A 88 42.83 -2.13 2.93
C ALA A 88 44.06 -2.97 3.21
N SER A 89 43.87 -4.21 3.65
CA SER A 89 45.01 -5.04 4.03
C SER A 89 45.21 -6.23 3.12
N ILE A 90 44.49 -6.26 2.00
CA ILE A 90 44.57 -7.42 1.12
C ILE A 90 45.91 -7.47 0.39
N THR A 91 46.39 -8.68 0.17
CA THR A 91 47.58 -8.92 -0.62
C THR A 91 47.35 -10.19 -1.42
N PRO A 92 48.18 -10.45 -2.44
CA PRO A 92 47.95 -11.70 -3.18
C PRO A 92 48.10 -12.95 -2.32
N GLU A 93 49.06 -12.99 -1.39
CA GLU A 93 49.22 -14.20 -0.57
C GLU A 93 48.03 -14.45 0.34
N ASP A 94 47.54 -13.38 0.95
CA ASP A 94 46.35 -13.40 1.78
C ASP A 94 45.18 -13.93 0.95
N THR A 95 45.05 -13.41 -0.28
CA THR A 95 43.99 -13.86 -1.18
C THR A 95 44.13 -15.33 -1.54
N ARG A 96 45.33 -15.76 -1.91
CA ARG A 96 45.53 -17.13 -2.33
C ARG A 96 45.22 -18.13 -1.20
N GLN A 97 45.62 -17.82 0.03
CA GLN A 97 45.42 -18.76 1.12
C GLN A 97 43.94 -18.96 1.45
N ARG A 98 43.20 -17.88 1.55
CA ARG A 98 41.78 -17.98 1.88
C ARG A 98 40.99 -18.63 0.73
N ALA A 99 41.30 -18.26 -0.51
CA ALA A 99 40.64 -18.81 -1.70
C ALA A 99 40.87 -20.32 -1.81
N LEU A 100 42.09 -20.77 -1.56
CA LEU A 100 42.40 -22.21 -1.61
C LEU A 100 41.66 -23.01 -0.53
N LYS A 101 41.51 -22.45 0.67
CA LYS A 101 40.74 -23.13 1.70
C LYS A 101 39.27 -23.32 1.27
N THR A 102 38.67 -22.25 0.81
CA THR A 102 37.29 -22.27 0.33
C THR A 102 37.09 -23.16 -0.91
N ILE A 103 38.06 -23.14 -1.83
CA ILE A 103 38.06 -24.08 -2.95
C ILE A 103 38.07 -25.54 -2.44
N GLY A 104 38.78 -25.76 -1.34
CA GLY A 104 38.77 -27.06 -0.68
C GLY A 104 37.38 -27.47 -0.21
N MET A 105 36.66 -26.54 0.42
CA MET A 105 35.28 -26.77 0.84
C MET A 105 34.39 -27.10 -0.35
N LEU A 106 34.54 -26.33 -1.44
CA LEU A 106 33.71 -26.56 -2.63
C LEU A 106 34.01 -27.93 -3.21
N ARG A 107 35.29 -28.29 -3.19
CA ARG A 107 35.74 -29.58 -3.70
C ARG A 107 35.11 -30.71 -2.88
N ASP A 108 35.13 -30.55 -1.56
CA ASP A 108 34.57 -31.55 -0.63
C ASP A 108 33.08 -31.82 -0.93
N PHE A 109 32.41 -30.80 -1.43
CA PHE A 109 31.01 -30.96 -1.76
C PHE A 109 30.76 -31.09 -3.26
N GLY A 110 31.73 -31.64 -3.99
CA GLY A 110 31.50 -32.03 -5.37
C GLY A 110 31.49 -30.95 -6.44
N VAL A 111 31.84 -29.72 -6.07
CA VAL A 111 31.94 -28.62 -7.02
C VAL A 111 33.25 -28.68 -7.82
N GLN A 112 33.13 -28.74 -9.15
CA GLN A 112 34.31 -28.71 -10.03
C GLN A 112 34.32 -27.54 -11.00
N HIS A 113 33.27 -26.72 -10.98
CA HIS A 113 33.20 -25.54 -11.85
C HIS A 113 32.80 -24.36 -10.99
N VAL A 114 33.59 -23.28 -11.07
CA VAL A 114 33.44 -22.13 -10.19
C VAL A 114 33.61 -20.81 -10.96
N ARG A 115 32.64 -19.91 -10.80
CA ARG A 115 32.81 -18.55 -11.27
C ARG A 115 32.95 -17.60 -10.09
N THR A 116 34.16 -17.08 -9.88
CA THR A 116 34.40 -16.13 -8.79
C THR A 116 34.40 -14.69 -9.28
N HIS A 117 33.78 -13.81 -8.51
CA HIS A 117 33.94 -12.39 -8.71
C HIS A 117 35.15 -11.96 -7.90
N VAL A 118 35.83 -10.93 -8.39
CA VAL A 118 36.97 -10.34 -7.69
C VAL A 118 36.86 -8.84 -7.83
N ASP A 119 36.94 -8.14 -6.71
CA ASP A 119 36.87 -6.68 -6.70
C ASP A 119 38.09 -6.09 -7.38
N VAL A 120 37.84 -5.35 -8.47
CA VAL A 120 38.91 -4.66 -9.18
C VAL A 120 38.91 -3.15 -8.92
N THR A 121 38.09 -2.69 -7.98
CA THR A 121 38.22 -1.30 -7.50
C THR A 121 39.31 -1.26 -6.43
N ASP A 122 40.53 -1.54 -6.87
CA ASP A 122 41.72 -1.61 -6.02
C ASP A 122 42.89 -1.39 -6.99
N PRO A 123 43.57 -0.24 -6.90
CA PRO A 123 44.66 0.16 -7.81
C PRO A 123 45.75 -0.90 -7.97
N SER A 124 45.99 -1.70 -6.93
CA SER A 124 46.98 -2.77 -7.03
C SER A 124 46.48 -4.03 -7.73
N LEU A 125 45.16 -4.21 -7.78
CA LEU A 125 44.56 -5.42 -8.37
C LEU A 125 45.18 -6.68 -7.78
N ALA A 126 45.42 -6.65 -6.47
CA ALA A 126 46.15 -7.73 -5.79
C ALA A 126 45.39 -9.06 -5.83
N ALA A 127 44.10 -9.04 -5.49
CA ALA A 127 43.33 -10.26 -5.48
C ALA A 127 43.17 -10.83 -6.89
N LEU A 128 43.10 -9.96 -7.90
CA LEU A 128 42.94 -10.44 -9.27
C LEU A 128 44.17 -11.22 -9.67
N GLN A 129 45.34 -10.64 -9.42
CA GLN A 129 46.61 -11.31 -9.67
C GLN A 129 46.65 -12.67 -8.99
N ALA A 130 46.28 -12.71 -7.71
CA ALA A 130 46.29 -13.97 -6.96
C ALA A 130 45.38 -15.03 -7.57
N LEU A 131 44.13 -14.65 -7.88
CA LEU A 131 43.15 -15.60 -8.41
C LEU A 131 43.40 -16.02 -9.87
N LEU A 132 44.07 -15.17 -10.65
CA LEU A 132 44.55 -15.59 -11.97
C LEU A 132 45.57 -16.73 -11.83
N ALA A 133 46.39 -16.65 -10.81
CA ALA A 133 47.37 -17.72 -10.55
C ALA A 133 46.70 -18.96 -9.96
N VAL A 134 45.74 -18.74 -9.06
CA VAL A 134 45.00 -19.83 -8.43
C VAL A 134 44.23 -20.68 -9.46
N LYS A 135 43.76 -20.04 -10.53
CA LYS A 135 43.06 -20.74 -11.61
C LYS A 135 43.92 -21.83 -12.19
N GLN A 136 45.22 -21.54 -12.36
CA GLN A 136 46.19 -22.51 -12.84
C GLN A 136 46.56 -23.52 -11.75
N GLU A 137 46.82 -23.02 -10.55
CA GLU A 137 47.25 -23.89 -9.46
C GLU A 137 46.19 -24.90 -9.02
N ALA A 138 44.93 -24.49 -9.05
CA ALA A 138 43.82 -25.31 -8.56
C ALA A 138 43.13 -26.10 -9.68
N ALA A 139 43.71 -26.07 -10.87
CA ALA A 139 43.14 -26.75 -12.04
C ALA A 139 42.91 -28.24 -11.84
N ASP A 140 43.67 -28.86 -10.95
CA ASP A 140 43.47 -30.27 -10.64
C ASP A 140 42.18 -30.50 -9.85
N LEU A 141 41.58 -29.43 -9.33
CA LEU A 141 40.34 -29.52 -8.55
C LEU A 141 39.14 -28.89 -9.27
N ILE A 142 39.34 -27.73 -9.88
CA ILE A 142 38.23 -26.96 -10.46
C ILE A 142 38.59 -26.24 -11.76
N ASP A 143 37.57 -25.93 -12.56
CA ASP A 143 37.74 -24.99 -13.66
C ASP A 143 37.22 -23.64 -13.20
N LEU A 144 38.12 -22.68 -13.01
CA LEU A 144 37.75 -21.36 -12.48
C LEU A 144 37.59 -20.28 -13.54
N GLN A 145 36.43 -19.61 -13.51
CA GLN A 145 36.21 -18.40 -14.31
C GLN A 145 36.37 -17.23 -13.34
N ILE A 146 36.82 -16.09 -13.86
CA ILE A 146 37.04 -14.93 -13.02
C ILE A 146 36.36 -13.68 -13.54
N VAL A 147 35.50 -13.10 -12.72
CA VAL A 147 34.72 -11.93 -13.12
C VAL A 147 35.33 -10.65 -12.59
N ALA A 148 35.63 -9.71 -13.49
CA ALA A 148 36.13 -8.41 -13.06
C ALA A 148 34.95 -7.61 -12.52
N PHE A 149 34.89 -7.44 -11.21
CA PHE A 149 33.71 -6.91 -10.52
C PHE A 149 34.08 -5.61 -9.82
N PRO A 150 33.53 -4.48 -10.29
CA PRO A 150 33.88 -3.18 -9.73
C PRO A 150 33.02 -2.87 -8.49
N GLN A 151 33.42 -3.42 -7.35
CA GLN A 151 32.58 -3.43 -6.15
C GLN A 151 32.11 -2.04 -5.79
N GLU A 152 33.01 -1.06 -5.90
CA GLU A 152 32.69 0.32 -5.51
C GLU A 152 32.25 1.18 -6.71
N GLY A 153 31.83 0.53 -7.78
CA GLY A 153 31.27 1.23 -8.92
C GLY A 153 32.29 1.58 -10.00
N ILE A 154 31.82 1.62 -11.23
CA ILE A 154 32.65 1.96 -12.39
C ILE A 154 32.77 3.48 -12.57
N GLU A 155 31.66 4.17 -12.37
CA GLU A 155 31.56 5.57 -12.76
C GLU A 155 31.95 6.56 -11.67
N SER A 156 32.09 6.10 -10.44
CA SER A 156 32.47 7.05 -9.40
C SER A 156 33.67 6.66 -8.54
N TYR A 157 34.08 5.41 -8.58
CA TYR A 157 35.35 5.03 -7.99
C TYR A 157 36.47 5.54 -8.91
N PRO A 158 37.53 6.14 -8.34
CA PRO A 158 38.62 6.73 -9.12
C PRO A 158 39.25 5.76 -10.12
N ASN A 159 39.34 6.20 -11.38
CA ASN A 159 39.88 5.37 -12.46
C ASN A 159 39.15 4.04 -12.66
N GLY A 160 37.86 4.03 -12.32
CA GLY A 160 37.03 2.83 -12.41
C GLY A 160 37.01 2.17 -13.76
N ARG A 161 36.83 2.95 -14.82
CA ARG A 161 36.79 2.39 -16.18
C ARG A 161 38.15 1.82 -16.60
N GLU A 162 39.23 2.47 -16.16
CA GLU A 162 40.58 2.00 -16.50
C GLU A 162 40.96 0.71 -15.74
N LEU A 163 40.51 0.58 -14.49
CA LEU A 163 40.73 -0.65 -13.74
C LEU A 163 40.00 -1.84 -14.35
N MET A 164 38.76 -1.63 -14.78
CA MET A 164 38.00 -2.68 -15.46
C MET A 164 38.71 -3.11 -16.72
N THR A 165 39.19 -2.16 -17.49
CA THR A 165 39.87 -2.46 -18.74
C THR A 165 41.17 -3.20 -18.49
N ARG A 166 41.95 -2.73 -17.53
CA ARG A 166 43.18 -3.42 -17.14
C ARG A 166 42.91 -4.85 -16.66
N ALA A 167 41.88 -5.02 -15.83
CA ALA A 167 41.54 -6.34 -15.32
C ALA A 167 41.25 -7.36 -16.44
N ILE A 168 40.52 -6.91 -17.45
CA ILE A 168 40.20 -7.76 -18.59
C ILE A 168 41.45 -8.04 -19.40
N GLU A 169 42.28 -7.02 -19.61
CA GLU A 169 43.57 -7.20 -20.29
C GLU A 169 44.44 -8.23 -19.57
N MET A 170 44.42 -8.19 -18.25
CA MET A 170 45.25 -9.09 -17.44
C MET A 170 44.76 -10.53 -17.52
N GLY A 171 43.52 -10.72 -17.95
CA GLY A 171 43.03 -12.07 -18.15
C GLY A 171 41.71 -12.48 -17.52
N ALA A 172 41.03 -11.59 -16.82
CA ALA A 172 39.70 -11.93 -16.29
C ALA A 172 38.82 -12.31 -17.48
N ASP A 173 38.15 -13.47 -17.41
CA ASP A 173 37.42 -13.95 -18.59
C ASP A 173 35.94 -13.53 -18.60
N VAL A 174 35.51 -12.84 -17.54
CA VAL A 174 34.13 -12.33 -17.50
C VAL A 174 34.14 -10.87 -17.05
N VAL A 175 33.26 -10.06 -17.65
CA VAL A 175 33.11 -8.66 -17.27
C VAL A 175 31.94 -8.49 -16.28
N GLY A 176 32.21 -7.88 -15.13
CA GLY A 176 31.14 -7.65 -14.16
C GLY A 176 30.57 -6.25 -14.18
N GLY A 177 29.73 -5.95 -13.19
CA GLY A 177 29.23 -4.61 -12.98
C GLY A 177 28.38 -4.50 -11.73
N ILE A 178 27.98 -3.28 -11.39
CA ILE A 178 27.12 -3.09 -10.24
C ILE A 178 26.25 -1.82 -10.39
N PRO A 179 25.37 -1.80 -11.42
CA PRO A 179 24.72 -0.54 -11.80
C PRO A 179 23.86 0.08 -10.69
N HIS A 180 23.23 -0.75 -9.86
CA HIS A 180 22.41 -0.23 -8.77
C HIS A 180 23.21 0.45 -7.67
N TYR A 181 24.54 0.28 -7.70
CA TYR A 181 25.41 0.92 -6.71
C TYR A 181 26.06 2.20 -7.23
N GLU A 182 25.97 2.45 -8.54
CA GLU A 182 26.47 3.72 -9.06
C GLU A 182 25.71 4.86 -8.37
N ASN A 183 26.37 6.01 -8.20
CA ASN A 183 25.81 7.12 -7.43
C ASN A 183 24.49 7.73 -7.95
N THR A 184 24.22 7.60 -9.25
CA THR A 184 22.96 8.09 -9.83
C THR A 184 22.41 7.10 -10.85
N ARG A 185 21.11 7.20 -11.13
CA ARG A 185 20.50 6.34 -12.13
C ARG A 185 21.22 6.47 -13.50
N ASP A 186 21.49 7.69 -13.93
CA ASP A 186 22.11 7.87 -15.24
C ASP A 186 23.49 7.20 -15.30
N LYS A 187 24.22 7.23 -14.20
CA LYS A 187 25.52 6.54 -14.15
C LYS A 187 25.38 5.03 -14.05
N GLY A 188 24.28 4.56 -13.45
CA GLY A 188 23.94 3.15 -13.48
C GLY A 188 23.82 2.72 -14.93
N VAL A 189 23.12 3.51 -15.71
CA VAL A 189 22.91 3.18 -17.11
C VAL A 189 24.20 3.27 -17.94
N SER A 190 24.96 4.34 -17.74
CA SER A 190 26.23 4.49 -18.45
C SER A 190 27.22 3.36 -18.12
N SER A 191 27.13 2.86 -16.90
CA SER A 191 28.05 1.78 -16.49
C SER A 191 27.78 0.51 -17.30
N VAL A 192 26.49 0.23 -17.55
CA VAL A 192 26.10 -0.91 -18.36
C VAL A 192 26.56 -0.79 -19.83
N MET A 193 26.37 0.38 -20.42
CA MET A 193 26.87 0.62 -21.77
C MET A 193 28.39 0.43 -21.84
N PHE A 194 29.09 1.01 -20.88
CA PHE A 194 30.54 0.82 -20.82
C PHE A 194 30.93 -0.65 -20.75
N LEU A 195 30.33 -1.41 -19.84
CA LEU A 195 30.80 -2.77 -19.62
C LEU A 195 30.42 -3.70 -20.78
N MET A 196 29.30 -3.42 -21.46
CA MET A 196 28.95 -4.22 -22.62
C MET A 196 29.89 -3.92 -23.80
N ASP A 197 30.28 -2.67 -23.95
CA ASP A 197 31.27 -2.28 -24.95
C ASP A 197 32.59 -2.99 -24.69
N LEU A 198 32.98 -3.03 -23.42
CA LEU A 198 34.21 -3.67 -22.98
C LEU A 198 34.18 -5.15 -23.31
N ALA A 199 33.09 -5.80 -22.92
CA ALA A 199 32.91 -7.23 -23.17
C ALA A 199 32.86 -7.56 -24.66
N GLN A 200 32.07 -6.82 -25.42
CA GLN A 200 31.97 -7.07 -26.86
C GLN A 200 33.31 -6.91 -27.58
N ARG A 201 34.03 -5.84 -27.27
CA ARG A 201 35.36 -5.61 -27.84
C ARG A 201 36.32 -6.79 -27.63
N TYR A 202 36.26 -7.38 -26.44
CA TYR A 202 37.17 -8.47 -26.08
C TYR A 202 36.61 -9.88 -26.25
N GLY A 203 35.35 -9.97 -26.67
CA GLY A 203 34.70 -11.26 -26.82
C GLY A 203 34.55 -11.98 -25.50
N ARG A 204 34.28 -11.23 -24.44
CA ARG A 204 34.19 -11.77 -23.08
C ARG A 204 32.77 -12.15 -22.65
N LEU A 205 32.67 -13.07 -21.70
CA LEU A 205 31.41 -13.36 -21.05
C LEU A 205 31.08 -12.19 -20.14
N VAL A 206 29.80 -12.09 -19.75
CA VAL A 206 29.34 -10.97 -18.93
C VAL A 206 28.55 -11.54 -17.74
N ASP A 207 28.82 -11.05 -16.53
CA ASP A 207 28.03 -11.40 -15.35
C ASP A 207 27.94 -10.21 -14.38
N VAL A 208 26.79 -9.55 -14.40
CA VAL A 208 26.55 -8.32 -13.65
C VAL A 208 25.74 -8.56 -12.37
N HIS A 209 26.22 -8.01 -11.25
CA HIS A 209 25.37 -7.85 -10.07
C HIS A 209 24.29 -6.85 -10.43
N CYS A 210 23.09 -7.34 -10.66
CA CYS A 210 22.07 -6.52 -11.29
C CYS A 210 20.86 -6.32 -10.39
N ASP A 211 20.63 -5.07 -9.99
CA ASP A 211 19.46 -4.70 -9.19
C ASP A 211 19.40 -5.48 -7.86
N GLU A 212 20.54 -5.64 -7.19
CA GLU A 212 20.56 -6.31 -5.88
C GLU A 212 20.07 -5.35 -4.79
N ILE A 213 18.78 -5.05 -4.81
CA ILE A 213 18.22 -4.05 -3.93
C ILE A 213 16.70 -4.22 -4.01
N ASP A 214 15.98 -3.83 -2.97
CA ASP A 214 14.54 -4.04 -2.91
C ASP A 214 13.72 -2.89 -3.51
N ASP A 215 14.41 -1.93 -4.14
CA ASP A 215 13.76 -0.77 -4.75
C ASP A 215 13.10 -1.20 -6.06
N PRO A 216 11.76 -1.14 -6.12
CA PRO A 216 11.08 -1.60 -7.34
C PRO A 216 11.43 -0.73 -8.55
N GLN A 217 12.03 0.44 -8.34
CA GLN A 217 12.50 1.27 -9.46
C GLN A 217 13.94 1.01 -9.84
N SER A 218 14.52 -0.03 -9.27
CA SER A 218 15.84 -0.42 -9.75
C SER A 218 15.71 -1.31 -11.00
N ARG A 219 15.89 -0.70 -12.16
CA ARG A 219 15.55 -1.35 -13.43
C ARG A 219 16.71 -1.36 -14.42
N PHE A 220 17.88 -1.74 -13.92
CA PHE A 220 19.04 -1.84 -14.80
C PHE A 220 19.01 -3.12 -15.62
N LEU A 221 18.30 -4.12 -15.14
CA LEU A 221 18.13 -5.37 -15.90
C LEU A 221 17.63 -5.14 -17.33
N GLU A 222 16.65 -4.24 -17.51
CA GLU A 222 16.15 -3.98 -18.86
C GLU A 222 17.25 -3.44 -19.75
N VAL A 223 18.16 -2.64 -19.19
CA VAL A 223 19.26 -2.05 -19.98
C VAL A 223 20.27 -3.09 -20.42
N LEU A 224 20.61 -3.98 -19.48
CA LEU A 224 21.55 -5.06 -19.77
C LEU A 224 20.98 -6.06 -20.77
N ALA A 225 19.73 -6.48 -20.55
CA ALA A 225 19.04 -7.41 -21.46
C ALA A 225 18.97 -6.88 -22.88
N GLU A 226 18.66 -5.60 -23.03
CA GLU A 226 18.52 -5.00 -24.37
C GLU A 226 19.87 -4.91 -25.04
N GLU A 227 20.88 -4.48 -24.30
CA GLU A 227 22.23 -4.48 -24.87
C GLU A 227 22.60 -5.88 -25.34
N ALA A 228 22.32 -6.87 -24.49
CA ALA A 228 22.63 -8.25 -24.88
C ALA A 228 21.89 -8.64 -26.17
N ARG A 229 20.62 -8.25 -26.28
CA ARG A 229 19.81 -8.55 -27.46
C ARG A 229 20.33 -7.87 -28.73
N VAL A 230 20.60 -6.57 -28.65
CA VAL A 230 21.05 -5.77 -29.80
C VAL A 230 22.38 -6.29 -30.36
N ARG A 231 23.26 -6.68 -29.47
CA ARG A 231 24.63 -7.07 -29.81
C ARG A 231 24.76 -8.56 -30.09
N GLY A 232 23.68 -9.31 -29.87
CA GLY A 232 23.66 -10.73 -30.15
C GLY A 232 24.51 -11.52 -29.16
N MET A 233 24.55 -11.06 -27.91
CA MET A 233 25.46 -11.62 -26.90
C MET A 233 24.76 -12.35 -25.79
N GLY A 234 23.46 -12.60 -25.97
CA GLY A 234 22.61 -13.11 -24.90
C GLY A 234 23.07 -14.38 -24.24
N ALA A 235 23.50 -15.36 -25.03
CA ALA A 235 24.02 -16.60 -24.46
C ALA A 235 25.28 -16.38 -23.58
N GLN A 236 25.95 -15.25 -23.75
CA GLN A 236 27.19 -15.00 -23.05
C GLN A 236 27.02 -14.07 -21.86
N VAL A 237 25.78 -13.70 -21.60
CA VAL A 237 25.46 -12.70 -20.57
C VAL A 237 24.62 -13.31 -19.46
N THR A 238 24.96 -12.93 -18.23
CA THR A 238 24.26 -13.38 -17.04
C THR A 238 23.91 -12.18 -16.17
N ALA A 239 22.68 -12.16 -15.67
CA ALA A 239 22.27 -11.18 -14.66
C ALA A 239 22.17 -11.88 -13.31
N SER A 240 23.06 -11.53 -12.39
CA SER A 240 23.06 -12.09 -11.03
C SER A 240 22.17 -11.28 -10.12
N HIS A 241 21.54 -11.98 -9.18
CA HIS A 241 20.61 -11.40 -8.20
C HIS A 241 19.23 -11.00 -8.76
N THR A 242 19.17 -9.88 -9.47
CA THR A 242 17.89 -9.29 -9.90
C THR A 242 16.84 -9.28 -8.80
N CYS A 243 17.29 -9.03 -7.57
CA CYS A 243 16.40 -9.04 -6.42
C CYS A 243 15.21 -8.10 -6.60
N ALA A 244 15.45 -6.97 -7.25
CA ALA A 244 14.43 -5.94 -7.42
C ALA A 244 13.25 -6.49 -8.23
N MET A 245 13.50 -7.43 -9.13
CA MET A 245 12.42 -8.02 -9.90
C MET A 245 11.38 -8.68 -8.97
N GLY A 246 11.85 -9.11 -7.80
CA GLY A 246 10.94 -9.69 -6.81
C GLY A 246 10.01 -8.66 -6.20
N SER A 247 10.22 -7.40 -6.55
CA SER A 247 9.40 -6.29 -6.07
C SER A 247 8.79 -5.47 -7.21
N TYR A 248 9.00 -5.87 -8.46
CA TYR A 248 8.56 -5.01 -9.56
C TYR A 248 7.05 -4.92 -9.65
N ASP A 249 6.60 -3.79 -10.18
CA ASP A 249 5.22 -3.67 -10.69
C ASP A 249 4.94 -4.84 -11.63
N ASN A 250 3.79 -5.48 -11.49
CA ASN A 250 3.52 -6.69 -12.26
C ASN A 250 3.20 -6.46 -13.73
N ALA A 251 2.63 -5.31 -14.03
CA ALA A 251 2.34 -4.96 -15.42
C ALA A 251 3.65 -4.72 -16.15
N TYR A 252 4.54 -3.94 -15.53
CA TYR A 252 5.87 -3.72 -16.11
C TYR A 252 6.62 -5.02 -16.23
N CYS A 253 6.59 -5.83 -15.17
CA CYS A 253 7.33 -7.08 -15.17
C CYS A 253 6.86 -8.03 -16.26
N SER A 254 5.55 -8.04 -16.53
CA SER A 254 5.04 -8.90 -17.59
C SER A 254 5.61 -8.45 -18.94
N LYS A 255 5.66 -7.15 -19.14
CA LYS A 255 6.18 -6.60 -20.38
C LYS A 255 7.67 -6.92 -20.51
N LEU A 256 8.37 -6.80 -19.39
CA LEU A 256 9.82 -7.03 -19.34
C LEU A 256 10.18 -8.47 -19.75
N PHE A 257 9.39 -9.43 -19.30
CA PHE A 257 9.65 -10.84 -19.64
C PHE A 257 9.80 -11.11 -21.13
N ARG A 258 9.03 -10.40 -21.97
CA ARG A 258 9.19 -10.52 -23.41
C ARG A 258 10.62 -10.21 -23.87
N LEU A 259 11.17 -9.11 -23.38
CA LEU A 259 12.56 -8.78 -23.64
C LEU A 259 13.52 -9.79 -23.02
N LEU A 260 13.22 -10.25 -21.81
CA LEU A 260 14.13 -11.19 -21.14
C LEU A 260 14.27 -12.46 -21.96
N LYS A 261 13.15 -12.95 -22.48
CA LYS A 261 13.13 -14.19 -23.25
C LYS A 261 13.86 -13.97 -24.56
N ALA A 262 13.63 -12.82 -25.18
CA ALA A 262 14.21 -12.55 -26.49
C ALA A 262 15.71 -12.30 -26.44
N SER A 263 16.21 -11.82 -25.29
CA SER A 263 17.61 -11.50 -25.14
C SER A 263 18.45 -12.76 -25.02
N GLY A 264 17.85 -13.82 -24.49
CA GLY A 264 18.55 -15.07 -24.30
C GLY A 264 19.53 -15.12 -23.12
N ILE A 265 19.57 -14.06 -22.30
CA ILE A 265 20.48 -14.05 -21.15
C ILE A 265 20.07 -15.02 -20.04
N ASN A 266 21.05 -15.32 -19.18
CA ASN A 266 20.92 -16.22 -18.04
C ASN A 266 20.69 -15.46 -16.75
N PHE A 267 20.16 -16.16 -15.74
CA PHE A 267 19.92 -15.59 -14.42
C PHE A 267 20.54 -16.43 -13.31
N ILE A 268 21.13 -15.76 -12.34
CA ILE A 268 21.62 -16.43 -11.14
C ILE A 268 20.94 -15.84 -9.91
N SER A 269 20.51 -16.71 -9.00
CA SER A 269 19.86 -16.26 -7.78
C SER A 269 20.55 -16.87 -6.58
N CYS A 270 20.78 -16.07 -5.53
CA CYS A 270 21.54 -16.49 -4.34
C CYS A 270 20.66 -16.47 -3.12
N PRO A 271 19.85 -17.53 -2.95
CA PRO A 271 18.72 -17.49 -2.00
C PRO A 271 19.11 -17.30 -0.56
N THR A 272 20.14 -18.00 -0.07
CA THR A 272 20.63 -17.81 1.30
C THR A 272 21.17 -16.40 1.50
N GLU A 273 21.88 -15.89 0.50
CA GLU A 273 22.46 -14.56 0.59
C GLU A 273 21.35 -13.50 0.61
N SER A 274 20.36 -13.65 -0.28
CA SER A 274 19.29 -12.65 -0.40
C SER A 274 18.30 -12.69 0.76
N ILE A 275 17.93 -13.89 1.22
CA ILE A 275 17.03 -13.97 2.38
C ILE A 275 17.63 -13.22 3.57
N HIS A 276 18.95 -13.26 3.66
CA HIS A 276 19.71 -12.56 4.68
C HIS A 276 19.77 -11.04 4.43
N LEU A 277 20.19 -10.63 3.24
CA LEU A 277 20.48 -9.21 2.98
C LEU A 277 19.25 -8.40 2.55
N GLN A 278 18.26 -9.09 1.98
CA GLN A 278 17.08 -8.38 1.48
C GLN A 278 16.05 -8.32 2.60
N GLY A 279 15.03 -7.50 2.38
CA GLY A 279 13.95 -7.35 3.33
C GLY A 279 14.31 -6.54 4.55
N ARG A 280 15.52 -5.97 4.56
CA ARG A 280 16.06 -5.31 5.76
C ARG A 280 15.46 -3.93 5.97
N PHE A 281 14.79 -3.39 4.96
CA PHE A 281 14.32 -2.02 5.04
C PHE A 281 12.80 -1.96 5.12
N ASP A 282 12.18 -3.14 5.14
CA ASP A 282 10.78 -3.30 5.51
C ASP A 282 10.66 -3.42 7.02
N SER A 283 9.48 -3.12 7.54
CA SER A 283 9.14 -3.61 8.86
C SER A 283 8.34 -4.90 8.65
N TRP A 284 7.01 -4.79 8.74
CA TRP A 284 6.13 -5.95 8.55
C TRP A 284 4.91 -5.55 7.71
N PRO A 285 4.52 -6.38 6.73
CA PRO A 285 5.13 -7.65 6.32
C PRO A 285 6.53 -7.45 5.73
N LYS A 286 7.35 -8.49 5.79
CA LYS A 286 8.74 -8.40 5.39
C LYS A 286 8.93 -9.21 4.11
N ARG A 287 9.39 -8.57 3.03
CA ARG A 287 9.47 -9.26 1.74
C ARG A 287 10.58 -10.30 1.72
N ARG A 288 10.42 -11.32 0.88
CA ARG A 288 11.46 -12.30 0.67
C ARG A 288 12.68 -11.69 -0.02
N GLY A 289 12.44 -10.92 -1.07
CA GLY A 289 13.50 -10.18 -1.76
C GLY A 289 14.28 -10.96 -2.80
N VAL A 290 13.79 -12.12 -3.18
CA VAL A 290 14.47 -12.98 -4.14
C VAL A 290 13.81 -12.81 -5.50
N THR A 291 14.59 -12.93 -6.57
CA THR A 291 14.05 -12.75 -7.91
C THR A 291 13.04 -13.85 -8.22
N ARG A 292 12.30 -13.66 -9.33
CA ARG A 292 11.18 -14.53 -9.71
C ARG A 292 11.65 -15.81 -10.39
N VAL A 293 12.30 -16.69 -9.63
CA VAL A 293 12.99 -17.85 -10.19
C VAL A 293 12.06 -18.83 -10.89
N ALA A 294 10.96 -19.18 -10.21
CA ALA A 294 10.00 -20.16 -10.75
C ALA A 294 9.41 -19.65 -12.05
N GLU A 295 9.10 -18.36 -12.07
CA GLU A 295 8.45 -17.74 -13.21
C GLU A 295 9.45 -17.65 -14.37
N LEU A 296 10.73 -17.41 -14.07
CA LEU A 296 11.73 -17.32 -15.15
C LEU A 296 11.85 -18.69 -15.80
N ASP A 297 11.93 -19.72 -14.96
CA ASP A 297 12.05 -21.09 -15.45
C ASP A 297 10.83 -21.50 -16.30
N ARG A 298 9.63 -21.16 -15.81
CA ARG A 298 8.42 -21.52 -16.52
C ARG A 298 8.30 -20.81 -17.88
N ALA A 299 8.95 -19.66 -17.99
CA ALA A 299 8.95 -18.89 -19.22
C ALA A 299 10.00 -19.40 -20.20
N GLY A 300 10.70 -20.47 -19.82
CA GLY A 300 11.72 -21.04 -20.70
C GLY A 300 13.06 -20.35 -20.58
N ILE A 301 13.22 -19.54 -19.54
CA ILE A 301 14.47 -18.78 -19.34
C ILE A 301 15.40 -19.52 -18.38
N ASN A 302 16.70 -19.54 -18.69
CA ASN A 302 17.67 -20.27 -17.85
C ASN A 302 17.98 -19.57 -16.53
N VAL A 303 17.70 -20.24 -15.42
CA VAL A 303 18.01 -19.69 -14.09
C VAL A 303 18.67 -20.77 -13.21
N CYS A 304 19.49 -20.34 -12.26
CA CYS A 304 20.19 -21.31 -11.42
C CYS A 304 20.51 -20.69 -10.07
N PHE A 305 21.03 -21.50 -9.13
CA PHE A 305 21.31 -21.03 -7.77
C PHE A 305 22.81 -21.01 -7.44
N ALA A 306 23.18 -20.15 -6.50
CA ALA A 306 24.57 -19.99 -6.07
C ALA A 306 24.69 -19.63 -4.59
N GLN A 307 25.84 -19.93 -4.01
CA GLN A 307 26.09 -19.62 -2.60
C GLN A 307 26.44 -18.15 -2.36
N ASP A 308 27.09 -17.52 -3.34
CA ASP A 308 27.49 -16.11 -3.27
C ASP A 308 28.67 -15.85 -2.32
N SER A 309 28.50 -16.20 -1.04
CA SER A 309 29.45 -15.85 0.04
C SER A 309 29.76 -17.02 0.96
N ILE A 310 31.02 -17.14 1.39
CA ILE A 310 31.34 -18.08 2.46
C ILE A 310 32.12 -17.36 3.54
N GLN A 311 31.44 -17.07 4.64
CA GLN A 311 32.03 -16.41 5.81
C GLN A 311 32.73 -15.11 5.45
N ASP A 312 31.95 -14.13 4.97
CA ASP A 312 32.53 -12.89 4.43
C ASP A 312 31.84 -11.64 5.03
N PRO A 313 32.19 -10.41 4.59
CA PRO A 313 31.51 -9.25 5.18
C PRO A 313 29.99 -9.24 4.96
N TRP A 314 29.49 -10.02 4.01
CA TRP A 314 28.05 -10.05 3.69
C TRP A 314 27.28 -11.19 4.36
N TYR A 315 27.97 -12.27 4.71
CA TYR A 315 27.30 -13.51 5.13
C TYR A 315 28.21 -14.30 6.07
N PRO A 316 27.73 -14.56 7.30
CA PRO A 316 28.54 -15.16 8.38
C PRO A 316 28.68 -16.68 8.35
N LEU A 317 27.85 -17.36 7.56
CA LEU A 317 27.88 -18.82 7.48
C LEU A 317 28.46 -19.29 6.17
N GLY A 318 28.29 -20.58 5.88
CA GLY A 318 28.76 -21.12 4.61
C GLY A 318 29.74 -22.26 4.81
N ASN A 319 29.56 -23.32 4.03
CA ASN A 319 30.37 -24.53 4.18
C ASN A 319 30.76 -25.17 2.85
N GLY A 320 30.31 -24.58 1.74
CA GLY A 320 30.64 -25.09 0.42
C GLY A 320 29.57 -25.96 -0.24
N ASN A 321 28.56 -26.33 0.54
CA ASN A 321 27.58 -27.30 0.10
C ASN A 321 26.40 -26.67 -0.65
N ILE A 322 26.42 -26.74 -1.97
CA ILE A 322 25.40 -26.13 -2.82
C ILE A 322 23.99 -26.73 -2.60
N LEU A 323 23.93 -27.96 -2.08
CA LEU A 323 22.63 -28.60 -1.86
C LEU A 323 21.78 -27.87 -0.82
N ARG A 324 22.45 -27.28 0.19
CA ARG A 324 21.78 -26.46 1.19
C ARG A 324 21.16 -25.25 0.52
N ILE A 325 21.88 -24.71 -0.45
CA ILE A 325 21.41 -23.55 -1.17
C ILE A 325 20.21 -23.93 -2.05
N LEU A 326 20.30 -25.07 -2.72
CA LEU A 326 19.19 -25.62 -3.48
C LEU A 326 17.92 -25.74 -2.60
N ASP A 327 18.09 -26.34 -1.42
CA ASP A 327 16.99 -26.46 -0.45
C ASP A 327 16.37 -25.10 -0.12
N ALA A 328 17.21 -24.12 0.22
CA ALA A 328 16.71 -22.77 0.49
C ALA A 328 15.94 -22.15 -0.69
N GLY A 329 16.49 -22.29 -1.90
CA GLY A 329 15.88 -21.69 -3.08
C GLY A 329 14.49 -22.23 -3.39
N LEU A 330 14.35 -23.55 -3.34
CA LEU A 330 13.08 -24.19 -3.65
C LEU A 330 12.00 -23.81 -2.65
N HIS A 331 12.42 -23.62 -1.40
CA HIS A 331 11.52 -23.13 -0.36
C HIS A 331 11.09 -21.68 -0.61
N ILE A 332 12.07 -20.78 -0.65
CA ILE A 332 11.81 -19.34 -0.74
C ILE A 332 11.11 -18.96 -2.06
N CYS A 333 11.44 -19.66 -3.15
CA CYS A 333 10.84 -19.36 -4.45
C CYS A 333 9.57 -20.14 -4.76
N HIS A 334 9.05 -20.88 -3.78
CA HIS A 334 7.84 -21.67 -3.98
C HIS A 334 7.98 -22.67 -5.12
N MET A 335 9.08 -23.45 -5.11
CA MET A 335 9.27 -24.49 -6.11
C MET A 335 9.36 -25.87 -5.49
N LEU A 336 8.35 -26.21 -4.68
CA LEU A 336 8.29 -27.52 -4.02
C LEU A 336 7.14 -28.39 -4.55
N GLY A 337 6.68 -28.09 -5.76
CA GLY A 337 5.68 -28.93 -6.42
C GLY A 337 6.32 -30.26 -6.77
N TYR A 338 5.49 -31.25 -7.11
CA TYR A 338 5.98 -32.59 -7.40
C TYR A 338 6.97 -32.58 -8.56
N ASP A 339 6.61 -31.84 -9.60
CA ASP A 339 7.41 -31.73 -10.82
C ASP A 339 8.74 -31.01 -10.60
N ASP A 340 8.72 -29.91 -9.84
CA ASP A 340 9.93 -29.15 -9.51
C ASP A 340 10.95 -30.07 -8.85
N LEU A 341 10.51 -30.83 -7.86
CA LEU A 341 11.36 -31.71 -7.07
C LEU A 341 11.96 -32.85 -7.88
N GLN A 342 11.26 -33.30 -8.92
CA GLN A 342 11.76 -34.40 -9.73
C GLN A 342 12.84 -33.96 -10.71
N ARG A 343 13.00 -32.66 -10.89
CA ARG A 343 14.07 -32.16 -11.75
C ARG A 343 14.91 -31.05 -11.10
N CYS A 344 14.84 -30.94 -9.78
CA CYS A 344 15.42 -29.80 -9.07
C CYS A 344 16.95 -29.70 -9.13
N LEU A 345 17.60 -30.80 -9.45
CA LEU A 345 19.05 -30.76 -9.57
C LEU A 345 19.52 -29.93 -10.78
N ASP A 346 18.61 -29.66 -11.72
CA ASP A 346 18.89 -28.76 -12.86
C ASP A 346 19.49 -27.44 -12.39
N PHE A 347 18.96 -26.94 -11.27
CA PHE A 347 19.30 -25.60 -10.80
C PHE A 347 20.70 -25.49 -10.17
N VAL A 348 21.38 -26.61 -10.02
CA VAL A 348 22.75 -26.58 -9.48
C VAL A 348 23.71 -27.38 -10.33
N THR A 349 23.25 -27.86 -11.49
CA THR A 349 24.12 -28.56 -12.43
C THR A 349 23.97 -28.04 -13.87
N ASP A 350 23.03 -28.64 -14.62
CA ASP A 350 22.79 -28.31 -16.02
C ASP A 350 22.60 -26.80 -16.26
N ASN A 351 21.65 -26.18 -15.56
CA ASN A 351 21.37 -24.74 -15.74
C ASN A 351 22.61 -23.86 -15.46
N SER A 352 23.34 -24.22 -14.41
CA SER A 352 24.51 -23.45 -14.02
C SER A 352 25.62 -23.56 -15.06
N ALA A 353 25.80 -24.77 -15.59
CA ALA A 353 26.78 -25.02 -16.64
C ALA A 353 26.44 -24.23 -17.90
N ARG A 354 25.15 -24.12 -18.18
CA ARG A 354 24.70 -23.31 -19.31
C ARG A 354 25.10 -21.84 -19.13
N ALA A 355 24.83 -21.30 -17.95
CA ALA A 355 25.19 -19.91 -17.64
C ALA A 355 26.69 -19.66 -17.80
N LEU A 356 27.48 -20.69 -17.49
CA LEU A 356 28.92 -20.60 -17.59
C LEU A 356 29.45 -20.90 -19.00
N CYS A 357 28.53 -21.19 -19.91
CA CYS A 357 28.83 -21.58 -21.29
C CYS A 357 29.80 -22.75 -21.38
N LEU A 358 29.60 -23.76 -20.54
CA LEU A 358 30.54 -24.86 -20.45
C LEU A 358 30.52 -25.76 -21.67
N GLY A 359 29.35 -25.87 -22.29
CA GLY A 359 29.19 -26.67 -23.50
C GLY A 359 29.58 -28.14 -23.37
N ASP A 360 30.27 -28.65 -24.38
CA ASP A 360 30.60 -30.07 -24.41
C ASP A 360 31.71 -30.42 -23.43
N ASN A 361 32.16 -29.44 -22.64
CA ASN A 361 33.08 -29.70 -21.54
C ASN A 361 32.34 -30.10 -20.26
N TYR A 362 31.02 -30.26 -20.38
CA TYR A 362 30.21 -30.62 -19.22
C TYR A 362 29.11 -31.61 -19.63
N GLY A 363 28.77 -32.52 -18.72
CA GLY A 363 27.67 -33.43 -18.93
C GLY A 363 28.10 -34.88 -19.14
N LEU A 364 27.21 -35.83 -18.82
CA LEU A 364 27.54 -37.24 -18.98
C LEU A 364 27.06 -37.79 -20.32
N ALA A 365 27.94 -37.70 -21.31
CA ALA A 365 27.68 -38.17 -22.65
C ALA A 365 29.04 -38.56 -23.23
N GLU A 366 29.05 -39.55 -24.12
CA GLU A 366 30.30 -40.07 -24.64
C GLU A 366 31.15 -39.00 -25.32
N GLY A 367 32.45 -39.06 -25.08
CA GLY A 367 33.40 -38.12 -25.68
C GLY A 367 33.62 -36.86 -24.87
N ARG A 368 32.85 -36.70 -23.80
CA ARG A 368 32.99 -35.52 -22.95
C ARG A 368 33.99 -35.76 -21.81
N PRO A 369 34.45 -34.70 -21.14
CA PRO A 369 35.38 -34.91 -20.02
C PRO A 369 34.84 -35.86 -18.95
N ALA A 370 35.73 -36.69 -18.41
CA ALA A 370 35.36 -37.65 -17.38
C ALA A 370 35.35 -36.97 -16.02
N ASN A 371 34.41 -36.05 -15.84
CA ASN A 371 34.21 -35.36 -14.58
C ASN A 371 32.81 -35.68 -14.08
N LEU A 372 32.73 -36.28 -12.89
CA LEU A 372 31.44 -36.70 -12.37
C LEU A 372 31.48 -37.05 -10.90
N LEU A 373 30.29 -37.13 -10.31
CA LEU A 373 30.13 -37.46 -8.91
C LEU A 373 29.27 -38.69 -8.74
N ILE A 374 29.52 -39.43 -7.68
CA ILE A 374 28.55 -40.41 -7.21
C ILE A 374 27.86 -39.78 -5.99
N LEU A 375 26.55 -39.63 -6.08
CA LEU A 375 25.76 -38.98 -5.05
C LEU A 375 25.04 -40.05 -4.25
N ASP A 376 24.88 -39.85 -2.94
CA ASP A 376 24.23 -40.86 -2.11
C ASP A 376 22.70 -40.73 -2.15
N ALA A 377 22.12 -40.85 -3.34
CA ALA A 377 20.68 -40.88 -3.53
C ALA A 377 20.37 -41.46 -4.90
N GLU A 378 19.14 -41.95 -5.08
CA GLU A 378 18.72 -42.52 -6.35
C GLU A 378 18.11 -41.52 -7.33
N ASN A 379 17.66 -40.36 -6.83
CA ASN A 379 17.01 -39.36 -7.69
C ASN A 379 17.09 -37.94 -7.13
N ASP A 380 16.61 -36.96 -7.91
CA ASP A 380 16.67 -35.55 -7.50
C ASP A 380 15.96 -35.31 -6.17
N TYR A 381 14.77 -35.87 -6.03
CA TYR A 381 13.93 -35.67 -4.85
C TYR A 381 14.64 -36.11 -3.56
N GLU A 382 15.15 -37.34 -3.57
CA GLU A 382 15.87 -37.85 -2.41
C GLU A 382 17.20 -37.11 -2.18
N ALA A 383 17.82 -36.67 -3.27
CA ALA A 383 19.08 -35.94 -3.18
C ALA A 383 18.92 -34.68 -2.32
N VAL A 384 17.85 -33.95 -2.58
CA VAL A 384 17.55 -32.70 -1.88
C VAL A 384 16.93 -32.95 -0.51
N ARG A 385 16.03 -33.94 -0.42
CA ARG A 385 15.34 -34.24 0.84
C ARG A 385 16.33 -34.69 1.91
N ARG A 386 17.31 -35.50 1.51
CA ARG A 386 18.29 -36.05 2.46
C ARG A 386 19.59 -35.26 2.52
N GLN A 387 19.69 -34.21 1.70
CA GLN A 387 20.96 -33.48 1.53
C GLN A 387 22.08 -34.48 1.25
N ALA A 388 21.90 -35.26 0.18
CA ALA A 388 22.73 -36.42 -0.09
C ALA A 388 24.20 -36.10 -0.14
N ARG A 389 25.00 -36.97 0.47
CA ARG A 389 26.44 -36.80 0.52
C ARG A 389 27.10 -37.18 -0.80
N VAL A 390 28.21 -36.51 -1.10
CA VAL A 390 29.02 -36.81 -2.27
C VAL A 390 30.01 -37.90 -1.89
N LEU A 391 29.77 -39.10 -2.41
CA LEU A 391 30.58 -40.26 -2.04
C LEU A 391 31.87 -40.34 -2.84
N THR A 392 31.80 -39.94 -4.11
CA THR A 392 32.97 -40.01 -4.99
C THR A 392 32.94 -38.83 -5.94
N SER A 393 34.10 -38.19 -6.08
CA SER A 393 34.25 -37.13 -7.06
C SER A 393 35.37 -37.56 -7.99
N ILE A 394 35.04 -37.59 -9.28
CA ILE A 394 36.00 -37.98 -10.32
C ILE A 394 36.25 -36.80 -11.25
N ARG A 395 37.52 -36.54 -11.55
CA ARG A 395 37.91 -35.39 -12.37
C ARG A 395 38.99 -35.81 -13.33
N HIS A 396 38.77 -35.58 -14.62
CA HIS A 396 39.67 -36.05 -15.67
C HIS A 396 39.89 -37.56 -15.60
N GLY A 397 38.89 -38.31 -15.17
CA GLY A 397 39.01 -39.75 -15.10
C GLY A 397 39.76 -40.22 -13.87
N LYS A 398 40.05 -39.31 -12.95
CA LYS A 398 40.77 -39.66 -11.73
C LYS A 398 39.92 -39.41 -10.49
N VAL A 399 39.98 -40.33 -9.53
CA VAL A 399 39.28 -40.13 -8.28
C VAL A 399 40.03 -39.06 -7.47
N ILE A 400 39.36 -37.98 -7.13
CA ILE A 400 40.00 -36.94 -6.33
C ILE A 400 39.39 -36.82 -4.94
N LEU A 401 38.27 -37.50 -4.73
CA LEU A 401 37.61 -37.51 -3.42
C LEU A 401 36.85 -38.82 -3.24
N GLN A 402 36.94 -39.38 -2.04
CA GLN A 402 36.15 -40.55 -1.69
C GLN A 402 35.63 -40.38 -0.27
N ARG A 403 34.34 -40.66 -0.08
CA ARG A 403 33.69 -40.61 1.22
C ARG A 403 33.07 -41.96 1.50
N GLU A 404 33.31 -42.51 2.69
CA GLU A 404 32.64 -43.74 3.09
C GLU A 404 31.15 -43.49 3.24
N VAL A 405 30.34 -44.50 2.93
CA VAL A 405 28.90 -44.36 3.13
C VAL A 405 28.67 -44.42 4.62
N GLU A 406 27.81 -43.53 5.11
CA GLU A 406 27.49 -43.51 6.53
C GLU A 406 26.73 -44.77 6.92
N HIS A 407 27.02 -45.30 8.09
CA HIS A 407 26.17 -46.32 8.71
C HIS A 407 26.07 -46.03 10.20
N ILE A 408 24.85 -45.80 10.67
CA ILE A 408 24.63 -45.57 12.08
C ILE A 408 24.58 -46.90 12.82
N ARG A 409 25.16 -46.94 14.01
CA ARG A 409 25.08 -48.10 14.90
C ARG A 409 24.06 -47.87 15.99
N TYR A 410 23.26 -48.90 16.28
CA TYR A 410 22.26 -48.84 17.36
C TYR A 410 22.53 -49.92 18.41
N PRO A 411 23.43 -49.64 19.37
CA PRO A 411 23.80 -50.63 20.39
C PRO A 411 22.77 -50.76 21.51
N MET B 1 28.61 -44.58 33.01
CA MET B 1 29.75 -44.37 32.14
C MET B 1 30.25 -42.93 32.29
N LYS B 2 31.51 -42.72 31.93
CA LYS B 2 32.08 -41.39 31.98
C LYS B 2 32.29 -40.83 30.57
N ILE B 3 32.07 -39.54 30.43
CA ILE B 3 32.37 -38.82 29.20
C ILE B 3 33.37 -37.74 29.55
N ILE B 4 34.54 -37.76 28.91
CA ILE B 4 35.58 -36.77 29.18
C ILE B 4 35.84 -35.92 27.96
N ASN B 5 36.54 -34.81 28.17
CA ASN B 5 36.93 -33.92 27.07
C ASN B 5 35.71 -33.41 26.31
N ALA B 6 34.65 -33.11 27.06
CA ALA B 6 33.40 -32.62 26.49
C ALA B 6 33.31 -31.11 26.68
N ARG B 7 32.95 -30.42 25.61
CA ARG B 7 32.66 -29.00 25.72
C ARG B 7 31.20 -28.82 26.10
N LEU B 8 30.91 -27.68 26.73
CA LEU B 8 29.54 -27.30 27.07
C LEU B 8 29.21 -26.01 26.34
N ARG B 9 27.93 -25.71 26.20
CA ARG B 9 27.52 -24.55 25.42
C ARG B 9 28.00 -23.25 26.05
N ARG B 10 28.57 -22.39 25.22
CA ARG B 10 28.97 -21.05 25.61
C ARG B 10 30.04 -21.00 26.72
N GLN B 11 30.86 -22.05 26.79
CA GLN B 11 31.97 -22.13 27.74
C GLN B 11 33.24 -22.58 27.04
N GLU B 12 34.40 -22.25 27.62
CA GLU B 12 35.70 -22.55 27.00
C GLU B 12 36.32 -23.84 27.53
N ALA B 13 36.01 -24.17 28.78
CA ALA B 13 36.63 -25.31 29.42
C ALA B 13 36.21 -26.65 28.84
N LEU B 14 36.97 -27.69 29.17
CA LEU B 14 36.63 -29.06 28.85
C LEU B 14 36.08 -29.73 30.11
N PHE B 15 35.04 -30.53 29.94
CA PHE B 15 34.33 -31.11 31.09
C PHE B 15 34.29 -32.63 31.07
N THR B 16 34.15 -33.20 32.26
CA THR B 16 33.89 -34.63 32.40
C THR B 16 32.47 -34.82 32.90
N LEU B 17 31.71 -35.69 32.23
CA LEU B 17 30.34 -35.97 32.64
C LEU B 17 30.25 -37.39 33.19
N ASP B 18 29.84 -37.50 34.45
CA ASP B 18 29.77 -38.79 35.12
C ASP B 18 28.31 -39.25 35.19
N LEU B 19 27.98 -40.29 34.44
CA LEU B 19 26.61 -40.75 34.34
C LEU B 19 26.43 -42.10 35.07
N GLN B 20 25.49 -42.16 36.00
CA GLN B 20 25.18 -43.43 36.63
C GLN B 20 23.73 -43.57 37.10
N ASP B 21 23.24 -44.80 37.06
CA ASP B 21 21.88 -45.13 37.48
C ASP B 21 20.80 -44.34 36.73
N GLY B 22 21.11 -43.97 35.48
CA GLY B 22 20.15 -43.27 34.65
C GLY B 22 20.20 -41.75 34.77
N ILE B 23 20.96 -41.25 35.74
CA ILE B 23 21.05 -39.81 35.95
C ILE B 23 22.46 -39.25 35.79
N ILE B 24 22.56 -37.93 35.83
CA ILE B 24 23.83 -37.23 35.71
C ILE B 24 24.36 -36.98 37.11
N HIS B 25 25.42 -37.69 37.46
CA HIS B 25 25.93 -37.70 38.82
C HIS B 25 26.89 -36.56 39.12
N ARG B 26 27.71 -36.19 38.14
CA ARG B 26 28.72 -35.17 38.34
C ARG B 26 29.13 -34.49 37.03
N ILE B 27 29.39 -33.21 37.11
CA ILE B 27 29.95 -32.46 35.99
C ILE B 27 31.13 -31.66 36.51
N THR B 28 32.32 -31.92 35.98
CA THR B 28 33.54 -31.34 36.53
C THR B 28 34.47 -30.83 35.44
N ALA B 29 34.91 -29.59 35.57
CA ALA B 29 35.80 -29.01 34.56
C ALA B 29 37.16 -29.69 34.65
N GLN B 30 37.82 -29.86 33.51
CA GLN B 30 39.16 -30.46 33.47
C GLN B 30 40.19 -29.36 33.33
N ALA B 31 41.46 -29.71 33.55
CA ALA B 31 42.55 -28.77 33.37
C ALA B 31 42.96 -28.70 31.91
N ALA B 32 42.91 -29.86 31.25
CA ALA B 32 43.26 -29.96 29.83
C ALA B 32 42.75 -31.28 29.28
N MET B 33 43.05 -31.56 28.02
CA MET B 33 42.68 -32.82 27.39
C MET B 33 43.21 -33.99 28.20
N GLN B 34 42.39 -35.03 28.37
CA GLN B 34 42.81 -36.21 29.12
C GLN B 34 42.64 -37.48 28.29
N THR B 35 43.36 -38.54 28.66
CA THR B 35 43.21 -39.83 28.01
C THR B 35 42.06 -40.63 28.64
N ALA B 36 41.33 -41.38 27.82
CA ALA B 36 40.19 -42.14 28.30
C ALA B 36 40.55 -43.58 28.61
N ASP B 37 40.09 -44.09 29.75
CA ASP B 37 40.35 -45.48 30.13
C ASP B 37 39.36 -46.40 29.43
N ALA B 38 39.20 -47.60 29.99
CA ALA B 38 38.15 -48.51 29.55
C ALA B 38 36.83 -48.08 30.19
N GLY B 39 35.75 -48.14 29.43
CA GLY B 39 34.44 -47.73 29.91
C GLY B 39 34.34 -46.22 30.02
N ALA B 40 35.10 -45.51 29.20
CA ALA B 40 35.11 -44.06 29.21
C ALA B 40 34.98 -43.52 27.79
N ILE B 41 33.99 -42.66 27.57
CA ILE B 41 33.81 -42.06 26.25
C ILE B 41 34.57 -40.76 26.13
N ASP B 42 35.39 -40.66 25.08
CA ASP B 42 36.15 -39.46 24.79
C ASP B 42 35.33 -38.61 23.83
N ALA B 43 34.83 -37.47 24.30
CA ALA B 43 34.07 -36.57 23.43
C ALA B 43 34.98 -35.83 22.45
N GLN B 44 36.29 -35.96 22.63
CA GLN B 44 37.31 -35.42 21.72
C GLN B 44 37.22 -33.91 21.54
N GLY B 45 36.76 -33.21 22.57
CA GLY B 45 36.62 -31.77 22.50
C GLY B 45 35.31 -31.35 21.86
N ARG B 46 34.42 -32.32 21.60
CA ARG B 46 33.13 -31.98 21.00
C ARG B 46 32.10 -31.51 22.02
N LEU B 47 31.10 -30.82 21.51
CA LEU B 47 30.04 -30.28 22.33
C LEU B 47 29.13 -31.37 22.88
N ALA B 48 28.74 -31.23 24.14
CA ALA B 48 27.73 -32.08 24.74
C ALA B 48 26.55 -31.20 25.05
N ILE B 49 25.36 -31.62 24.63
CA ILE B 49 24.15 -30.83 24.84
C ILE B 49 23.03 -31.78 25.21
N PRO B 50 21.97 -31.27 25.85
CA PRO B 50 20.78 -32.11 26.07
C PRO B 50 20.17 -32.45 24.72
N PRO B 51 19.23 -33.42 24.68
CA PRO B 51 18.72 -33.82 23.36
C PRO B 51 18.03 -32.69 22.61
N PHE B 52 18.05 -32.77 21.28
CA PHE B 52 17.18 -31.93 20.46
C PHE B 52 15.72 -32.23 20.77
N VAL B 53 14.89 -31.20 20.59
CA VAL B 53 13.45 -31.27 20.85
C VAL B 53 12.71 -30.93 19.57
N GLU B 54 11.69 -31.72 19.26
CA GLU B 54 10.80 -31.39 18.16
C GLU B 54 9.49 -31.02 18.82
N PRO B 55 9.25 -29.71 19.02
CA PRO B 55 8.09 -29.33 19.82
C PRO B 55 6.82 -29.19 19.00
N HIS B 56 6.87 -29.52 17.72
CA HIS B 56 5.67 -29.38 16.89
C HIS B 56 5.76 -30.22 15.62
N ILE B 57 5.10 -31.38 15.62
CA ILE B 57 5.05 -32.21 14.43
C ILE B 57 3.70 -32.93 14.27
N HIS B 58 3.37 -33.33 13.03
CA HIS B 58 2.14 -34.07 12.79
C HIS B 58 2.43 -35.53 12.47
N LEU B 59 2.58 -36.36 13.50
CA LEU B 59 2.87 -37.78 13.27
C LEU B 59 1.71 -38.57 12.63
N ASP B 60 0.48 -38.08 12.77
CA ASP B 60 -0.62 -38.82 12.18
C ASP B 60 -0.61 -38.72 10.66
N ALA B 61 -0.10 -37.60 10.14
CA ALA B 61 -0.09 -37.34 8.70
C ALA B 61 1.23 -37.67 8.02
N THR B 62 2.28 -37.90 8.80
CA THR B 62 3.62 -38.08 8.24
C THR B 62 3.66 -39.16 7.17
N LEU B 63 4.42 -38.92 6.11
CA LEU B 63 4.67 -39.90 5.05
C LEU B 63 3.44 -40.27 4.24
N THR B 64 2.50 -39.33 4.11
CA THR B 64 1.33 -39.53 3.25
C THR B 64 1.29 -38.57 2.06
N ALA B 65 2.38 -37.83 1.81
CA ALA B 65 2.38 -36.87 0.70
C ALA B 65 2.08 -37.54 -0.64
N GLY B 66 1.08 -37.04 -1.37
CA GLY B 66 0.74 -37.59 -2.67
C GLY B 66 -0.45 -38.53 -2.68
N GLU B 67 -0.93 -38.90 -1.49
CA GLU B 67 -2.02 -39.86 -1.36
C GLU B 67 -3.29 -39.18 -0.91
N PRO B 68 -4.33 -39.14 -1.77
CA PRO B 68 -4.43 -39.71 -3.11
C PRO B 68 -4.00 -38.74 -4.22
N GLU B 69 -3.90 -37.46 -3.87
CA GLU B 69 -3.42 -36.44 -4.79
C GLU B 69 -2.42 -35.50 -4.10
N TRP B 70 -1.77 -34.67 -4.91
CA TRP B 70 -0.80 -33.71 -4.39
C TRP B 70 -1.47 -32.38 -4.07
N ASN B 71 -0.93 -31.67 -3.08
CA ASN B 71 -1.28 -30.28 -2.81
C ASN B 71 -0.65 -29.36 -3.87
N ARG B 72 -1.38 -29.13 -4.96
CA ARG B 72 -0.85 -28.44 -6.12
C ARG B 72 -0.56 -26.94 -5.90
N SER B 73 -1.37 -26.31 -5.07
CA SER B 73 -1.23 -24.87 -4.81
C SER B 73 -0.13 -24.60 -3.77
N GLY B 74 0.23 -25.62 -3.02
CA GLY B 74 1.11 -25.45 -1.87
C GLY B 74 0.51 -24.55 -0.81
N THR B 75 -0.79 -24.68 -0.55
CA THR B 75 -1.47 -23.85 0.44
C THR B 75 -1.94 -24.65 1.65
N LEU B 76 -2.12 -23.97 2.77
CA LEU B 76 -2.67 -24.59 3.98
C LEU B 76 -4.01 -25.24 3.70
N PHE B 77 -4.87 -24.49 3.02
CA PHE B 77 -6.27 -24.90 2.85
C PHE B 77 -6.41 -26.10 1.90
N GLU B 78 -5.68 -26.10 0.78
CA GLU B 78 -5.66 -27.30 -0.06
C GLU B 78 -5.05 -28.50 0.70
N GLY B 79 -4.02 -28.22 1.51
CA GLY B 79 -3.40 -29.26 2.32
C GLY B 79 -4.45 -29.93 3.21
N ILE B 80 -5.29 -29.10 3.82
CA ILE B 80 -6.41 -29.59 4.61
C ILE B 80 -7.39 -30.43 3.77
N THR B 81 -7.68 -30.00 2.55
CA THR B 81 -8.56 -30.78 1.66
C THR B 81 -7.98 -32.17 1.35
N ARG B 82 -6.69 -32.20 1.05
CA ARG B 82 -6.01 -33.46 0.77
C ARG B 82 -5.98 -34.37 2.00
N TRP B 83 -5.70 -33.78 3.16
CA TRP B 83 -5.70 -34.55 4.39
C TRP B 83 -7.04 -35.22 4.66
N SER B 84 -8.14 -34.50 4.42
CA SER B 84 -9.49 -35.07 4.60
C SER B 84 -9.72 -36.26 3.70
N GLN B 85 -9.26 -36.17 2.45
CA GLN B 85 -9.28 -37.30 1.53
C GLN B 85 -8.51 -38.51 2.08
N ARG B 86 -7.30 -38.26 2.57
CA ARG B 86 -6.43 -39.32 3.08
C ARG B 86 -7.03 -39.89 4.37
N LYS B 87 -7.73 -39.04 5.10
CA LYS B 87 -8.37 -39.41 6.36
C LYS B 87 -9.41 -40.52 6.16
N ALA B 88 -10.00 -40.58 4.99
CA ALA B 88 -11.02 -41.58 4.70
C ALA B 88 -10.51 -43.01 4.77
N SER B 89 -9.21 -43.19 4.64
CA SER B 89 -8.64 -44.55 4.65
C SER B 89 -7.68 -44.76 5.81
N ILE B 90 -7.68 -43.83 6.75
CA ILE B 90 -6.76 -43.90 7.87
C ILE B 90 -7.17 -45.02 8.83
N THR B 91 -6.18 -45.76 9.30
CA THR B 91 -6.40 -46.85 10.24
C THR B 91 -5.33 -46.79 11.34
N PRO B 92 -5.62 -47.38 12.50
CA PRO B 92 -4.64 -47.38 13.59
C PRO B 92 -3.27 -47.98 13.21
N GLU B 93 -3.25 -49.02 12.40
CA GLU B 93 -1.99 -49.72 12.11
C GLU B 93 -1.13 -49.00 11.07
N ASP B 94 -1.76 -48.45 10.04
CA ASP B 94 -1.00 -47.71 9.05
C ASP B 94 -0.43 -46.44 9.68
N THR B 95 -1.17 -45.87 10.63
CA THR B 95 -0.72 -44.72 11.39
C THR B 95 0.48 -45.06 12.28
N ARG B 96 0.40 -46.19 13.00
CA ARG B 96 1.49 -46.67 13.83
C ARG B 96 2.79 -46.83 13.04
N GLN B 97 2.70 -47.51 11.91
CA GLN B 97 3.90 -47.79 11.13
C GLN B 97 4.55 -46.51 10.60
N ARG B 98 3.74 -45.59 10.07
CA ARG B 98 4.28 -44.33 9.56
C ARG B 98 4.83 -43.47 10.69
N ALA B 99 4.12 -43.40 11.80
CA ALA B 99 4.61 -42.63 12.94
C ALA B 99 5.96 -43.16 13.40
N LEU B 100 6.05 -44.48 13.56
CA LEU B 100 7.26 -45.15 14.03
C LEU B 100 8.46 -44.88 13.12
N LYS B 101 8.23 -44.93 11.81
CA LYS B 101 9.30 -44.65 10.84
C LYS B 101 9.82 -43.22 10.96
N THR B 102 8.92 -42.24 11.07
CA THR B 102 9.34 -40.85 11.23
C THR B 102 10.01 -40.63 12.60
N ILE B 103 9.54 -41.34 13.62
CA ILE B 103 10.18 -41.27 14.93
C ILE B 103 11.63 -41.75 14.83
N GLY B 104 11.85 -42.79 14.01
CA GLY B 104 13.20 -43.26 13.73
C GLY B 104 14.08 -42.16 13.13
N MET B 105 13.52 -41.38 12.22
CA MET B 105 14.26 -40.25 11.63
C MET B 105 14.64 -39.22 12.70
N LEU B 106 13.68 -38.89 13.56
CA LEU B 106 13.90 -37.95 14.65
C LEU B 106 15.01 -38.46 15.57
N ARG B 107 14.90 -39.73 15.95
CA ARG B 107 15.98 -40.39 16.70
C ARG B 107 17.36 -40.31 16.03
N ASP B 108 17.41 -40.58 14.73
CA ASP B 108 18.68 -40.52 13.98
C ASP B 108 19.34 -39.14 14.07
N PHE B 109 18.53 -38.12 14.32
CA PHE B 109 19.01 -36.75 14.39
C PHE B 109 18.93 -36.19 15.81
N GLY B 110 18.92 -37.08 16.80
CA GLY B 110 19.12 -36.71 18.19
C GLY B 110 17.94 -36.09 18.92
N VAL B 111 16.75 -36.20 18.36
CA VAL B 111 15.56 -35.72 19.04
C VAL B 111 15.11 -36.78 20.03
N GLN B 112 14.93 -36.39 21.29
CA GLN B 112 14.46 -37.33 22.32
C GLN B 112 13.16 -36.84 22.96
N HIS B 113 12.69 -35.66 22.54
CA HIS B 113 11.45 -35.11 23.04
C HIS B 113 10.64 -34.60 21.86
N VAL B 114 9.40 -35.08 21.75
CA VAL B 114 8.54 -34.75 20.61
C VAL B 114 7.13 -34.42 21.08
N ARG B 115 6.55 -33.34 20.56
CA ARG B 115 5.13 -33.05 20.78
C ARG B 115 4.42 -33.16 19.45
N THR B 116 3.54 -34.16 19.32
CA THR B 116 2.81 -34.36 18.09
C THR B 116 1.37 -33.88 18.21
N HIS B 117 0.88 -33.27 17.13
CA HIS B 117 -0.54 -32.98 16.97
C HIS B 117 -1.18 -34.18 16.29
N VAL B 118 -2.43 -34.43 16.63
CA VAL B 118 -3.17 -35.52 16.05
C VAL B 118 -4.54 -34.97 15.73
N ASP B 119 -4.97 -35.10 14.49
CA ASP B 119 -6.30 -34.66 14.11
C ASP B 119 -7.38 -35.46 14.82
N VAL B 120 -8.14 -34.77 15.67
CA VAL B 120 -9.26 -35.43 16.37
C VAL B 120 -10.61 -35.12 15.72
N THR B 121 -10.62 -34.37 14.61
CA THR B 121 -11.86 -34.22 13.82
C THR B 121 -12.04 -35.45 12.95
N ASP B 122 -12.46 -36.54 13.59
CA ASP B 122 -12.56 -37.85 12.98
C ASP B 122 -13.30 -38.72 13.98
N PRO B 123 -14.56 -39.08 13.66
CA PRO B 123 -15.41 -39.85 14.58
C PRO B 123 -14.77 -41.15 15.06
N SER B 124 -13.91 -41.77 14.25
CA SER B 124 -13.24 -43.00 14.66
C SER B 124 -12.13 -42.76 15.67
N LEU B 125 -11.56 -41.56 15.64
CA LEU B 125 -10.36 -41.22 16.43
C LEU B 125 -9.24 -42.27 16.27
N ALA B 126 -9.08 -42.79 15.06
CA ALA B 126 -8.20 -43.93 14.81
C ALA B 126 -6.73 -43.59 15.01
N ALA B 127 -6.31 -42.45 14.46
CA ALA B 127 -4.93 -42.01 14.62
C ALA B 127 -4.59 -41.69 16.08
N LEU B 128 -5.54 -41.09 16.77
CA LEU B 128 -5.34 -40.82 18.19
C LEU B 128 -5.11 -42.13 18.95
N GLN B 129 -5.96 -43.12 18.70
CA GLN B 129 -5.79 -44.44 19.33
C GLN B 129 -4.38 -44.98 19.06
N ALA B 130 -3.94 -44.85 17.82
CA ALA B 130 -2.62 -45.32 17.40
C ALA B 130 -1.47 -44.61 18.13
N LEU B 131 -1.52 -43.29 18.17
CA LEU B 131 -0.44 -42.52 18.77
C LEU B 131 -0.36 -42.64 20.30
N LEU B 132 -1.49 -42.93 20.94
CA LEU B 132 -1.50 -43.18 22.38
C LEU B 132 -0.68 -44.44 22.68
N ALA B 133 -0.80 -45.45 21.83
CA ALA B 133 -0.03 -46.66 21.98
C ALA B 133 1.42 -46.48 21.54
N VAL B 134 1.66 -45.61 20.57
CA VAL B 134 3.01 -45.33 20.12
C VAL B 134 3.82 -44.63 21.21
N LYS B 135 3.16 -43.76 21.98
CA LYS B 135 3.78 -43.12 23.13
C LYS B 135 4.41 -44.16 24.04
N GLN B 136 3.73 -45.29 24.18
CA GLN B 136 4.26 -46.37 25.00
C GLN B 136 5.34 -47.16 24.25
N GLU B 137 5.05 -47.57 23.01
CA GLU B 137 5.97 -48.42 22.26
C GLU B 137 7.32 -47.76 21.99
N ALA B 138 7.32 -46.45 21.87
CA ALA B 138 8.50 -45.71 21.44
C ALA B 138 9.27 -45.07 22.60
N ALA B 139 8.85 -45.39 23.83
CA ALA B 139 9.41 -44.74 25.02
C ALA B 139 10.91 -45.01 25.25
N ASP B 140 11.42 -46.07 24.62
CA ASP B 140 12.84 -46.34 24.67
C ASP B 140 13.63 -45.37 23.78
N LEU B 141 12.93 -44.58 22.99
CA LEU B 141 13.61 -43.61 22.10
C LEU B 141 13.25 -42.16 22.39
N ILE B 142 11.97 -41.91 22.68
CA ILE B 142 11.50 -40.53 22.90
C ILE B 142 10.46 -40.44 24.02
N ASP B 143 10.33 -39.25 24.57
CA ASP B 143 9.17 -38.90 25.41
C ASP B 143 8.19 -38.12 24.53
N LEU B 144 7.04 -38.72 24.28
CA LEU B 144 6.06 -38.14 23.35
C LEU B 144 4.91 -37.47 24.10
N GLN B 145 4.64 -36.21 23.73
CA GLN B 145 3.39 -35.56 24.15
C GLN B 145 2.41 -35.60 22.96
N ILE B 146 1.12 -35.71 23.25
CA ILE B 146 0.09 -35.76 22.20
C ILE B 146 -0.90 -34.61 22.30
N VAL B 147 -1.04 -33.84 21.22
CA VAL B 147 -2.02 -32.74 21.18
C VAL B 147 -3.33 -33.14 20.47
N ALA B 148 -4.45 -32.89 21.16
CA ALA B 148 -5.77 -33.04 20.55
C ALA B 148 -6.03 -31.87 19.60
N PHE B 149 -5.78 -32.10 18.32
CA PHE B 149 -5.81 -31.05 17.31
C PHE B 149 -7.07 -31.17 16.46
N PRO B 150 -7.96 -30.18 16.54
CA PRO B 150 -9.20 -30.26 15.74
C PRO B 150 -9.01 -29.63 14.37
N GLN B 151 -8.42 -30.38 13.44
CA GLN B 151 -8.06 -29.87 12.12
C GLN B 151 -9.17 -29.10 11.41
N GLU B 152 -10.37 -29.64 11.43
CA GLU B 152 -11.45 -29.02 10.69
C GLU B 152 -12.27 -28.17 11.62
N GLY B 153 -11.69 -27.82 12.77
CA GLY B 153 -12.30 -26.85 13.64
C GLY B 153 -13.10 -27.47 14.76
N ILE B 154 -13.37 -26.66 15.77
CA ILE B 154 -14.15 -27.10 16.92
C ILE B 154 -15.63 -26.79 16.72
N GLU B 155 -15.94 -25.58 16.27
CA GLU B 155 -17.33 -25.14 16.19
C GLU B 155 -17.93 -25.51 14.85
N SER B 156 -17.07 -25.88 13.91
CA SER B 156 -17.47 -26.04 12.53
C SER B 156 -17.75 -27.50 12.20
N TYR B 157 -16.96 -28.39 12.79
CA TYR B 157 -17.02 -29.81 12.49
C TYR B 157 -18.11 -30.51 13.34
N PRO B 158 -18.80 -31.51 12.76
CA PRO B 158 -19.86 -32.21 13.52
C PRO B 158 -19.32 -32.86 14.81
N ASN B 159 -19.95 -32.51 15.94
CA ASN B 159 -19.53 -32.99 17.25
C ASN B 159 -18.12 -32.58 17.63
N GLY B 160 -17.70 -31.42 17.15
CA GLY B 160 -16.33 -30.95 17.39
C GLY B 160 -15.98 -30.94 18.87
N ARG B 161 -16.85 -30.34 19.67
CA ARG B 161 -16.60 -30.23 21.10
C ARG B 161 -16.62 -31.59 21.77
N GLU B 162 -17.56 -32.46 21.35
CA GLU B 162 -17.55 -33.81 21.90
C GLU B 162 -16.22 -34.53 21.58
N LEU B 163 -15.73 -34.35 20.36
CA LEU B 163 -14.55 -35.06 19.90
C LEU B 163 -13.30 -34.61 20.67
N MET B 164 -13.16 -33.30 20.88
CA MET B 164 -12.06 -32.78 21.73
C MET B 164 -12.11 -33.40 23.12
N THR B 165 -13.31 -33.44 23.68
CA THR B 165 -13.52 -33.97 25.03
C THR B 165 -13.16 -35.46 25.16
N ARG B 166 -13.63 -36.27 24.21
CA ARG B 166 -13.24 -37.67 24.16
C ARG B 166 -11.72 -37.83 24.10
N ALA B 167 -11.08 -37.02 23.26
CA ALA B 167 -9.63 -37.09 23.08
C ALA B 167 -8.90 -36.83 24.40
N ILE B 168 -9.39 -35.84 25.15
CA ILE B 168 -8.79 -35.49 26.43
C ILE B 168 -9.05 -36.62 27.45
N GLU B 169 -10.25 -37.18 27.44
CA GLU B 169 -10.57 -38.30 28.34
C GLU B 169 -9.71 -39.54 28.06
N MET B 170 -9.27 -39.70 26.81
CA MET B 170 -8.45 -40.84 26.41
C MET B 170 -7.00 -40.57 26.78
N GLY B 171 -6.70 -39.32 27.09
CA GLY B 171 -5.42 -38.99 27.69
C GLY B 171 -4.49 -38.15 26.83
N ALA B 172 -5.03 -37.41 25.87
CA ALA B 172 -4.21 -36.42 25.16
C ALA B 172 -3.60 -35.48 26.21
N ASP B 173 -2.30 -35.21 26.10
CA ASP B 173 -1.60 -34.42 27.12
C ASP B 173 -1.85 -32.93 26.91
N VAL B 174 -2.19 -32.57 25.69
CA VAL B 174 -2.26 -31.16 25.32
C VAL B 174 -3.54 -30.85 24.54
N VAL B 175 -4.12 -29.69 24.81
CA VAL B 175 -5.32 -29.27 24.10
C VAL B 175 -4.91 -28.31 23.00
N GLY B 176 -5.27 -28.66 21.75
CA GLY B 176 -5.01 -27.81 20.60
C GLY B 176 -6.21 -27.03 20.09
N GLY B 177 -6.07 -26.43 18.93
CA GLY B 177 -7.13 -25.60 18.38
C GLY B 177 -6.71 -24.99 17.07
N ILE B 178 -7.65 -24.34 16.40
CA ILE B 178 -7.39 -23.75 15.09
C ILE B 178 -8.34 -22.57 14.80
N PRO B 179 -8.26 -21.50 15.62
CA PRO B 179 -9.29 -20.45 15.57
C PRO B 179 -9.39 -19.74 14.22
N HIS B 180 -8.28 -19.51 13.52
CA HIS B 180 -8.35 -18.82 12.23
C HIS B 180 -9.10 -19.59 11.17
N TYR B 181 -9.27 -20.90 11.38
CA TYR B 181 -9.92 -21.74 10.37
C TYR B 181 -11.40 -21.94 10.69
N GLU B 182 -11.84 -21.49 11.86
CA GLU B 182 -13.28 -21.59 12.18
C GLU B 182 -14.05 -20.70 11.19
N ASN B 183 -15.31 -21.01 10.99
CA ASN B 183 -16.08 -20.45 9.90
C ASN B 183 -16.32 -18.95 9.98
N THR B 184 -16.48 -18.44 11.19
CA THR B 184 -16.60 -17.00 11.41
C THR B 184 -15.68 -16.57 12.53
N ARG B 185 -15.37 -15.28 12.58
CA ARG B 185 -14.56 -14.72 13.67
C ARG B 185 -15.13 -15.03 15.07
N ASP B 186 -16.43 -14.83 15.25
CA ASP B 186 -17.08 -15.06 16.54
C ASP B 186 -16.87 -16.51 16.96
N LYS B 187 -16.88 -17.42 16.00
CA LYS B 187 -16.68 -18.84 16.35
C LYS B 187 -15.20 -19.18 16.56
N GLY B 188 -14.31 -18.39 15.96
CA GLY B 188 -12.90 -18.50 16.32
C GLY B 188 -12.68 -18.14 17.78
N VAL B 189 -13.28 -17.04 18.21
CA VAL B 189 -13.25 -16.62 19.60
C VAL B 189 -13.87 -17.66 20.55
N SER B 190 -15.08 -18.12 20.26
CA SER B 190 -15.71 -19.10 21.12
C SER B 190 -14.90 -20.39 21.19
N SER B 191 -14.22 -20.73 20.11
CA SER B 191 -13.45 -21.96 20.08
C SER B 191 -12.29 -21.85 21.10
N VAL B 192 -11.72 -20.66 21.21
CA VAL B 192 -10.62 -20.43 22.16
C VAL B 192 -11.12 -20.50 23.61
N MET B 193 -12.31 -19.94 23.85
CA MET B 193 -12.94 -20.02 25.17
C MET B 193 -13.14 -21.47 25.59
N PHE B 194 -13.68 -22.27 24.68
CA PHE B 194 -13.93 -23.69 24.95
C PHE B 194 -12.65 -24.44 25.26
N LEU B 195 -11.61 -24.24 24.45
CA LEU B 195 -10.43 -25.07 24.54
C LEU B 195 -9.69 -24.74 25.82
N MET B 196 -9.72 -23.46 26.22
CA MET B 196 -9.10 -23.03 27.47
C MET B 196 -9.84 -23.60 28.68
N ASP B 197 -11.17 -23.63 28.60
CA ASP B 197 -11.98 -24.23 29.65
C ASP B 197 -11.68 -25.72 29.77
N LEU B 198 -11.53 -26.38 28.63
CA LEU B 198 -11.28 -27.82 28.62
C LEU B 198 -9.94 -28.15 29.27
N ALA B 199 -8.90 -27.46 28.81
CA ALA B 199 -7.56 -27.64 29.37
C ALA B 199 -7.52 -27.35 30.85
N GLN B 200 -8.12 -26.23 31.24
CA GLN B 200 -8.08 -25.80 32.64
C GLN B 200 -8.82 -26.78 33.54
N ARG B 201 -9.94 -27.29 33.04
CA ARG B 201 -10.75 -28.26 33.77
C ARG B 201 -10.02 -29.60 33.95
N TYR B 202 -9.41 -30.10 32.88
CA TYR B 202 -8.73 -31.39 32.97
C TYR B 202 -7.24 -31.29 33.31
N GLY B 203 -6.77 -30.08 33.62
CA GLY B 203 -5.37 -29.85 33.97
C GLY B 203 -4.38 -30.25 32.89
N ARG B 204 -4.63 -29.80 31.66
CA ARG B 204 -3.79 -30.17 30.53
C ARG B 204 -2.98 -28.98 30.02
N LEU B 205 -1.98 -29.24 29.19
CA LEU B 205 -1.24 -28.16 28.54
C LEU B 205 -2.05 -27.68 27.33
N VAL B 206 -1.70 -26.54 26.76
CA VAL B 206 -2.38 -26.02 25.58
C VAL B 206 -1.35 -25.71 24.50
N ASP B 207 -1.66 -26.08 23.26
CA ASP B 207 -0.83 -25.69 22.12
C ASP B 207 -1.72 -25.51 20.88
N VAL B 208 -1.97 -24.25 20.53
CA VAL B 208 -2.97 -23.90 19.51
C VAL B 208 -2.28 -23.48 18.21
N HIS B 209 -2.76 -23.99 17.06
CA HIS B 209 -2.35 -23.44 15.78
C HIS B 209 -3.03 -22.10 15.70
N CYS B 210 -2.26 -21.05 15.91
CA CYS B 210 -2.85 -19.75 16.14
C CYS B 210 -2.51 -18.79 15.01
N ASP B 211 -3.54 -18.37 14.29
CA ASP B 211 -3.39 -17.40 13.21
C ASP B 211 -2.40 -17.85 12.12
N GLU B 212 -2.55 -19.09 11.65
CA GLU B 212 -1.69 -19.58 10.56
C GLU B 212 -2.18 -19.10 9.21
N ILE B 213 -2.07 -17.80 8.97
CA ILE B 213 -2.62 -17.20 7.76
C ILE B 213 -2.02 -15.82 7.60
N ASP B 214 -2.01 -15.27 6.37
CA ASP B 214 -1.37 -13.98 6.12
C ASP B 214 -2.29 -12.77 6.27
N ASP B 215 -3.50 -12.98 6.76
CA ASP B 215 -4.47 -11.90 7.00
C ASP B 215 -4.05 -11.11 8.25
N PRO B 216 -3.73 -9.81 8.10
CA PRO B 216 -3.36 -8.97 9.25
C PRO B 216 -4.48 -8.83 10.28
N GLN B 217 -5.68 -9.27 9.94
CA GLN B 217 -6.78 -9.19 10.89
C GLN B 217 -7.07 -10.51 11.61
N SER B 218 -6.22 -11.51 11.40
CA SER B 218 -6.34 -12.74 12.17
C SER B 218 -5.66 -12.52 13.53
N ARG B 219 -6.47 -12.22 14.55
CA ARG B 219 -5.97 -11.78 15.86
C ARG B 219 -6.52 -12.66 16.99
N PHE B 220 -6.50 -13.96 16.79
CA PHE B 220 -6.94 -14.87 17.83
C PHE B 220 -5.87 -15.03 18.93
N LEU B 221 -4.64 -14.69 18.58
CA LEU B 221 -3.55 -14.67 19.56
C LEU B 221 -3.90 -13.82 20.79
N GLU B 222 -4.43 -12.62 20.59
CA GLU B 222 -4.76 -11.78 21.73
C GLU B 222 -5.77 -12.47 22.65
N VAL B 223 -6.70 -13.23 22.06
CA VAL B 223 -7.72 -13.89 22.85
C VAL B 223 -7.07 -15.00 23.65
N LEU B 224 -6.20 -15.75 22.99
CA LEU B 224 -5.54 -16.87 23.64
C LEU B 224 -4.64 -16.37 24.77
N ALA B 225 -3.89 -15.32 24.47
CA ALA B 225 -2.97 -14.73 25.43
C ALA B 225 -3.70 -14.20 26.65
N GLU B 226 -4.82 -13.52 26.43
CA GLU B 226 -5.59 -12.95 27.55
C GLU B 226 -6.19 -14.02 28.45
N GLU B 227 -6.79 -15.05 27.86
CA GLU B 227 -7.27 -16.19 28.64
C GLU B 227 -6.15 -16.82 29.46
N ALA B 228 -5.01 -17.07 28.81
CA ALA B 228 -3.86 -17.64 29.54
C ALA B 228 -3.47 -16.76 30.73
N ARG B 229 -3.43 -15.45 30.51
CA ARG B 229 -3.10 -14.48 31.56
C ARG B 229 -4.11 -14.50 32.71
N VAL B 230 -5.39 -14.42 32.36
CA VAL B 230 -6.46 -14.37 33.35
C VAL B 230 -6.53 -15.64 34.20
N ARG B 231 -6.27 -16.78 33.57
CA ARG B 231 -6.40 -18.07 34.23
C ARG B 231 -5.12 -18.50 34.89
N GLY B 232 -4.07 -17.69 34.76
CA GLY B 232 -2.77 -17.97 35.33
C GLY B 232 -2.17 -19.24 34.77
N MET B 233 -2.40 -19.48 33.48
CA MET B 233 -1.95 -20.70 32.80
C MET B 233 -0.86 -20.46 31.79
N GLY B 234 -0.19 -19.31 31.87
CA GLY B 234 0.82 -18.92 30.88
C GLY B 234 1.85 -19.97 30.49
N ALA B 235 2.58 -20.46 31.49
CA ALA B 235 3.63 -21.44 31.28
C ALA B 235 3.13 -22.71 30.57
N GLN B 236 1.85 -23.01 30.73
CA GLN B 236 1.27 -24.24 30.18
C GLN B 236 0.61 -24.01 28.81
N VAL B 237 0.72 -22.79 28.29
CA VAL B 237 0.14 -22.44 27.00
C VAL B 237 1.20 -22.08 25.93
N THR B 238 1.01 -22.61 24.73
CA THR B 238 1.85 -22.30 23.59
C THR B 238 1.00 -21.89 22.39
N ALA B 239 1.38 -20.79 21.74
CA ALA B 239 0.78 -20.40 20.48
C ALA B 239 1.71 -20.81 19.34
N SER B 240 1.30 -21.80 18.56
CA SER B 240 2.06 -22.20 17.38
C SER B 240 1.75 -21.32 16.18
N HIS B 241 2.78 -21.15 15.34
CA HIS B 241 2.75 -20.39 14.10
C HIS B 241 2.69 -18.88 14.29
N THR B 242 1.50 -18.36 14.56
CA THR B 242 1.26 -16.92 14.66
C THR B 242 1.81 -16.20 13.43
N CYS B 243 1.65 -16.82 12.27
CA CYS B 243 2.14 -16.21 11.01
C CYS B 243 1.57 -14.82 10.75
N ALA B 244 0.32 -14.61 11.16
CA ALA B 244 -0.31 -13.30 10.97
C ALA B 244 0.44 -12.16 11.64
N MET B 245 1.12 -12.44 12.76
CA MET B 245 1.95 -11.43 13.42
C MET B 245 3.01 -10.88 12.46
N GLY B 246 3.51 -11.73 11.58
CA GLY B 246 4.47 -11.27 10.57
C GLY B 246 3.87 -10.27 9.58
N SER B 247 2.58 -9.98 9.74
CA SER B 247 1.87 -9.03 8.89
C SER B 247 1.07 -7.99 9.66
N TYR B 248 1.17 -7.99 11.00
CA TYR B 248 0.34 -7.10 11.82
C TYR B 248 0.70 -5.63 11.64
N ASP B 249 -0.32 -4.78 11.70
CA ASP B 249 -0.14 -3.35 11.97
C ASP B 249 0.88 -3.19 13.10
N ASN B 250 1.87 -2.31 12.92
CA ASN B 250 2.94 -2.20 13.91
C ASN B 250 2.54 -1.56 15.24
N ALA B 251 1.59 -0.63 15.18
CA ALA B 251 1.09 0.00 16.40
C ALA B 251 0.30 -0.99 17.22
N TYR B 252 -0.60 -1.74 16.56
CA TYR B 252 -1.31 -2.81 17.22
C TYR B 252 -0.33 -3.82 17.81
N CYS B 253 0.67 -4.22 17.02
CA CYS B 253 1.59 -5.26 17.49
C CYS B 253 2.45 -4.81 18.69
N SER B 254 2.84 -3.54 18.72
CA SER B 254 3.58 -3.01 19.87
C SER B 254 2.73 -3.11 21.14
N LYS B 255 1.47 -2.70 21.04
CA LYS B 255 0.55 -2.78 22.17
C LYS B 255 0.39 -4.23 22.60
N LEU B 256 0.26 -5.09 21.60
CA LEU B 256 -0.02 -6.50 21.84
C LEU B 256 1.09 -7.16 22.65
N PHE B 257 2.32 -6.75 22.38
CA PHE B 257 3.50 -7.33 23.05
C PHE B 257 3.42 -7.20 24.56
N ARG B 258 2.73 -6.16 25.05
CA ARG B 258 2.62 -5.96 26.49
C ARG B 258 1.85 -7.13 27.09
N LEU B 259 0.75 -7.49 26.44
CA LEU B 259 -0.05 -8.64 26.81
C LEU B 259 0.72 -9.95 26.63
N LEU B 260 1.42 -10.11 25.51
CA LEU B 260 2.16 -11.34 25.29
C LEU B 260 3.18 -11.56 26.42
N LYS B 261 3.85 -10.49 26.80
CA LYS B 261 4.83 -10.57 27.90
C LYS B 261 4.15 -10.91 29.22
N ALA B 262 3.03 -10.24 29.47
CA ALA B 262 2.30 -10.41 30.73
C ALA B 262 1.69 -11.81 30.84
N SER B 263 1.36 -12.40 29.70
CA SER B 263 0.68 -13.69 29.68
C SER B 263 1.58 -14.84 30.04
N GLY B 264 2.87 -14.72 29.74
CA GLY B 264 3.83 -15.78 29.99
C GLY B 264 3.81 -16.93 29.00
N ILE B 265 3.02 -16.82 27.94
CA ILE B 265 2.85 -17.95 27.01
C ILE B 265 4.09 -18.18 26.14
N ASN B 266 4.17 -19.37 25.56
CA ASN B 266 5.25 -19.69 24.64
C ASN B 266 4.83 -19.57 23.18
N PHE B 267 5.83 -19.55 22.30
CA PHE B 267 5.62 -19.43 20.87
C PHE B 267 6.45 -20.45 20.12
N ILE B 268 5.86 -21.07 19.10
CA ILE B 268 6.60 -21.98 18.24
C ILE B 268 6.51 -21.46 16.81
N SER B 269 7.64 -21.45 16.10
CA SER B 269 7.64 -21.03 14.69
C SER B 269 8.15 -22.18 13.81
N CYS B 270 7.56 -22.35 12.65
CA CYS B 270 7.97 -23.42 11.74
C CYS B 270 8.45 -22.85 10.39
N PRO B 271 9.69 -22.35 10.35
CA PRO B 271 10.20 -21.55 9.21
C PRO B 271 10.19 -22.26 7.86
N THR B 272 10.50 -23.55 7.80
CA THR B 272 10.44 -24.23 6.51
C THR B 272 8.99 -24.43 6.08
N GLU B 273 8.11 -24.67 7.05
CA GLU B 273 6.73 -24.97 6.72
C GLU B 273 6.04 -23.71 6.22
N SER B 274 6.25 -22.60 6.94
CA SER B 274 5.61 -21.34 6.59
C SER B 274 6.24 -20.65 5.37
N ILE B 275 7.55 -20.78 5.17
CA ILE B 275 8.12 -20.20 3.95
C ILE B 275 7.50 -20.87 2.72
N HIS B 276 7.14 -22.15 2.87
CA HIS B 276 6.42 -22.91 1.85
C HIS B 276 4.95 -22.51 1.73
N LEU B 277 4.23 -22.47 2.85
CA LEU B 277 2.78 -22.28 2.80
C LEU B 277 2.32 -20.82 2.79
N GLN B 278 3.15 -19.94 3.34
CA GLN B 278 2.80 -18.52 3.39
C GLN B 278 3.25 -17.77 2.14
N GLY B 279 2.74 -16.55 1.95
CA GLY B 279 3.07 -15.73 0.80
C GLY B 279 2.39 -16.19 -0.48
N ARG B 280 1.48 -17.16 -0.34
CA ARG B 280 0.86 -17.79 -1.50
C ARG B 280 -0.23 -16.93 -2.15
N PHE B 281 -0.68 -15.92 -1.43
CA PHE B 281 -1.78 -15.08 -1.90
C PHE B 281 -1.33 -13.66 -2.25
N ASP B 282 -0.03 -13.40 -2.11
CA ASP B 282 0.60 -12.18 -2.61
C ASP B 282 0.97 -12.37 -4.06
N SER B 283 1.11 -11.28 -4.80
CA SER B 283 1.88 -11.34 -6.04
C SER B 283 3.35 -11.00 -5.71
N TRP B 284 3.74 -9.78 -6.02
CA TRP B 284 5.10 -9.30 -5.76
C TRP B 284 5.00 -7.87 -5.27
N PRO B 285 5.76 -7.52 -4.21
CA PRO B 285 6.65 -8.39 -3.44
C PRO B 285 5.91 -9.45 -2.63
N LYS B 286 6.61 -10.52 -2.30
CA LYS B 286 6.04 -11.67 -1.62
C LYS B 286 6.54 -11.74 -0.17
N ARG B 287 5.61 -11.74 0.79
CA ARG B 287 5.98 -11.71 2.20
C ARG B 287 6.57 -13.05 2.67
N ARG B 288 7.43 -13.01 3.69
CA ARG B 288 8.01 -14.23 4.26
C ARG B 288 6.96 -15.07 4.96
N GLY B 289 6.11 -14.40 5.74
CA GLY B 289 5.00 -15.05 6.41
C GLY B 289 5.33 -15.74 7.71
N VAL B 290 6.47 -15.39 8.30
CA VAL B 290 6.87 -16.02 9.56
C VAL B 290 6.62 -15.02 10.68
N THR B 291 6.28 -15.52 11.86
CA THR B 291 6.09 -14.66 13.03
C THR B 291 7.39 -13.91 13.43
N ARG B 292 7.25 -12.97 14.35
CA ARG B 292 8.35 -12.06 14.68
C ARG B 292 9.29 -12.67 15.74
N VAL B 293 9.99 -13.71 15.33
CA VAL B 293 10.83 -14.49 16.21
C VAL B 293 11.91 -13.69 16.93
N ALA B 294 12.72 -12.92 16.18
CA ALA B 294 13.85 -12.21 16.81
C ALA B 294 13.31 -11.21 17.82
N GLU B 295 12.15 -10.66 17.49
CA GLU B 295 11.50 -9.64 18.29
C GLU B 295 10.94 -10.20 19.60
N LEU B 296 10.20 -11.30 19.50
CA LEU B 296 9.68 -11.99 20.68
C LEU B 296 10.85 -12.29 21.60
N ASP B 297 11.88 -12.93 21.06
CA ASP B 297 13.07 -13.28 21.85
C ASP B 297 13.68 -12.06 22.54
N ARG B 298 13.86 -10.96 21.79
CA ARG B 298 14.39 -9.73 22.38
C ARG B 298 13.51 -9.16 23.50
N ALA B 299 12.20 -9.38 23.39
CA ALA B 299 11.28 -8.90 24.42
C ALA B 299 11.29 -9.79 25.69
N GLY B 300 12.07 -10.87 25.66
CA GLY B 300 12.13 -11.78 26.80
C GLY B 300 11.00 -12.81 26.77
N ILE B 301 10.48 -13.05 25.58
CA ILE B 301 9.40 -14.01 25.37
C ILE B 301 10.04 -15.27 24.80
N ASN B 302 9.60 -16.42 25.29
CA ASN B 302 10.18 -17.69 24.85
C ASN B 302 9.63 -18.16 23.52
N VAL B 303 10.51 -18.35 22.55
CA VAL B 303 10.12 -18.79 21.21
C VAL B 303 11.09 -19.87 20.74
N CYS B 304 10.62 -20.79 19.90
CA CYS B 304 11.47 -21.88 19.39
C CYS B 304 11.05 -22.37 18.01
N PHE B 305 11.88 -23.23 17.42
CA PHE B 305 11.67 -23.67 16.04
C PHE B 305 11.20 -25.14 15.97
N ALA B 306 10.50 -25.47 14.89
CA ALA B 306 9.97 -26.83 14.71
C ALA B 306 9.80 -27.18 13.25
N GLN B 307 9.89 -28.48 12.95
CA GLN B 307 9.74 -29.00 11.58
C GLN B 307 8.29 -28.99 11.06
N ASP B 308 7.35 -29.21 11.97
CA ASP B 308 5.92 -29.25 11.64
C ASP B 308 5.50 -30.50 10.86
N SER B 309 6.04 -30.67 9.65
CA SER B 309 5.63 -31.76 8.77
C SER B 309 6.80 -32.55 8.24
N ILE B 310 6.58 -33.84 8.00
CA ILE B 310 7.53 -34.63 7.23
C ILE B 310 6.80 -35.45 6.18
N GLN B 311 6.99 -35.06 4.92
CA GLN B 311 6.39 -35.73 3.77
C GLN B 311 4.88 -35.96 3.92
N ASP B 312 4.13 -34.87 4.02
CA ASP B 312 2.72 -34.96 4.33
C ASP B 312 1.88 -34.04 3.38
N PRO B 313 0.56 -33.93 3.57
CA PRO B 313 -0.20 -33.12 2.60
C PRO B 313 0.22 -31.64 2.52
N TRP B 314 0.93 -31.13 3.54
CA TRP B 314 1.30 -29.72 3.56
C TRP B 314 2.77 -29.44 3.19
N TYR B 315 3.58 -30.46 3.03
CA TYR B 315 5.03 -30.25 2.87
C TYR B 315 5.66 -31.54 2.36
N PRO B 316 6.23 -31.51 1.15
CA PRO B 316 6.71 -32.75 0.50
C PRO B 316 8.12 -33.20 0.95
N LEU B 317 8.83 -32.38 1.69
CA LEU B 317 10.19 -32.74 2.13
C LEU B 317 10.20 -33.12 3.62
N GLY B 318 11.38 -33.08 4.24
CA GLY B 318 11.51 -33.44 5.65
C GLY B 318 12.35 -34.67 5.86
N ASN B 319 13.24 -34.64 6.86
CA ASN B 319 14.13 -35.76 7.12
C ASN B 319 14.42 -36.03 8.58
N GLY B 320 13.80 -35.26 9.48
CA GLY B 320 13.94 -35.43 10.90
C GLY B 320 14.99 -34.53 11.54
N ASN B 321 15.71 -33.78 10.71
CA ASN B 321 16.89 -33.01 11.16
C ASN B 321 16.57 -31.56 11.52
N ILE B 322 16.43 -31.30 12.81
CA ILE B 322 16.04 -29.99 13.30
C ILE B 322 17.08 -28.90 12.99
N LEU B 323 18.32 -29.31 12.76
CA LEU B 323 19.36 -28.33 12.47
C LEU B 323 19.13 -27.62 11.12
N ARG B 324 18.51 -28.32 10.17
CA ARG B 324 18.16 -27.70 8.88
C ARG B 324 17.11 -26.61 9.07
N ILE B 325 16.20 -26.84 10.00
CA ILE B 325 15.14 -25.90 10.29
C ILE B 325 15.71 -24.70 11.06
N LEU B 326 16.64 -24.97 11.96
CA LEU B 326 17.34 -23.87 12.64
C LEU B 326 18.01 -22.94 11.63
N ASP B 327 18.69 -23.52 10.66
CA ASP B 327 19.40 -22.77 9.63
C ASP B 327 18.38 -21.93 8.87
N ALA B 328 17.33 -22.59 8.42
CA ALA B 328 16.23 -21.90 7.74
C ALA B 328 15.69 -20.75 8.59
N GLY B 329 15.35 -21.05 9.84
CA GLY B 329 14.90 -20.04 10.79
C GLY B 329 15.79 -18.84 10.98
N LEU B 330 17.09 -19.07 11.17
CA LEU B 330 18.00 -17.96 11.39
C LEU B 330 18.06 -17.02 10.19
N HIS B 331 17.91 -17.58 8.98
CA HIS B 331 17.96 -16.78 7.75
C HIS B 331 16.69 -15.95 7.56
N ILE B 332 15.54 -16.62 7.64
CA ILE B 332 14.26 -16.01 7.32
C ILE B 332 13.88 -14.95 8.37
N CYS B 333 14.28 -15.18 9.61
CA CYS B 333 13.96 -14.27 10.70
C CYS B 333 15.04 -13.22 10.96
N HIS B 334 16.03 -13.13 10.07
CA HIS B 334 17.11 -12.16 10.19
C HIS B 334 17.83 -12.25 11.54
N MET B 335 18.25 -13.46 11.88
CA MET B 335 18.91 -13.73 13.15
C MET B 335 20.28 -14.34 12.86
N LEU B 336 21.05 -13.68 11.99
CA LEU B 336 22.38 -14.15 11.64
C LEU B 336 23.47 -13.24 12.21
N GLY B 337 23.10 -12.44 13.21
CA GLY B 337 24.07 -11.60 13.90
C GLY B 337 25.03 -12.45 14.72
N TYR B 338 26.20 -11.91 15.00
CA TYR B 338 27.23 -12.60 15.77
C TYR B 338 26.68 -13.13 17.08
N ASP B 339 25.99 -12.28 17.82
CA ASP B 339 25.40 -12.71 19.09
C ASP B 339 24.36 -13.81 18.93
N ASP B 340 23.49 -13.67 17.92
CA ASP B 340 22.44 -14.69 17.66
C ASP B 340 23.06 -16.06 17.44
N LEU B 341 24.10 -16.10 16.63
CA LEU B 341 24.79 -17.34 16.30
C LEU B 341 25.45 -18.01 17.50
N GLN B 342 26.01 -17.21 18.41
CA GLN B 342 26.67 -17.72 19.61
C GLN B 342 25.73 -18.48 20.55
N ARG B 343 24.43 -18.22 20.42
CA ARG B 343 23.41 -18.84 21.29
C ARG B 343 22.26 -19.52 20.53
N CYS B 344 22.43 -19.74 19.22
CA CYS B 344 21.33 -20.14 18.36
C CYS B 344 20.78 -21.53 18.68
N LEU B 345 21.55 -22.35 19.39
CA LEU B 345 21.05 -23.67 19.78
C LEU B 345 19.92 -23.56 20.81
N ASP B 346 19.71 -22.39 21.40
CA ASP B 346 18.62 -22.18 22.36
C ASP B 346 17.27 -22.56 21.74
N PHE B 347 17.16 -22.30 20.45
CA PHE B 347 15.89 -22.36 19.73
C PHE B 347 15.46 -23.76 19.34
N VAL B 348 16.37 -24.73 19.50
CA VAL B 348 15.99 -26.12 19.25
C VAL B 348 16.35 -27.03 20.44
N THR B 349 16.82 -26.44 21.53
CA THR B 349 17.04 -27.20 22.76
C THR B 349 16.24 -26.60 23.93
N ASP B 350 16.90 -25.75 24.72
CA ASP B 350 16.32 -25.15 25.92
C ASP B 350 14.92 -24.50 25.76
N ASN B 351 14.74 -23.69 24.71
CA ASN B 351 13.51 -22.93 24.56
C ASN B 351 12.34 -23.84 24.27
N SER B 352 12.58 -24.86 23.45
CA SER B 352 11.62 -25.91 23.13
C SER B 352 11.19 -26.69 24.36
N ALA B 353 12.18 -27.12 25.14
CA ALA B 353 11.94 -27.86 26.38
C ALA B 353 11.04 -27.09 27.33
N ARG B 354 11.21 -25.77 27.36
CA ARG B 354 10.41 -24.90 28.23
C ARG B 354 8.97 -24.86 27.74
N ALA B 355 8.79 -24.81 26.42
CA ALA B 355 7.45 -24.84 25.82
C ALA B 355 6.72 -26.14 26.17
N LEU B 356 7.49 -27.22 26.33
CA LEU B 356 6.96 -28.54 26.65
C LEU B 356 6.94 -28.81 28.17
N CYS B 357 7.31 -27.81 28.97
CA CYS B 357 7.24 -27.90 30.42
C CYS B 357 8.03 -29.10 30.96
N LEU B 358 9.17 -29.39 30.33
CA LEU B 358 10.01 -30.52 30.73
C LEU B 358 10.68 -30.36 32.10
N GLY B 359 10.91 -29.11 32.50
CA GLY B 359 11.48 -28.84 33.82
C GLY B 359 12.76 -29.59 34.11
N ASP B 360 12.79 -30.28 35.25
CA ASP B 360 14.02 -30.94 35.72
C ASP B 360 14.24 -32.31 35.07
N ASN B 361 13.37 -32.66 34.14
CA ASN B 361 13.63 -33.84 33.30
C ASN B 361 14.41 -33.46 32.02
N TYR B 362 14.92 -32.23 31.97
CA TYR B 362 15.73 -31.78 30.84
C TYR B 362 16.89 -30.87 31.27
N GLY B 363 17.99 -30.93 30.55
CA GLY B 363 19.14 -30.07 30.83
C GLY B 363 20.32 -30.80 31.45
N LEU B 364 21.52 -30.37 31.08
CA LEU B 364 22.74 -30.95 31.61
C LEU B 364 23.04 -30.37 32.99
N ALA B 365 22.49 -30.99 34.01
CA ALA B 365 22.73 -30.57 35.38
C ALA B 365 22.72 -31.81 36.26
N GLU B 366 23.56 -31.78 37.30
CA GLU B 366 23.67 -32.90 38.23
C GLU B 366 22.30 -33.22 38.83
N GLY B 367 21.91 -34.49 38.79
CA GLY B 367 20.64 -34.93 39.33
C GLY B 367 19.58 -35.20 38.29
N ARG B 368 19.73 -34.61 37.11
CA ARG B 368 18.73 -34.74 36.06
C ARG B 368 18.97 -35.99 35.23
N PRO B 369 17.98 -36.41 34.39
CA PRO B 369 18.16 -37.62 33.60
C PRO B 369 19.40 -37.61 32.71
N ALA B 370 20.03 -38.78 32.56
CA ALA B 370 21.18 -38.89 31.68
C ALA B 370 20.75 -38.98 30.20
N ASN B 371 20.23 -37.87 29.68
CA ASN B 371 19.83 -37.77 28.28
C ASN B 371 20.66 -36.66 27.63
N LEU B 372 21.45 -37.01 26.63
CA LEU B 372 22.37 -36.03 26.04
C LEU B 372 22.92 -36.47 24.71
N LEU B 373 23.50 -35.50 23.99
CA LEU B 373 24.13 -35.75 22.71
C LEU B 373 25.54 -35.23 22.71
N ILE B 374 26.38 -35.88 21.91
CA ILE B 374 27.66 -35.32 21.53
C ILE B 374 27.56 -34.97 20.05
N LEU B 375 27.63 -33.67 19.75
CA LEU B 375 27.61 -33.16 18.37
C LEU B 375 29.01 -33.04 17.77
N ASP B 376 29.09 -33.12 16.46
CA ASP B 376 30.38 -32.96 15.79
C ASP B 376 30.73 -31.49 15.58
N ALA B 377 30.79 -30.74 16.67
CA ALA B 377 31.15 -29.33 16.62
C ALA B 377 31.53 -28.88 18.02
N GLU B 378 32.17 -27.72 18.11
CA GLU B 378 32.64 -27.22 19.40
C GLU B 378 31.75 -26.15 20.04
N ASN B 379 30.89 -25.54 19.22
CA ASN B 379 30.02 -24.45 19.67
C ASN B 379 28.75 -24.28 18.82
N ASP B 380 27.86 -23.39 19.26
CA ASP B 380 26.59 -23.15 18.54
C ASP B 380 26.84 -22.77 17.08
N TYR B 381 27.81 -21.90 16.87
CA TYR B 381 28.09 -21.34 15.53
C TYR B 381 28.47 -22.41 14.54
N GLU B 382 29.43 -23.24 14.93
CA GLU B 382 29.90 -24.33 14.10
C GLU B 382 28.84 -25.41 13.95
N ALA B 383 28.06 -25.64 15.00
CA ALA B 383 26.96 -26.60 14.93
C ALA B 383 26.05 -26.30 13.77
N VAL B 384 25.65 -25.03 13.64
CA VAL B 384 24.70 -24.64 12.60
C VAL B 384 25.38 -24.42 11.23
N ARG B 385 26.57 -23.84 11.24
CA ARG B 385 27.33 -23.62 10.01
C ARG B 385 27.65 -24.92 9.31
N ARG B 386 28.04 -25.93 10.07
CA ARG B 386 28.46 -27.20 9.48
C ARG B 386 27.33 -28.22 9.42
N GLN B 387 26.16 -27.86 9.93
CA GLN B 387 25.05 -28.80 10.10
C GLN B 387 25.60 -30.07 10.76
N ALA B 388 26.11 -29.88 11.96
CA ALA B 388 26.93 -30.89 12.63
C ALA B 388 26.16 -32.18 12.90
N ARG B 389 26.80 -33.31 12.62
CA ARG B 389 26.14 -34.59 12.81
C ARG B 389 26.09 -34.96 14.29
N VAL B 390 25.06 -35.71 14.66
CA VAL B 390 24.95 -36.30 16.00
C VAL B 390 25.80 -37.57 16.07
N LEU B 391 26.94 -37.47 16.74
CA LEU B 391 27.88 -38.60 16.83
C LEU B 391 27.40 -39.65 17.84
N THR B 392 26.85 -39.19 18.95
CA THR B 392 26.39 -40.09 19.99
C THR B 392 25.07 -39.58 20.53
N SER B 393 24.14 -40.49 20.78
CA SER B 393 22.94 -40.12 21.49
C SER B 393 22.80 -41.04 22.68
N ILE B 394 22.57 -40.45 23.83
CA ILE B 394 22.51 -41.22 25.06
C ILE B 394 21.20 -40.94 25.75
N ARG B 395 20.53 -42.01 26.18
CA ARG B 395 19.21 -41.94 26.77
C ARG B 395 19.18 -42.86 27.98
N HIS B 396 18.77 -42.32 29.12
CA HIS B 396 18.73 -43.06 30.38
C HIS B 396 20.10 -43.66 30.71
N GLY B 397 21.17 -42.96 30.34
CA GLY B 397 22.51 -43.39 30.68
C GLY B 397 23.06 -44.42 29.71
N LYS B 398 22.29 -44.77 28.69
CA LYS B 398 22.74 -45.77 27.71
C LYS B 398 22.86 -45.19 26.30
N VAL B 399 23.92 -45.57 25.60
CA VAL B 399 24.09 -45.16 24.21
C VAL B 399 23.02 -45.78 23.33
N ILE B 400 22.24 -44.95 22.66
CA ILE B 400 21.21 -45.49 21.79
C ILE B 400 21.54 -45.29 20.32
N LEU B 401 22.56 -44.49 20.04
CA LEU B 401 22.99 -44.25 18.67
C LEU B 401 24.46 -43.86 18.67
N GLN B 402 25.23 -44.40 17.73
CA GLN B 402 26.62 -44.04 17.56
C GLN B 402 26.98 -43.84 16.09
N ARG B 403 27.49 -42.66 15.76
CA ARG B 403 28.05 -42.40 14.43
C ARG B 403 29.55 -42.23 14.53
N GLU B 404 30.27 -42.72 13.53
CA GLU B 404 31.70 -42.47 13.44
C GLU B 404 31.95 -41.13 12.76
N VAL B 405 33.00 -40.42 13.16
CA VAL B 405 33.33 -39.16 12.53
C VAL B 405 33.62 -39.39 11.05
N GLU B 406 33.11 -38.50 10.20
CA GLU B 406 33.34 -38.58 8.76
C GLU B 406 34.81 -38.35 8.46
N HIS B 407 35.39 -39.20 7.63
CA HIS B 407 36.74 -38.96 7.14
C HIS B 407 36.84 -39.02 5.61
N ILE B 408 37.03 -37.85 5.01
CA ILE B 408 37.14 -37.69 3.56
C ILE B 408 38.54 -38.02 3.09
N ARG B 409 38.64 -38.86 2.06
CA ARG B 409 39.93 -39.29 1.54
C ARG B 409 40.24 -38.61 0.22
N TYR B 410 41.49 -38.19 0.06
CA TYR B 410 41.94 -37.58 -1.17
C TYR B 410 43.01 -38.44 -1.83
N PRO B 411 42.59 -39.43 -2.62
CA PRO B 411 43.46 -40.45 -3.20
C PRO B 411 44.47 -39.87 -4.18
N ALA B 412 44.04 -38.91 -5.00
CA ALA B 412 44.93 -38.30 -5.99
C ALA B 412 45.92 -37.36 -5.32
N MET C 1 -32.93 20.36 -49.77
CA MET C 1 -33.50 19.43 -48.80
C MET C 1 -33.68 20.09 -47.44
N LYS C 2 -34.93 20.18 -47.01
CA LYS C 2 -35.28 20.83 -45.75
C LYS C 2 -35.50 19.79 -44.64
N ILE C 3 -35.04 20.10 -43.43
CA ILE C 3 -35.33 19.27 -42.27
C ILE C 3 -36.01 20.12 -41.23
N ILE C 4 -37.26 19.81 -40.91
CA ILE C 4 -38.00 20.63 -39.98
C ILE C 4 -38.30 19.92 -38.66
N ASN C 5 -38.79 20.68 -37.70
CA ASN C 5 -39.08 20.17 -36.36
C ASN C 5 -37.90 19.49 -35.67
N ALA C 6 -36.69 20.01 -35.85
CA ALA C 6 -35.49 19.38 -35.26
C ALA C 6 -35.04 20.05 -33.98
N ARG C 7 -34.71 19.23 -32.99
CA ARG C 7 -34.07 19.72 -31.78
C ARG C 7 -32.58 19.89 -32.05
N LEU C 8 -31.94 20.81 -31.33
CA LEU C 8 -30.48 20.86 -31.30
C LEU C 8 -30.02 20.63 -29.86
N ARG C 9 -28.77 20.18 -29.67
CA ARG C 9 -28.28 19.84 -28.33
C ARG C 9 -28.35 21.02 -27.36
N ARG C 10 -28.93 20.78 -26.19
CA ARG C 10 -28.91 21.74 -25.09
C ARG C 10 -29.67 23.03 -25.41
N GLN C 11 -30.60 22.94 -26.37
CA GLN C 11 -31.52 24.02 -26.69
C GLN C 11 -32.96 23.49 -26.65
N GLU C 12 -33.91 24.36 -26.34
CA GLU C 12 -35.32 23.94 -26.21
C GLU C 12 -36.16 24.15 -27.48
N ALA C 13 -35.74 25.11 -28.30
CA ALA C 13 -36.48 25.47 -29.52
C ALA C 13 -36.40 24.39 -30.59
N LEU C 14 -37.36 24.42 -31.50
CA LEU C 14 -37.31 23.57 -32.69
C LEU C 14 -36.63 24.34 -33.79
N PHE C 15 -36.01 23.63 -34.74
CA PHE C 15 -35.22 24.27 -35.78
C PHE C 15 -35.50 23.68 -37.15
N THR C 16 -35.33 24.50 -38.19
CA THR C 16 -35.37 24.03 -39.57
C THR C 16 -33.98 24.11 -40.17
N LEU C 17 -33.55 23.03 -40.81
CA LEU C 17 -32.25 23.00 -41.46
C LEU C 17 -32.42 22.94 -42.97
N ASP C 18 -32.09 24.03 -43.65
CA ASP C 18 -32.13 24.09 -45.10
C ASP C 18 -30.76 23.67 -45.65
N LEU C 19 -30.74 22.54 -46.35
CA LEU C 19 -29.50 21.99 -46.88
C LEU C 19 -29.49 22.07 -48.40
N GLN C 20 -28.48 22.71 -48.95
CA GLN C 20 -28.41 22.90 -50.40
C GLN C 20 -26.98 22.71 -50.91
N ASP C 21 -26.83 21.88 -51.94
CA ASP C 21 -25.54 21.67 -52.60
C ASP C 21 -24.42 21.23 -51.66
N GLY C 22 -24.71 20.24 -50.82
CA GLY C 22 -23.71 19.63 -49.96
C GLY C 22 -23.34 20.41 -48.71
N ILE C 23 -23.93 21.58 -48.52
CA ILE C 23 -23.64 22.37 -47.33
C ILE C 23 -24.88 22.86 -46.60
N ILE C 24 -24.68 23.40 -45.40
CA ILE C 24 -25.77 23.88 -44.58
C ILE C 24 -26.05 25.34 -44.90
N HIS C 25 -27.15 25.56 -45.63
CA HIS C 25 -27.49 26.89 -46.12
C HIS C 25 -28.01 27.79 -45.01
N ARG C 26 -28.86 27.24 -44.15
CA ARG C 26 -29.57 28.06 -43.20
C ARG C 26 -30.06 27.23 -42.04
N ILE C 27 -29.91 27.77 -40.83
CA ILE C 27 -30.50 27.19 -39.64
C ILE C 27 -31.40 28.22 -38.97
N THR C 28 -32.69 27.90 -38.85
CA THR C 28 -33.68 28.84 -38.36
C THR C 28 -34.60 28.22 -37.31
N ALA C 29 -34.80 28.92 -36.20
CA ALA C 29 -35.70 28.46 -35.17
C ALA C 29 -37.16 28.66 -35.58
N GLN C 30 -38.00 27.68 -35.24
CA GLN C 30 -39.42 27.75 -35.54
C GLN C 30 -40.15 28.24 -34.30
N ALA C 31 -41.30 28.87 -34.50
CA ALA C 31 -42.10 29.33 -33.37
C ALA C 31 -42.80 28.14 -32.73
N ALA C 32 -43.08 27.12 -33.54
CA ALA C 32 -43.73 25.92 -33.05
C ALA C 32 -43.49 24.75 -33.99
N MET C 33 -44.02 23.58 -33.61
CA MET C 33 -44.01 22.39 -34.46
C MET C 33 -44.69 22.75 -35.78
N GLN C 34 -44.26 22.13 -36.87
CA GLN C 34 -44.75 22.52 -38.20
C GLN C 34 -45.13 21.32 -39.07
N THR C 35 -45.90 21.59 -40.13
CA THR C 35 -46.26 20.58 -41.11
C THR C 35 -45.22 20.54 -42.23
N ALA C 36 -44.83 19.34 -42.63
CA ALA C 36 -43.73 19.19 -43.57
C ALA C 36 -44.22 19.12 -45.01
N ASP C 37 -43.72 20.02 -45.84
CA ASP C 37 -44.10 20.05 -47.25
C ASP C 37 -43.54 18.84 -47.98
N ALA C 38 -43.81 18.76 -49.27
CA ALA C 38 -43.24 17.70 -50.10
C ALA C 38 -41.72 17.73 -50.03
N GLY C 39 -41.10 16.56 -49.95
CA GLY C 39 -39.65 16.47 -49.97
C GLY C 39 -38.93 16.92 -48.71
N ALA C 40 -39.65 17.53 -47.77
CA ALA C 40 -39.04 17.95 -46.51
C ALA C 40 -39.02 16.82 -45.49
N ILE C 41 -37.87 16.59 -44.88
CA ILE C 41 -37.74 15.60 -43.82
C ILE C 41 -38.28 16.15 -42.50
N ASP C 42 -39.22 15.43 -41.89
CA ASP C 42 -39.81 15.83 -40.63
C ASP C 42 -39.13 15.14 -39.45
N ALA C 43 -38.33 15.88 -38.69
CA ALA C 43 -37.60 15.34 -37.55
C ALA C 43 -38.50 14.94 -36.39
N GLN C 44 -39.75 15.40 -36.43
CA GLN C 44 -40.75 15.12 -35.38
C GLN C 44 -40.20 15.33 -33.98
N GLY C 45 -39.55 16.46 -33.76
CA GLY C 45 -39.06 16.83 -32.44
C GLY C 45 -37.85 16.04 -32.00
N ARG C 46 -37.21 15.32 -32.91
CA ARG C 46 -35.99 14.61 -32.54
C ARG C 46 -34.72 15.43 -32.73
N LEU C 47 -33.61 14.90 -32.20
CA LEU C 47 -32.33 15.58 -32.18
C LEU C 47 -31.59 15.52 -33.52
N ALA C 48 -31.10 16.67 -33.98
CA ALA C 48 -30.14 16.72 -35.07
C ALA C 48 -28.73 17.03 -34.53
N ILE C 49 -27.76 16.18 -34.85
CA ILE C 49 -26.36 16.38 -34.43
C ILE C 49 -25.42 16.15 -35.60
N PRO C 50 -24.18 16.68 -35.52
CA PRO C 50 -23.20 16.32 -36.54
C PRO C 50 -22.90 14.82 -36.42
N PRO C 51 -22.12 14.24 -37.34
CA PRO C 51 -21.97 12.78 -37.27
C PRO C 51 -21.13 12.34 -36.06
N PHE C 52 -21.36 11.10 -35.62
CA PHE C 52 -20.50 10.48 -34.61
C PHE C 52 -19.11 10.30 -35.20
N VAL C 53 -18.12 10.39 -34.34
CA VAL C 53 -16.73 10.24 -34.75
C VAL C 53 -16.18 8.98 -34.08
N GLU C 54 -15.40 8.23 -34.84
CA GLU C 54 -14.61 7.16 -34.28
C GLU C 54 -13.15 7.55 -34.41
N PRO C 55 -12.58 8.17 -33.35
CA PRO C 55 -11.25 8.78 -33.47
C PRO C 55 -10.11 7.82 -33.18
N HIS C 56 -10.41 6.56 -32.84
CA HIS C 56 -9.35 5.60 -32.57
C HIS C 56 -9.85 4.17 -32.74
N ILE C 57 -9.40 3.51 -33.81
CA ILE C 57 -9.77 2.12 -34.10
C ILE C 57 -8.67 1.47 -34.94
N HIS C 58 -8.61 0.13 -34.92
CA HIS C 58 -7.65 -0.59 -35.76
C HIS C 58 -8.31 -1.39 -36.90
N LEU C 59 -8.53 -0.74 -38.03
CA LEU C 59 -9.19 -1.41 -39.16
C LEU C 59 -8.35 -2.53 -39.78
N ASP C 60 -7.03 -2.49 -39.59
CA ASP C 60 -6.19 -3.57 -40.14
C ASP C 60 -6.30 -4.88 -39.37
N ALA C 61 -6.65 -4.81 -38.08
CA ALA C 61 -6.82 -6.02 -37.26
C ALA C 61 -8.29 -6.43 -37.05
N THR C 62 -9.23 -5.60 -37.48
CA THR C 62 -10.64 -5.88 -37.19
C THR C 62 -11.13 -7.20 -37.78
N LEU C 63 -11.97 -7.90 -37.03
CA LEU C 63 -12.56 -9.17 -37.45
C LEU C 63 -11.56 -10.31 -37.67
N THR C 64 -10.54 -10.36 -36.82
CA THR C 64 -9.56 -11.46 -36.85
C THR C 64 -9.44 -12.22 -35.52
N ALA C 65 -10.30 -11.90 -34.55
CA ALA C 65 -10.21 -12.52 -33.23
C ALA C 65 -10.26 -14.04 -33.28
N GLY C 66 -9.30 -14.67 -32.58
CA GLY C 66 -9.19 -16.11 -32.51
C GLY C 66 -8.41 -16.73 -33.66
N GLU C 67 -7.96 -15.88 -34.57
CA GLU C 67 -7.14 -16.31 -35.70
C GLU C 67 -5.67 -15.99 -35.45
N PRO C 68 -4.82 -17.03 -35.31
CA PRO C 68 -5.16 -18.45 -35.34
C PRO C 68 -5.39 -18.98 -33.92
N GLU C 69 -5.29 -18.09 -32.94
CA GLU C 69 -5.45 -18.41 -31.52
C GLU C 69 -6.14 -17.28 -30.81
N TRP C 70 -6.71 -17.59 -29.65
CA TRP C 70 -7.37 -16.58 -28.84
C TRP C 70 -6.39 -15.97 -27.87
N ASN C 71 -6.63 -14.70 -27.56
CA ASN C 71 -5.96 -14.01 -26.47
C ASN C 71 -6.53 -14.53 -25.16
N ARG C 72 -5.94 -15.60 -24.63
CA ARG C 72 -6.45 -16.22 -23.42
C ARG C 72 -6.32 -15.35 -22.17
N SER C 73 -5.16 -14.73 -21.96
CA SER C 73 -4.96 -13.89 -20.77
C SER C 73 -5.74 -12.59 -20.78
N GLY C 74 -6.34 -12.25 -21.92
CA GLY C 74 -6.94 -10.93 -22.12
C GLY C 74 -6.07 -9.71 -21.81
N THR C 75 -4.78 -9.78 -22.13
CA THR C 75 -3.83 -8.66 -21.87
C THR C 75 -3.36 -7.99 -23.18
N LEU C 76 -2.92 -6.74 -23.08
CA LEU C 76 -2.33 -6.04 -24.22
C LEU C 76 -1.26 -6.88 -24.90
N PHE C 77 -0.34 -7.41 -24.10
CA PHE C 77 0.85 -8.09 -24.63
C PHE C 77 0.58 -9.40 -25.36
N GLU C 78 -0.30 -10.23 -24.84
CA GLU C 78 -0.66 -11.44 -25.58
C GLU C 78 -1.46 -11.04 -26.82
N GLY C 79 -2.17 -9.93 -26.74
CA GLY C 79 -2.84 -9.40 -27.91
C GLY C 79 -1.83 -9.14 -29.03
N ILE C 80 -0.70 -8.53 -28.68
CA ILE C 80 0.36 -8.27 -29.65
C ILE C 80 0.97 -9.55 -30.19
N THR C 81 1.17 -10.53 -29.31
CA THR C 81 1.66 -11.85 -29.73
C THR C 81 0.70 -12.49 -30.73
N ARG C 82 -0.58 -12.45 -30.40
CA ARG C 82 -1.60 -13.05 -31.27
C ARG C 82 -1.63 -12.32 -32.61
N TRP C 83 -1.50 -10.99 -32.56
CA TRP C 83 -1.49 -10.21 -33.79
C TRP C 83 -0.30 -10.52 -34.69
N SER C 84 0.88 -10.72 -34.09
CA SER C 84 2.06 -11.08 -34.87
C SER C 84 1.85 -12.40 -35.63
N GLN C 85 1.21 -13.37 -34.98
CA GLN C 85 0.87 -14.63 -35.65
C GLN C 85 -0.03 -14.35 -36.85
N ARG C 86 -1.08 -13.58 -36.61
CA ARG C 86 -2.08 -13.34 -37.65
C ARG C 86 -1.52 -12.51 -38.78
N LYS C 87 -0.59 -11.61 -38.43
CA LYS C 87 0.02 -10.69 -39.39
C LYS C 87 0.77 -11.45 -40.49
N ALA C 88 1.10 -12.70 -40.22
CA ALA C 88 1.87 -13.52 -41.16
C ALA C 88 1.06 -13.94 -42.38
N SER C 89 -0.25 -13.80 -42.30
CA SER C 89 -1.14 -14.17 -43.41
C SER C 89 -2.01 -13.00 -43.88
N ILE C 90 -1.60 -11.78 -43.54
CA ILE C 90 -2.32 -10.60 -44.00
C ILE C 90 -2.18 -10.44 -45.51
N THR C 91 -3.31 -10.30 -46.20
CA THR C 91 -3.29 -9.93 -47.61
C THR C 91 -3.95 -8.57 -47.79
N PRO C 92 -3.58 -7.84 -48.85
CA PRO C 92 -4.23 -6.56 -49.17
C PRO C 92 -5.75 -6.72 -49.32
N GLU C 93 -6.18 -7.78 -49.98
CA GLU C 93 -7.60 -7.98 -50.25
C GLU C 93 -8.39 -8.45 -49.03
N ASP C 94 -7.78 -9.30 -48.21
CA ASP C 94 -8.41 -9.71 -46.96
C ASP C 94 -8.53 -8.50 -46.04
N THR C 95 -7.49 -7.68 -46.02
CA THR C 95 -7.50 -6.45 -45.24
C THR C 95 -8.61 -5.51 -45.71
N ARG C 96 -8.71 -5.34 -47.03
CA ARG C 96 -9.74 -4.50 -47.61
C ARG C 96 -11.15 -4.96 -47.24
N GLN C 97 -11.39 -6.26 -47.40
CA GLN C 97 -12.69 -6.83 -47.11
C GLN C 97 -13.09 -6.64 -45.66
N ARG C 98 -12.15 -6.92 -44.75
CA ARG C 98 -12.43 -6.79 -43.32
C ARG C 98 -12.66 -5.33 -42.93
N ALA C 99 -11.84 -4.44 -43.47
CA ALA C 99 -11.94 -3.02 -43.16
C ALA C 99 -13.25 -2.43 -43.69
N LEU C 100 -13.69 -2.90 -44.85
CA LEU C 100 -14.96 -2.44 -45.42
C LEU C 100 -16.17 -2.87 -44.60
N LYS C 101 -16.13 -4.12 -44.14
CA LYS C 101 -17.20 -4.66 -43.33
C LYS C 101 -17.37 -3.90 -42.00
N THR C 102 -16.27 -3.58 -41.35
CA THR C 102 -16.34 -2.80 -40.11
C THR C 102 -16.77 -1.34 -40.36
N ILE C 103 -16.29 -0.74 -41.45
CA ILE C 103 -16.75 0.58 -41.84
C ILE C 103 -18.28 0.54 -42.05
N GLY C 104 -18.77 -0.56 -42.60
CA GLY C 104 -20.21 -0.76 -42.73
C GLY C 104 -20.94 -0.59 -41.40
N MET C 105 -20.40 -1.23 -40.36
CA MET C 105 -20.93 -1.15 -38.99
C MET C 105 -20.88 0.27 -38.44
N LEU C 106 -19.74 0.94 -38.59
CA LEU C 106 -19.60 2.32 -38.14
C LEU C 106 -20.62 3.22 -38.83
N ARG C 107 -20.75 3.03 -40.14
CA ARG C 107 -21.73 3.75 -40.94
C ARG C 107 -23.12 3.49 -40.39
N ASP C 108 -23.44 2.21 -40.13
CA ASP C 108 -24.75 1.83 -39.62
C ASP C 108 -25.09 2.55 -38.33
N PHE C 109 -24.06 2.90 -37.56
CA PHE C 109 -24.27 3.58 -36.28
C PHE C 109 -23.96 5.07 -36.29
N GLY C 110 -23.96 5.69 -37.49
CA GLY C 110 -23.90 7.14 -37.59
C GLY C 110 -22.52 7.77 -37.66
N VAL C 111 -21.48 6.95 -37.75
CA VAL C 111 -20.11 7.49 -37.82
C VAL C 111 -19.72 7.88 -39.25
N GLN C 112 -19.30 9.14 -39.45
CA GLN C 112 -18.78 9.58 -40.76
C GLN C 112 -17.30 10.01 -40.77
N HIS C 113 -16.65 9.96 -39.60
CA HIS C 113 -15.25 10.34 -39.45
C HIS C 113 -14.52 9.27 -38.67
N VAL C 114 -13.48 8.72 -39.26
CA VAL C 114 -12.78 7.59 -38.66
C VAL C 114 -11.27 7.80 -38.72
N ARG C 115 -10.60 7.60 -37.59
CA ARG C 115 -9.14 7.57 -37.60
C ARG C 115 -8.67 6.16 -37.27
N THR C 116 -8.07 5.50 -38.25
CA THR C 116 -7.58 4.15 -38.04
C THR C 116 -6.06 4.14 -37.85
N HIS C 117 -5.61 3.25 -36.98
CA HIS C 117 -4.20 2.98 -36.82
C HIS C 117 -3.90 1.76 -37.68
N VAL C 118 -2.71 1.73 -38.27
CA VAL C 118 -2.31 0.62 -39.12
C VAL C 118 -0.91 0.19 -38.72
N ASP C 119 -0.74 -1.08 -38.43
CA ASP C 119 0.59 -1.57 -38.04
C ASP C 119 1.49 -1.47 -39.26
N VAL C 120 2.56 -0.69 -39.13
CA VAL C 120 3.55 -0.55 -40.20
C VAL C 120 4.88 -1.24 -39.86
N THR C 121 4.97 -1.87 -38.69
CA THR C 121 6.08 -2.79 -38.45
C THR C 121 5.79 -4.06 -39.22
N ASP C 122 5.89 -3.93 -40.54
CA ASP C 122 5.67 -4.97 -41.52
C ASP C 122 6.33 -4.49 -42.81
N PRO C 123 7.39 -5.17 -43.25
CA PRO C 123 8.22 -4.71 -44.38
C PRO C 123 7.41 -4.56 -45.67
N SER C 124 6.37 -5.37 -45.82
CA SER C 124 5.49 -5.31 -46.98
C SER C 124 4.66 -4.04 -47.00
N LEU C 125 4.27 -3.57 -45.82
CA LEU C 125 3.34 -2.46 -45.66
C LEU C 125 2.03 -2.74 -46.43
N ALA C 126 1.66 -4.01 -46.49
CA ALA C 126 0.51 -4.44 -47.28
C ALA C 126 -0.78 -3.87 -46.74
N ALA C 127 -0.96 -3.93 -45.41
CA ALA C 127 -2.17 -3.40 -44.80
C ALA C 127 -2.24 -1.89 -44.98
N LEU C 128 -1.10 -1.21 -44.88
CA LEU C 128 -1.09 0.23 -45.15
C LEU C 128 -1.58 0.52 -46.56
N GLN C 129 -0.99 -0.17 -47.54
CA GLN C 129 -1.39 0.00 -48.93
C GLN C 129 -2.89 -0.15 -49.13
N ALA C 130 -3.48 -1.16 -48.49
CA ALA C 130 -4.90 -1.44 -48.68
C ALA C 130 -5.80 -0.37 -48.08
N LEU C 131 -5.46 0.10 -46.88
CA LEU C 131 -6.25 1.14 -46.24
C LEU C 131 -6.09 2.50 -46.92
N LEU C 132 -4.91 2.77 -47.48
CA LEU C 132 -4.71 3.97 -48.29
C LEU C 132 -5.71 3.96 -49.44
N ALA C 133 -5.92 2.79 -50.03
CA ALA C 133 -6.92 2.61 -51.09
C ALA C 133 -8.35 2.71 -50.54
N VAL C 134 -8.60 2.08 -49.40
CA VAL C 134 -9.90 2.13 -48.75
C VAL C 134 -10.38 3.56 -48.48
N LYS C 135 -9.46 4.40 -48.01
CA LYS C 135 -9.73 5.83 -47.82
C LYS C 135 -10.51 6.43 -48.98
N GLN C 136 -10.12 6.12 -50.21
CA GLN C 136 -10.81 6.63 -51.39
C GLN C 136 -12.13 5.91 -51.67
N GLU C 137 -12.10 4.59 -51.62
CA GLU C 137 -13.26 3.79 -52.01
C GLU C 137 -14.47 4.03 -51.09
N ALA C 138 -14.19 4.34 -49.83
CA ALA C 138 -15.24 4.48 -48.82
C ALA C 138 -15.56 5.95 -48.56
N ALA C 139 -14.96 6.83 -49.35
CA ALA C 139 -15.14 8.28 -49.18
C ALA C 139 -16.61 8.72 -49.24
N ASP C 140 -17.45 7.89 -49.87
CA ASP C 140 -18.87 8.17 -49.97
C ASP C 140 -19.57 7.91 -48.63
N LEU C 141 -18.85 7.28 -47.70
CA LEU C 141 -19.42 6.94 -46.41
C LEU C 141 -18.72 7.67 -45.27
N ILE C 142 -17.39 7.70 -45.32
CA ILE C 142 -16.61 8.27 -44.23
C ILE C 142 -15.41 9.09 -44.72
N ASP C 143 -14.93 9.96 -43.85
CA ASP C 143 -13.64 10.61 -44.04
C ASP C 143 -12.65 9.89 -43.15
N LEU C 144 -11.68 9.21 -43.76
CA LEU C 144 -10.75 8.36 -43.03
C LEU C 144 -9.37 8.99 -42.88
N GLN C 145 -8.90 9.05 -41.64
CA GLN C 145 -7.49 9.33 -41.37
C GLN C 145 -6.77 8.03 -41.06
N ILE C 146 -5.48 7.98 -41.35
CA ILE C 146 -4.69 6.77 -41.21
C ILE C 146 -3.41 7.10 -40.44
N VAL C 147 -3.17 6.37 -39.36
CA VAL C 147 -2.02 6.58 -38.48
C VAL C 147 -0.96 5.51 -38.73
N ALA C 148 0.26 5.89 -39.10
CA ALA C 148 1.33 4.90 -39.16
C ALA C 148 1.69 4.45 -37.74
N PHE C 149 1.35 3.20 -37.42
CA PHE C 149 1.41 2.71 -36.04
C PHE C 149 2.44 1.59 -35.91
N PRO C 150 3.58 1.87 -35.24
CA PRO C 150 4.64 0.87 -35.16
C PRO C 150 4.34 -0.07 -34.00
N GLN C 151 3.51 -1.08 -34.24
CA GLN C 151 3.00 -1.95 -33.18
C GLN C 151 4.11 -2.62 -32.38
N GLU C 152 5.18 -3.02 -33.05
CA GLU C 152 6.22 -3.75 -32.35
C GLU C 152 7.42 -2.86 -32.00
N GLY C 153 7.17 -1.55 -31.98
CA GLY C 153 8.17 -0.58 -31.54
C GLY C 153 8.98 0.05 -32.66
N ILE C 154 9.36 1.32 -32.47
CA ILE C 154 10.16 2.03 -33.46
C ILE C 154 11.63 1.64 -33.33
N GLU C 155 12.11 1.53 -32.09
CA GLU C 155 13.56 1.44 -31.82
C GLU C 155 14.16 0.03 -31.79
N SER C 156 13.33 -0.98 -31.57
CA SER C 156 13.83 -2.36 -31.45
C SER C 156 13.53 -3.19 -32.68
N TYR C 157 12.37 -2.95 -33.29
CA TYR C 157 11.97 -3.67 -34.50
C TYR C 157 12.89 -3.28 -35.66
N PRO C 158 13.41 -4.28 -36.40
CA PRO C 158 14.34 -4.06 -37.52
C PRO C 158 13.83 -3.00 -38.51
N ASN C 159 14.66 -1.98 -38.78
CA ASN C 159 14.29 -0.90 -39.70
C ASN C 159 13.04 -0.15 -39.27
N GLY C 160 12.79 -0.10 -37.97
CA GLY C 160 11.63 0.55 -37.42
C GLY C 160 11.44 1.97 -37.90
N ARG C 161 12.48 2.79 -37.75
CA ARG C 161 12.44 4.19 -38.19
C ARG C 161 12.23 4.32 -39.70
N GLU C 162 12.82 3.43 -40.47
CA GLU C 162 12.75 3.50 -41.92
C GLU C 162 11.33 3.18 -42.42
N LEU C 163 10.67 2.25 -41.74
CA LEU C 163 9.29 1.89 -42.09
C LEU C 163 8.30 3.00 -41.73
N MET C 164 8.51 3.65 -40.60
CA MET C 164 7.71 4.82 -40.23
C MET C 164 7.84 5.91 -41.29
N THR C 165 9.07 6.14 -41.74
CA THR C 165 9.32 7.18 -42.74
C THR C 165 8.66 6.85 -44.07
N ARG C 166 8.81 5.60 -44.52
CA ARG C 166 8.19 5.19 -45.78
C ARG C 166 6.67 5.28 -45.67
N ALA C 167 6.12 4.79 -44.56
CA ALA C 167 4.68 4.79 -44.34
C ALA C 167 4.11 6.21 -44.42
N ILE C 168 4.87 7.17 -43.89
CA ILE C 168 4.51 8.58 -43.98
C ILE C 168 4.61 9.08 -45.44
N GLU C 169 5.68 8.68 -46.11
CA GLU C 169 5.87 9.13 -47.49
C GLU C 169 4.76 8.61 -48.42
N MET C 170 4.21 7.45 -48.08
CA MET C 170 3.19 6.80 -48.91
C MET C 170 1.81 7.43 -48.79
N GLY C 171 1.59 8.22 -47.75
CA GLY C 171 0.31 8.87 -47.60
C GLY C 171 -0.30 8.90 -46.21
N ALA C 172 0.22 8.11 -45.28
CA ALA C 172 -0.31 8.13 -43.91
C ALA C 172 -0.30 9.56 -43.40
N ASP C 173 -1.45 10.08 -42.99
CA ASP C 173 -1.51 11.48 -42.59
C ASP C 173 -1.27 11.71 -41.09
N VAL C 174 -1.09 10.63 -40.33
CA VAL C 174 -0.84 10.73 -38.89
C VAL C 174 0.32 9.84 -38.43
N VAL C 175 1.14 10.37 -37.53
CA VAL C 175 2.29 9.62 -37.00
C VAL C 175 1.93 8.98 -35.67
N GLY C 176 2.04 7.66 -35.58
CA GLY C 176 1.78 6.95 -34.33
C GLY C 176 3.05 6.64 -33.53
N GLY C 177 2.88 5.90 -32.45
CA GLY C 177 3.98 5.57 -31.55
C GLY C 177 3.50 4.66 -30.43
N ILE C 178 4.43 4.06 -29.70
CA ILE C 178 4.06 3.14 -28.61
C ILE C 178 5.20 3.06 -27.57
N PRO C 179 5.54 4.20 -26.96
CA PRO C 179 6.78 4.31 -26.18
C PRO C 179 6.90 3.33 -25.00
N HIS C 180 5.78 3.06 -24.35
CA HIS C 180 5.71 2.13 -23.23
C HIS C 180 6.00 0.70 -23.63
N TYR C 181 6.11 0.44 -24.94
CA TYR C 181 6.34 -0.92 -25.42
C TYR C 181 7.75 -1.07 -25.96
N GLU C 182 8.49 0.03 -26.04
CA GLU C 182 9.90 -0.02 -26.44
C GLU C 182 10.68 -0.77 -25.37
N ASN C 183 11.81 -1.37 -25.74
CA ASN C 183 12.48 -2.32 -24.86
C ASN C 183 13.06 -1.73 -23.59
N THR C 184 13.38 -0.45 -23.61
CA THR C 184 13.85 0.26 -22.41
C THR C 184 13.22 1.64 -22.32
N ARG C 185 13.21 2.19 -21.11
CA ARG C 185 12.69 3.56 -20.91
C ARG C 185 13.39 4.58 -21.82
N ASP C 186 14.73 4.52 -21.90
CA ASP C 186 15.50 5.46 -22.72
C ASP C 186 15.10 5.38 -24.19
N LYS C 187 14.92 4.16 -24.67
CA LYS C 187 14.39 3.96 -26.02
C LYS C 187 12.93 4.40 -26.16
N GLY C 188 12.15 4.31 -25.09
CA GLY C 188 10.82 4.90 -25.08
C GLY C 188 10.91 6.40 -25.37
N VAL C 189 11.81 7.05 -24.64
CA VAL C 189 12.02 8.48 -24.77
C VAL C 189 12.53 8.82 -26.16
N SER C 190 13.50 8.07 -26.66
CA SER C 190 14.07 8.40 -27.98
C SER C 190 13.04 8.17 -29.09
N SER C 191 12.14 7.22 -28.88
CA SER C 191 11.11 6.96 -29.91
C SER C 191 10.16 8.15 -30.06
N VAL C 192 9.87 8.83 -28.95
CA VAL C 192 8.99 9.99 -28.98
C VAL C 192 9.70 11.14 -29.68
N MET C 193 11.00 11.31 -29.41
CA MET C 193 11.77 12.36 -30.10
C MET C 193 11.81 12.14 -31.61
N PHE C 194 11.98 10.88 -32.01
CA PHE C 194 11.98 10.55 -33.43
C PHE C 194 10.60 10.78 -34.09
N LEU C 195 9.52 10.33 -33.46
CA LEU C 195 8.21 10.44 -34.11
C LEU C 195 7.78 11.90 -34.21
N MET C 196 8.16 12.70 -33.22
CA MET C 196 7.80 14.11 -33.25
C MET C 196 8.61 14.83 -34.33
N ASP C 197 9.86 14.41 -34.51
CA ASP C 197 10.71 14.92 -35.57
C ASP C 197 10.12 14.62 -36.95
N LEU C 198 9.70 13.37 -37.11
CA LEU C 198 9.07 12.91 -38.34
C LEU C 198 7.83 13.71 -38.67
N ALA C 199 6.94 13.80 -37.69
CA ALA C 199 5.68 14.51 -37.88
C ALA C 199 5.86 15.99 -38.22
N GLN C 200 6.81 16.64 -37.55
CA GLN C 200 7.07 18.06 -37.78
C GLN C 200 7.67 18.29 -39.17
N ARG C 201 8.70 17.52 -39.49
CA ARG C 201 9.33 17.58 -40.81
C ARG C 201 8.34 17.37 -41.98
N TYR C 202 7.38 16.47 -41.82
CA TYR C 202 6.41 16.22 -42.91
C TYR C 202 5.05 16.90 -42.74
N GLY C 203 4.91 17.72 -41.70
CA GLY C 203 3.66 18.41 -41.42
C GLY C 203 2.46 17.50 -41.20
N ARG C 204 2.64 16.47 -40.39
CA ARG C 204 1.56 15.50 -40.14
C ARG C 204 1.02 15.66 -38.74
N LEU C 205 -0.19 15.13 -38.51
CA LEU C 205 -0.75 15.08 -37.17
C LEU C 205 -0.07 13.94 -36.41
N VAL C 206 -0.28 13.89 -35.10
CA VAL C 206 0.35 12.88 -34.27
C VAL C 206 -0.68 12.22 -33.35
N ASP C 207 -0.66 10.89 -33.31
CA ASP C 207 -1.51 10.14 -32.38
C ASP C 207 -0.74 8.94 -31.82
N VAL C 208 -0.38 9.02 -30.55
CA VAL C 208 0.52 8.05 -29.95
C VAL C 208 -0.25 7.15 -28.95
N HIS C 209 -0.02 5.85 -29.04
CA HIS C 209 -0.46 4.96 -27.98
C HIS C 209 0.45 5.26 -26.83
N CYS C 210 -0.07 5.96 -25.83
CA CYS C 210 0.82 6.52 -24.82
C CYS C 210 0.51 5.97 -23.44
N ASP C 211 1.47 5.24 -22.87
CA ASP C 211 1.36 4.64 -21.53
C ASP C 211 0.13 3.75 -21.36
N GLU C 212 -0.11 2.87 -22.34
CA GLU C 212 -1.19 1.88 -22.24
C GLU C 212 -0.75 0.72 -21.34
N ILE C 213 -0.63 1.00 -20.05
CA ILE C 213 -0.11 0.02 -19.12
C ILE C 213 -0.41 0.51 -17.72
N ASP C 214 -0.51 -0.40 -16.75
CA ASP C 214 -0.89 -0.02 -15.39
C ASP C 214 0.27 0.45 -14.51
N ASP C 215 1.49 0.38 -15.03
CA ASP C 215 2.70 0.80 -14.28
C ASP C 215 2.71 2.32 -14.01
N PRO C 216 2.61 2.73 -12.71
CA PRO C 216 2.64 4.16 -12.36
C PRO C 216 3.89 4.90 -12.83
N GLN C 217 4.96 4.17 -13.12
CA GLN C 217 6.17 4.83 -13.67
C GLN C 217 6.21 4.94 -15.20
N SER C 218 5.15 4.51 -15.88
CA SER C 218 5.09 4.73 -17.32
C SER C 218 4.73 6.20 -17.58
N ARG C 219 5.75 7.01 -17.87
CA ARG C 219 5.61 8.48 -17.94
C ARG C 219 6.10 9.05 -19.27
N PHE C 220 5.66 8.46 -20.36
CA PHE C 220 6.03 8.95 -21.68
C PHE C 220 5.12 10.11 -22.12
N LEU C 221 3.96 10.21 -21.47
CA LEU C 221 3.05 11.32 -21.69
C LEU C 221 3.75 12.65 -21.47
N GLU C 222 4.50 12.79 -20.39
CA GLU C 222 5.19 14.06 -20.15
C GLU C 222 6.16 14.39 -21.30
N VAL C 223 6.77 13.38 -21.89
CA VAL C 223 7.74 13.63 -22.95
C VAL C 223 7.02 14.09 -24.20
N LEU C 224 5.91 13.42 -24.50
CA LEU C 224 5.10 13.74 -25.67
C LEU C 224 4.55 15.16 -25.55
N ALA C 225 3.98 15.47 -24.39
CA ALA C 225 3.37 16.77 -24.19
C ALA C 225 4.39 17.90 -24.26
N GLU C 226 5.56 17.68 -23.67
CA GLU C 226 6.60 18.69 -23.69
C GLU C 226 7.07 18.94 -25.11
N GLU C 227 7.24 17.88 -25.89
CA GLU C 227 7.62 18.07 -27.28
C GLU C 227 6.56 18.84 -28.06
N ALA C 228 5.28 18.53 -27.81
CA ALA C 228 4.22 19.27 -28.48
C ALA C 228 4.30 20.75 -28.15
N ARG C 229 4.46 21.04 -26.86
CA ARG C 229 4.51 22.42 -26.37
C ARG C 229 5.69 23.20 -26.95
N VAL C 230 6.88 22.62 -26.91
CA VAL C 230 8.07 23.28 -27.46
C VAL C 230 7.92 23.55 -28.96
N ARG C 231 7.39 22.56 -29.68
CA ARG C 231 7.31 22.66 -31.14
C ARG C 231 6.06 23.43 -31.61
N GLY C 232 5.25 23.87 -30.66
CA GLY C 232 3.99 24.54 -30.97
C GLY C 232 3.04 23.66 -31.78
N MET C 233 3.00 22.38 -31.46
CA MET C 233 2.22 21.40 -32.22
C MET C 233 0.96 20.90 -31.48
N GLY C 234 0.66 21.50 -30.33
CA GLY C 234 -0.42 21.04 -29.46
C GLY C 234 -1.69 20.57 -30.15
N ALA C 235 -2.32 21.45 -30.91
CA ALA C 235 -3.59 21.14 -31.57
C ALA C 235 -3.50 19.94 -32.51
N GLN C 236 -2.30 19.64 -32.98
CA GLN C 236 -2.11 18.53 -33.91
C GLN C 236 -1.66 17.21 -33.28
N VAL C 237 -1.59 17.16 -31.94
CA VAL C 237 -1.12 15.97 -31.23
C VAL C 237 -2.17 15.31 -30.33
N THR C 238 -2.29 13.98 -30.42
CA THR C 238 -3.21 13.28 -29.52
C THR C 238 -2.46 12.22 -28.74
N ALA C 239 -2.72 12.15 -27.43
CA ALA C 239 -2.27 11.02 -26.63
C ALA C 239 -3.41 10.03 -26.43
N SER C 240 -3.30 8.88 -27.08
CA SER C 240 -4.28 7.81 -26.89
C SER C 240 -4.01 6.98 -25.63
N HIS C 241 -5.09 6.53 -25.00
CA HIS C 241 -5.07 5.74 -23.75
C HIS C 241 -4.66 6.47 -22.48
N THR C 242 -3.36 6.74 -22.31
CA THR C 242 -2.82 7.22 -21.03
C THR C 242 -3.38 6.49 -19.81
N CYS C 243 -3.47 5.16 -19.92
CA CYS C 243 -3.99 4.33 -18.85
C CYS C 243 -3.19 4.51 -17.55
N ALA C 244 -1.88 4.69 -17.70
CA ALA C 244 -0.98 4.87 -16.55
C ALA C 244 -1.37 6.06 -15.68
N MET C 245 -1.92 7.11 -16.28
CA MET C 245 -2.37 8.26 -15.52
C MET C 245 -3.43 7.87 -14.49
N GLY C 246 -4.17 6.80 -14.77
CA GLY C 246 -5.15 6.31 -13.83
C GLY C 246 -4.51 5.73 -12.59
N SER C 247 -3.19 5.55 -12.64
CA SER C 247 -2.46 4.98 -11.52
C SER C 247 -1.35 5.90 -10.98
N TYR C 248 -1.17 7.07 -11.58
CA TYR C 248 -0.08 7.98 -11.17
C TYR C 248 -0.18 8.43 -9.73
N ASP C 249 0.98 8.66 -9.13
CA ASP C 249 1.08 9.41 -7.89
C ASP C 249 0.32 10.73 -8.07
N ASN C 250 -0.46 11.13 -7.06
CA ASN C 250 -1.33 12.29 -7.21
C ASN C 250 -0.59 13.62 -7.15
N ALA C 251 0.53 13.66 -6.44
CA ALA C 251 1.33 14.88 -6.37
C ALA C 251 1.94 15.08 -7.74
N TYR C 252 2.58 14.02 -8.27
CA TYR C 252 3.11 14.10 -9.62
C TYR C 252 2.02 14.47 -10.65
N CYS C 253 0.87 13.80 -10.61
CA CYS C 253 -0.18 14.08 -11.60
C CYS C 253 -0.67 15.55 -11.56
N SER C 254 -0.84 16.10 -10.37
CA SER C 254 -1.23 17.50 -10.25
C SER C 254 -0.21 18.41 -10.91
N LYS C 255 1.08 18.17 -10.68
CA LYS C 255 2.14 18.93 -11.33
C LYS C 255 2.09 18.75 -12.86
N LEU C 256 1.89 17.51 -13.28
CA LEU C 256 1.81 17.17 -14.70
C LEU C 256 0.69 17.90 -15.44
N PHE C 257 -0.44 18.12 -14.76
CA PHE C 257 -1.61 18.74 -15.38
C PHE C 257 -1.32 20.15 -15.88
N ARG C 258 -0.33 20.81 -15.29
CA ARG C 258 0.06 22.14 -15.73
C ARG C 258 0.64 22.09 -17.14
N LEU C 259 1.53 21.12 -17.38
CA LEU C 259 2.05 20.91 -18.73
C LEU C 259 0.97 20.42 -19.71
N LEU C 260 0.15 19.47 -19.28
CA LEU C 260 -0.87 18.93 -20.17
C LEU C 260 -1.74 20.05 -20.71
N LYS C 261 -2.22 20.92 -19.82
CA LYS C 261 -3.02 22.07 -20.23
C LYS C 261 -2.24 23.02 -21.17
N ALA C 262 -1.03 23.38 -20.76
CA ALA C 262 -0.21 24.30 -21.54
C ALA C 262 0.17 23.75 -22.92
N SER C 263 0.27 22.42 -23.03
CA SER C 263 0.74 21.79 -24.26
C SER C 263 -0.32 21.85 -25.37
N GLY C 264 -1.59 21.85 -24.97
CA GLY C 264 -2.71 21.94 -25.89
C GLY C 264 -3.08 20.63 -26.56
N ILE C 265 -2.40 19.54 -26.18
CA ILE C 265 -2.65 18.26 -26.82
C ILE C 265 -4.00 17.70 -26.45
N ASN C 266 -4.49 16.79 -27.30
CA ASN C 266 -5.76 16.09 -27.11
C ASN C 266 -5.56 14.72 -26.49
N PHE C 267 -6.65 14.18 -25.93
CA PHE C 267 -6.63 12.87 -25.26
C PHE C 267 -7.77 11.98 -25.75
N ILE C 268 -7.47 10.72 -25.99
CA ILE C 268 -8.52 9.75 -26.34
C ILE C 268 -8.53 8.62 -25.31
N SER C 269 -9.71 8.25 -24.83
CA SER C 269 -9.82 7.15 -23.88
C SER C 269 -10.70 6.06 -24.50
N CYS C 270 -10.32 4.81 -24.28
CA CYS C 270 -11.08 3.69 -24.81
C CYS C 270 -11.57 2.84 -23.64
N PRO C 271 -12.74 3.19 -23.09
CA PRO C 271 -13.16 2.61 -21.81
C PRO C 271 -13.48 1.12 -21.87
N THR C 272 -14.13 0.65 -22.93
CA THR C 272 -14.45 -0.79 -23.01
C THR C 272 -13.19 -1.61 -23.27
N GLU C 273 -12.28 -1.06 -24.05
CA GLU C 273 -11.02 -1.73 -24.37
C GLU C 273 -10.17 -1.83 -23.11
N SER C 274 -10.13 -0.75 -22.34
CA SER C 274 -9.22 -0.68 -21.18
C SER C 274 -9.77 -1.41 -19.95
N ILE C 275 -11.08 -1.37 -19.74
CA ILE C 275 -11.67 -2.12 -18.63
C ILE C 275 -11.40 -3.62 -18.87
N HIS C 276 -11.23 -3.98 -20.14
CA HIS C 276 -10.89 -5.33 -20.52
C HIS C 276 -9.39 -5.62 -20.36
N LEU C 277 -8.53 -4.76 -20.93
CA LEU C 277 -7.07 -5.03 -20.95
C LEU C 277 -6.30 -4.62 -19.69
N GLN C 278 -6.87 -3.69 -18.93
CA GLN C 278 -6.24 -3.18 -17.71
C GLN C 278 -6.70 -3.90 -16.43
N GLY C 279 -5.94 -3.69 -15.34
CA GLY C 279 -6.24 -4.36 -14.08
C GLY C 279 -5.97 -5.85 -14.12
N ARG C 280 -5.27 -6.31 -15.16
CA ARG C 280 -5.00 -7.74 -15.32
C ARG C 280 -3.88 -8.27 -14.45
N PHE C 281 -3.08 -7.38 -13.89
CA PHE C 281 -1.95 -7.77 -13.07
C PHE C 281 -2.17 -7.42 -11.61
N ASP C 282 -3.36 -6.92 -11.30
CA ASP C 282 -3.80 -6.78 -9.91
C ASP C 282 -4.47 -8.08 -9.48
N SER C 283 -4.44 -8.38 -8.19
CA SER C 283 -5.41 -9.30 -7.64
C SER C 283 -6.62 -8.47 -7.19
N TRP C 284 -6.72 -8.22 -5.89
CA TRP C 284 -7.83 -7.42 -5.38
C TRP C 284 -7.28 -6.52 -4.29
N PRO C 285 -7.73 -5.27 -4.22
CA PRO C 285 -8.67 -4.55 -5.09
C PRO C 285 -8.14 -4.49 -6.54
N LYS C 286 -9.03 -4.44 -7.51
CA LYS C 286 -8.60 -4.43 -8.91
C LYS C 286 -8.89 -3.06 -9.52
N ARG C 287 -7.87 -2.41 -10.05
CA ARG C 287 -8.05 -1.05 -10.55
C ARG C 287 -8.85 -1.02 -11.84
N ARG C 288 -9.48 0.12 -12.12
CA ARG C 288 -10.16 0.33 -13.39
C ARG C 288 -9.19 0.45 -14.57
N GLY C 289 -8.07 1.14 -14.36
CA GLY C 289 -7.04 1.27 -15.37
C GLY C 289 -7.37 2.20 -16.53
N VAL C 290 -8.29 3.13 -16.32
CA VAL C 290 -8.62 4.12 -17.35
C VAL C 290 -8.05 5.48 -16.92
N THR C 291 -7.68 6.30 -17.89
CA THR C 291 -7.10 7.61 -17.61
C THR C 291 -8.11 8.51 -16.90
N ARG C 292 -7.67 9.66 -16.40
CA ARG C 292 -8.50 10.57 -15.63
C ARG C 292 -9.40 11.46 -16.50
N VAL C 293 -10.35 10.86 -17.21
CA VAL C 293 -11.19 11.58 -18.19
C VAL C 293 -11.87 12.81 -17.59
N ALA C 294 -12.63 12.61 -16.51
CA ALA C 294 -13.40 13.68 -15.89
C ALA C 294 -12.54 14.84 -15.43
N GLU C 295 -11.36 14.51 -14.91
CA GLU C 295 -10.43 15.49 -14.39
C GLU C 295 -9.80 16.32 -15.52
N LEU C 296 -9.40 15.65 -16.60
CA LEU C 296 -8.94 16.32 -17.80
C LEU C 296 -9.99 17.29 -18.33
N ASP C 297 -11.23 16.82 -18.42
CA ASP C 297 -12.31 17.66 -18.95
C ASP C 297 -12.52 18.88 -18.06
N ARG C 298 -12.54 18.67 -16.75
CA ARG C 298 -12.73 19.78 -15.82
C ARG C 298 -11.62 20.79 -15.90
N ALA C 299 -10.46 20.33 -16.35
CA ALA C 299 -9.25 21.14 -16.42
C ALA C 299 -9.18 21.92 -17.71
N GLY C 300 -10.23 21.81 -18.52
CA GLY C 300 -10.29 22.51 -19.79
C GLY C 300 -9.54 21.79 -20.90
N ILE C 301 -9.24 20.52 -20.69
CA ILE C 301 -8.46 19.76 -21.68
C ILE C 301 -9.41 18.88 -22.49
N ASN C 302 -9.25 18.89 -23.81
CA ASN C 302 -10.12 18.09 -24.68
C ASN C 302 -9.82 16.58 -24.60
N VAL C 303 -10.85 15.82 -24.20
CA VAL C 303 -10.80 14.36 -24.12
C VAL C 303 -12.09 13.78 -24.75
N CYS C 304 -12.00 12.58 -25.30
CA CYS C 304 -13.11 11.96 -26.00
C CYS C 304 -12.95 10.45 -25.91
N PHE C 305 -13.98 9.73 -26.37
CA PHE C 305 -14.08 8.27 -26.26
C PHE C 305 -13.95 7.60 -27.62
N ALA C 306 -13.53 6.34 -27.61
CA ALA C 306 -13.31 5.58 -28.84
C ALA C 306 -13.48 4.07 -28.64
N GLN C 307 -13.86 3.36 -29.71
CA GLN C 307 -14.07 1.91 -29.61
C GLN C 307 -12.75 1.11 -29.58
N ASP C 308 -11.72 1.63 -30.25
CA ASP C 308 -10.41 0.99 -30.36
C ASP C 308 -10.39 -0.28 -31.22
N SER C 309 -11.13 -1.30 -30.79
CA SER C 309 -11.09 -2.61 -31.45
C SER C 309 -12.49 -3.15 -31.78
N ILE C 310 -12.62 -3.80 -32.94
CA ILE C 310 -13.83 -4.57 -33.20
C ILE C 310 -13.49 -6.02 -33.58
N GLN C 311 -13.83 -6.94 -32.67
CA GLN C 311 -13.55 -8.38 -32.84
C GLN C 311 -12.11 -8.68 -33.30
N ASP C 312 -11.12 -8.26 -32.52
CA ASP C 312 -9.72 -8.43 -32.94
C ASP C 312 -8.88 -9.14 -31.85
N PRO C 313 -7.54 -9.23 -32.00
CA PRO C 313 -6.78 -9.91 -30.94
C PRO C 313 -6.91 -9.32 -29.52
N TRP C 314 -7.26 -8.04 -29.41
CA TRP C 314 -7.29 -7.38 -28.11
C TRP C 314 -8.69 -7.33 -27.50
N TYR C 315 -9.71 -7.55 -28.32
CA TYR C 315 -11.09 -7.33 -27.89
C TYR C 315 -12.04 -8.18 -28.71
N PRO C 316 -12.84 -9.03 -28.04
CA PRO C 316 -13.64 -10.03 -28.74
C PRO C 316 -15.05 -9.56 -29.11
N LEU C 317 -15.44 -8.37 -28.65
CA LEU C 317 -16.75 -7.84 -29.01
C LEU C 317 -16.59 -6.65 -29.96
N GLY C 318 -17.61 -5.80 -30.02
CA GLY C 318 -17.65 -4.68 -30.96
C GLY C 318 -18.80 -4.81 -31.96
N ASN C 319 -19.52 -3.72 -32.19
CA ASN C 319 -20.60 -3.71 -33.17
C ASN C 319 -20.65 -2.39 -33.96
N GLY C 320 -19.76 -1.47 -33.63
CA GLY C 320 -19.68 -0.21 -34.35
C GLY C 320 -20.33 0.94 -33.62
N ASN C 321 -20.98 0.64 -32.49
CA ASN C 321 -21.87 1.62 -31.85
C ASN C 321 -21.18 2.44 -30.78
N ILE C 322 -20.85 3.69 -31.10
CA ILE C 322 -20.10 4.54 -30.16
C ILE C 322 -20.90 4.89 -28.91
N LEU C 323 -22.23 4.81 -28.98
CA LEU C 323 -23.05 5.15 -27.81
C LEU C 323 -22.91 4.11 -26.70
N ARG C 324 -22.60 2.87 -27.07
CA ARG C 324 -22.33 1.84 -26.07
C ARG C 324 -21.05 2.22 -25.34
N ILE C 325 -20.07 2.69 -26.08
CA ILE C 325 -18.78 3.13 -25.54
C ILE C 325 -18.95 4.37 -24.64
N LEU C 326 -19.76 5.32 -25.09
CA LEU C 326 -20.10 6.47 -24.26
C LEU C 326 -20.72 6.02 -22.94
N ASP C 327 -21.63 5.06 -22.99
CA ASP C 327 -22.29 4.55 -21.78
C ASP C 327 -21.20 4.01 -20.81
N ALA C 328 -20.35 3.11 -21.30
CA ALA C 328 -19.26 2.53 -20.48
C ALA C 328 -18.33 3.57 -19.88
N GLY C 329 -17.91 4.54 -20.69
CA GLY C 329 -17.03 5.60 -20.21
C GLY C 329 -17.65 6.42 -19.09
N LEU C 330 -18.89 6.86 -19.28
CA LEU C 330 -19.58 7.66 -18.27
C LEU C 330 -19.60 6.92 -16.92
N HIS C 331 -19.85 5.62 -16.97
CA HIS C 331 -19.90 4.78 -15.78
C HIS C 331 -18.50 4.63 -15.15
N ILE C 332 -17.55 4.14 -15.93
CA ILE C 332 -16.21 3.84 -15.42
C ILE C 332 -15.48 5.07 -14.86
N CYS C 333 -15.64 6.21 -15.53
CA CYS C 333 -14.93 7.46 -15.19
C CYS C 333 -15.70 8.33 -14.20
N HIS C 334 -16.79 7.80 -13.65
CA HIS C 334 -17.59 8.50 -12.64
C HIS C 334 -18.13 9.84 -13.15
N MET C 335 -18.77 9.79 -14.31
CA MET C 335 -19.31 10.99 -14.96
C MET C 335 -20.80 10.82 -15.21
N LEU C 336 -21.51 10.37 -14.18
CA LEU C 336 -22.95 10.18 -14.26
C LEU C 336 -23.67 11.29 -13.51
N GLY C 337 -22.95 12.37 -13.21
CA GLY C 337 -23.57 13.54 -12.61
C GLY C 337 -24.58 14.08 -13.61
N TYR C 338 -25.67 14.69 -13.14
CA TYR C 338 -26.69 15.17 -14.09
C TYR C 338 -26.17 16.26 -15.02
N ASP C 339 -25.20 17.04 -14.55
CA ASP C 339 -24.54 18.01 -15.43
C ASP C 339 -23.76 17.33 -16.56
N ASP C 340 -22.96 16.32 -16.22
CA ASP C 340 -22.24 15.53 -17.22
C ASP C 340 -23.21 14.96 -18.27
N LEU C 341 -24.31 14.39 -17.81
CA LEU C 341 -25.22 13.69 -18.71
C LEU C 341 -25.91 14.64 -19.70
N GLN C 342 -26.13 15.88 -19.29
CA GLN C 342 -26.71 16.88 -20.18
C GLN C 342 -25.81 17.32 -21.35
N ARG C 343 -24.52 17.05 -21.25
CA ARG C 343 -23.60 17.44 -22.33
C ARG C 343 -22.77 16.27 -22.81
N CYS C 344 -23.20 15.07 -22.42
CA CYS C 344 -22.34 13.89 -22.54
C CYS C 344 -21.99 13.51 -23.98
N LEU C 345 -22.78 13.96 -24.94
CA LEU C 345 -22.47 13.71 -26.34
C LEU C 345 -21.21 14.42 -26.82
N ASP C 346 -20.76 15.44 -26.07
CA ASP C 346 -19.49 16.12 -26.37
C ASP C 346 -18.40 15.09 -26.65
N PHE C 347 -18.41 14.02 -25.86
CA PHE C 347 -17.29 13.09 -25.85
C PHE C 347 -17.26 12.13 -27.04
N VAL C 348 -18.32 12.16 -27.84
CA VAL C 348 -18.38 11.32 -29.04
C VAL C 348 -18.73 12.10 -30.32
N THR C 349 -18.84 13.43 -30.19
CA THR C 349 -18.94 14.31 -31.35
C THR C 349 -17.88 15.43 -31.36
N ASP C 350 -18.25 16.62 -30.84
CA ASP C 350 -17.40 17.82 -30.91
C ASP C 350 -15.97 17.58 -30.45
N ASN C 351 -15.82 16.99 -29.27
CA ASN C 351 -14.48 16.73 -28.71
C ASN C 351 -13.65 15.84 -29.64
N SER C 352 -14.30 14.87 -30.27
CA SER C 352 -13.56 13.93 -31.11
C SER C 352 -13.17 14.58 -32.44
N ALA C 353 -14.03 15.46 -32.94
CA ALA C 353 -13.75 16.20 -34.16
C ALA C 353 -12.58 17.16 -33.95
N ARG C 354 -12.47 17.68 -32.74
CA ARG C 354 -11.38 18.58 -32.43
C ARG C 354 -10.06 17.81 -32.39
N ALA C 355 -10.10 16.58 -31.84
CA ALA C 355 -8.94 15.69 -31.82
C ALA C 355 -8.49 15.38 -33.24
N LEU C 356 -9.44 15.26 -34.15
CA LEU C 356 -9.11 14.98 -35.54
C LEU C 356 -8.83 16.25 -36.37
N CYS C 357 -8.86 17.42 -35.72
CA CYS C 357 -8.67 18.72 -36.38
C CYS C 357 -9.61 18.94 -37.59
N LEU C 358 -10.85 18.48 -37.46
CA LEU C 358 -11.81 18.62 -38.55
C LEU C 358 -12.18 20.09 -38.82
N GLY C 359 -12.08 20.93 -37.80
CA GLY C 359 -12.33 22.35 -37.95
C GLY C 359 -13.68 22.68 -38.58
N ASP C 360 -13.65 23.50 -39.63
CA ASP C 360 -14.88 23.96 -40.29
C ASP C 360 -15.54 22.87 -41.14
N ASN C 361 -14.92 21.71 -41.23
CA ASN C 361 -15.49 20.59 -41.97
C ASN C 361 -16.45 19.78 -41.09
N TYR C 362 -16.69 20.27 -39.88
CA TYR C 362 -17.50 19.54 -38.90
C TYR C 362 -18.36 20.52 -38.10
N GLY C 363 -19.59 20.11 -37.79
CA GLY C 363 -20.46 20.92 -36.94
C GLY C 363 -21.67 21.50 -37.67
N LEU C 364 -22.78 21.61 -36.96
CA LEU C 364 -24.01 22.15 -37.53
C LEU C 364 -23.99 23.67 -37.50
N ALA C 365 -23.42 24.27 -38.53
CA ALA C 365 -23.38 25.71 -38.69
C ALA C 365 -23.52 26.07 -40.16
N GLU C 366 -24.04 27.26 -40.44
CA GLU C 366 -24.24 27.66 -41.81
C GLU C 366 -22.89 27.75 -42.52
N GLY C 367 -22.81 27.18 -43.72
CA GLY C 367 -21.60 27.22 -44.52
C GLY C 367 -20.83 25.93 -44.51
N ARG C 368 -20.93 25.19 -43.41
CA ARG C 368 -20.21 23.93 -43.22
C ARG C 368 -20.88 22.79 -43.98
N PRO C 369 -20.16 21.68 -44.21
CA PRO C 369 -20.72 20.51 -44.91
C PRO C 369 -22.02 19.96 -44.30
N ALA C 370 -22.97 19.63 -45.17
CA ALA C 370 -24.23 19.03 -44.78
C ALA C 370 -24.06 17.56 -44.40
N ASN C 371 -23.39 17.33 -43.28
CA ASN C 371 -23.24 16.00 -42.71
C ASN C 371 -23.87 16.03 -41.33
N LEU C 372 -24.87 15.18 -41.11
CA LEU C 372 -25.60 15.21 -39.85
C LEU C 372 -26.40 13.93 -39.66
N LEU C 373 -26.86 13.74 -38.43
CA LEU C 373 -27.68 12.59 -38.10
C LEU C 373 -29.03 13.06 -37.57
N ILE C 374 -30.04 12.23 -37.70
CA ILE C 374 -31.20 12.42 -36.84
C ILE C 374 -31.27 11.26 -35.84
N LEU C 375 -31.12 11.60 -34.57
CA LEU C 375 -31.21 10.60 -33.50
C LEU C 375 -32.63 10.49 -32.95
N ASP C 376 -32.98 9.30 -32.47
CA ASP C 376 -34.30 9.08 -31.90
C ASP C 376 -34.28 9.37 -30.39
N ALA C 377 -34.10 10.64 -30.06
CA ALA C 377 -34.10 11.15 -28.70
C ALA C 377 -34.19 12.68 -28.79
N GLU C 378 -34.51 13.36 -27.70
CA GLU C 378 -34.69 14.81 -27.74
C GLU C 378 -33.46 15.56 -27.20
N ASN C 379 -32.66 14.86 -26.42
CA ASN C 379 -31.51 15.49 -25.76
C ASN C 379 -30.45 14.46 -25.39
N ASP C 380 -29.31 14.95 -24.90
CA ASP C 380 -28.15 14.11 -24.54
C ASP C 380 -28.46 12.98 -23.56
N TYR C 381 -29.23 13.31 -22.53
CA TYR C 381 -29.55 12.38 -21.45
C TYR C 381 -30.33 11.18 -21.98
N GLU C 382 -31.41 11.47 -22.72
CA GLU C 382 -32.22 10.40 -23.29
C GLU C 382 -31.45 9.59 -24.34
N ALA C 383 -30.60 10.25 -25.11
CA ALA C 383 -29.80 9.56 -26.12
C ALA C 383 -28.93 8.46 -25.50
N VAL C 384 -28.29 8.78 -24.39
CA VAL C 384 -27.41 7.78 -23.77
C VAL C 384 -28.21 6.79 -22.92
N ARG C 385 -29.31 7.26 -22.32
CA ARG C 385 -30.11 6.37 -21.48
C ARG C 385 -30.82 5.28 -22.29
N ARG C 386 -31.29 5.66 -23.47
CA ARG C 386 -32.02 4.72 -24.32
C ARG C 386 -31.18 4.16 -25.45
N GLN C 387 -29.91 4.57 -25.51
CA GLN C 387 -29.04 4.22 -26.64
C GLN C 387 -29.77 4.50 -27.95
N ALA C 388 -30.08 5.78 -28.18
CA ALA C 388 -31.01 6.19 -29.24
C ALA C 388 -30.59 5.70 -30.62
N ARG C 389 -31.58 5.25 -31.39
CA ARG C 389 -31.35 4.75 -32.73
C ARG C 389 -30.97 5.89 -33.67
N VAL C 390 -30.03 5.63 -34.56
CA VAL C 390 -29.70 6.58 -35.63
C VAL C 390 -30.76 6.42 -36.71
N LEU C 391 -31.64 7.39 -36.82
CA LEU C 391 -32.78 7.27 -37.73
C LEU C 391 -32.43 7.58 -39.17
N THR C 392 -31.67 8.66 -39.35
CA THR C 392 -31.23 9.10 -40.67
C THR C 392 -29.79 9.59 -40.60
N SER C 393 -29.00 9.23 -41.60
CA SER C 393 -27.64 9.74 -41.73
C SER C 393 -27.50 10.48 -43.05
N ILE C 394 -27.15 11.77 -42.97
CA ILE C 394 -26.99 12.57 -44.18
C ILE C 394 -25.53 12.95 -44.38
N ARG C 395 -25.02 12.68 -45.58
CA ARG C 395 -23.64 12.97 -45.93
C ARG C 395 -23.60 13.72 -47.26
N HIS C 396 -22.94 14.88 -47.23
CA HIS C 396 -22.84 15.78 -48.37
C HIS C 396 -24.23 16.16 -48.94
N GLY C 397 -25.23 16.21 -48.07
CA GLY C 397 -26.56 16.65 -48.45
C GLY C 397 -27.44 15.52 -48.96
N LYS C 398 -26.91 14.31 -48.94
CA LYS C 398 -27.60 13.15 -49.47
C LYS C 398 -27.94 12.16 -48.37
N VAL C 399 -29.14 11.61 -48.40
CA VAL C 399 -29.51 10.57 -47.43
C VAL C 399 -28.79 9.27 -47.77
N ILE C 400 -27.84 8.87 -46.92
CA ILE C 400 -27.08 7.64 -47.10
C ILE C 400 -27.56 6.51 -46.20
N LEU C 401 -28.36 6.83 -45.18
CA LEU C 401 -28.94 5.81 -44.32
C LEU C 401 -30.34 6.19 -43.84
N GLN C 402 -31.21 5.19 -43.80
CA GLN C 402 -32.54 5.38 -43.25
C GLN C 402 -32.92 4.14 -42.46
N ARG C 403 -33.21 4.33 -41.18
CA ARG C 403 -33.74 3.24 -40.37
C ARG C 403 -35.06 3.66 -39.72
N GLU C 404 -36.11 2.90 -39.97
CA GLU C 404 -37.44 3.21 -39.42
C GLU C 404 -37.46 3.22 -37.89
N VAL C 405 -38.44 3.92 -37.33
CA VAL C 405 -38.60 4.01 -35.88
C VAL C 405 -39.15 2.69 -35.36
N GLU C 406 -38.75 2.31 -34.16
CA GLU C 406 -39.23 1.06 -33.59
C GLU C 406 -40.72 1.08 -33.27
N HIS C 407 -41.40 -0.01 -33.59
CA HIS C 407 -42.77 -0.20 -33.13
C HIS C 407 -42.82 -1.45 -32.28
N ILE C 408 -43.11 -1.31 -30.99
CA ILE C 408 -43.40 -2.48 -30.18
C ILE C 408 -44.89 -2.76 -30.18
N ARG C 409 -45.25 -3.99 -30.49
CA ARG C 409 -46.66 -4.40 -30.53
C ARG C 409 -47.00 -5.17 -29.26
N TYR C 410 -48.15 -4.84 -28.68
CA TYR C 410 -48.62 -5.60 -27.54
C TYR C 410 -49.92 -6.31 -27.90
N PRO C 411 -49.82 -7.49 -28.51
CA PRO C 411 -50.99 -8.22 -29.03
C PRO C 411 -51.97 -8.67 -27.94
N MET D 1 31.73 47.79 25.12
CA MET D 1 30.67 47.36 26.00
C MET D 1 31.02 46.04 26.70
N LYS D 2 30.63 45.93 27.97
CA LYS D 2 30.80 44.69 28.71
C LYS D 2 29.45 44.02 28.98
N ILE D 3 29.39 42.71 28.74
CA ILE D 3 28.25 41.92 29.13
C ILE D 3 28.70 40.93 30.19
N ILE D 4 28.08 41.00 31.37
CA ILE D 4 28.47 40.12 32.47
C ILE D 4 27.36 39.14 32.83
N ASN D 5 27.71 38.12 33.61
CA ASN D 5 26.76 37.14 34.12
C ASN D 5 26.01 36.39 33.02
N ALA D 6 26.72 36.11 31.93
CA ALA D 6 26.13 35.48 30.77
C ALA D 6 26.41 33.98 30.68
N ARG D 7 25.37 33.21 30.40
N ARG D 7 25.38 33.20 30.39
CA ARG D 7 25.52 31.79 30.10
CA ARG D 7 25.56 31.79 30.11
C ARG D 7 25.89 31.63 28.63
C ARG D 7 25.79 31.58 28.61
N LEU D 8 26.55 30.55 28.29
CA LEU D 8 26.80 30.19 26.89
C LEU D 8 26.29 28.77 26.70
N ARG D 9 26.24 28.30 25.45
CA ARG D 9 25.89 26.91 25.17
C ARG D 9 27.17 26.08 25.15
N ARG D 10 27.14 24.88 25.73
CA ARG D 10 26.09 24.48 26.65
C ARG D 10 26.81 24.23 27.97
N GLN D 11 26.84 25.25 28.81
CA GLN D 11 27.72 25.22 29.97
C GLN D 11 27.04 25.70 31.24
N GLU D 12 27.72 25.46 32.36
CA GLU D 12 27.22 25.82 33.68
C GLU D 12 27.81 27.17 34.08
N ALA D 13 29.05 27.41 33.66
CA ALA D 13 29.80 28.59 34.08
C ALA D 13 29.29 29.90 33.49
N LEU D 14 29.59 30.99 34.18
CA LEU D 14 29.24 32.34 33.71
C LEU D 14 30.43 32.98 33.02
N PHE D 15 30.14 33.87 32.07
CA PHE D 15 31.18 34.48 31.25
C PHE D 15 30.96 35.99 31.07
N THR D 16 32.05 36.74 31.00
CA THR D 16 31.97 38.16 30.67
C THR D 16 32.40 38.34 29.22
N LEU D 17 31.65 39.11 28.45
CA LEU D 17 32.02 39.36 27.06
C LEU D 17 32.40 40.83 26.83
N ASP D 18 33.68 41.08 26.56
CA ASP D 18 34.16 42.41 26.24
C ASP D 18 34.05 42.66 24.73
N LEU D 19 33.19 43.59 24.34
CA LEU D 19 33.03 43.95 22.94
C LEU D 19 33.68 45.31 22.67
N GLN D 20 34.42 45.39 21.57
CA GLN D 20 35.10 46.63 21.21
C GLN D 20 35.32 46.74 19.72
N ASP D 21 35.07 47.94 19.19
CA ASP D 21 35.29 48.22 17.77
C ASP D 21 34.56 47.23 16.85
N GLY D 22 33.34 46.85 17.25
CA GLY D 22 32.52 45.95 16.46
C GLY D 22 32.91 44.48 16.59
N ILE D 23 33.88 44.21 17.46
CA ILE D 23 34.51 42.90 17.54
C ILE D 23 34.35 42.32 18.95
N ILE D 24 34.32 41.00 19.07
CA ILE D 24 34.36 40.40 20.39
C ILE D 24 35.81 40.47 20.87
N HIS D 25 36.07 41.41 21.78
CA HIS D 25 37.44 41.71 22.20
C HIS D 25 37.95 40.64 23.17
N ARG D 26 37.11 40.26 24.14
CA ARG D 26 37.53 39.31 25.16
C ARG D 26 36.36 38.48 25.70
N ILE D 27 36.62 37.20 25.91
CA ILE D 27 35.67 36.28 26.53
C ILE D 27 36.33 35.66 27.75
N THR D 28 35.67 35.76 28.90
CA THR D 28 36.27 35.37 30.17
C THR D 28 35.27 34.69 31.10
N ALA D 29 35.59 33.48 31.53
CA ALA D 29 34.76 32.77 32.50
C ALA D 29 34.83 33.49 33.84
N GLN D 30 33.72 33.51 34.57
CA GLN D 30 33.66 34.14 35.88
C GLN D 30 33.70 33.08 36.97
N ALA D 31 34.17 33.46 38.16
CA ALA D 31 34.17 32.55 39.30
C ALA D 31 32.75 32.36 39.82
N ALA D 32 31.99 33.46 39.86
CA ALA D 32 30.62 33.44 40.34
C ALA D 32 29.86 34.65 39.79
N MET D 33 28.59 34.77 40.16
CA MET D 33 27.79 35.91 39.78
C MET D 33 28.42 37.23 40.27
N GLN D 34 28.40 38.25 39.42
CA GLN D 34 29.01 39.54 39.74
C GLN D 34 27.99 40.68 39.79
N THR D 35 28.47 41.87 40.17
CA THR D 35 27.65 43.08 40.18
C THR D 35 28.07 43.97 39.00
N ALA D 36 27.10 44.64 38.39
CA ALA D 36 27.35 45.43 37.19
C ALA D 36 27.74 46.87 37.47
N ASP D 37 28.94 47.25 37.05
CA ASP D 37 29.32 48.65 37.02
C ASP D 37 28.54 49.29 35.88
N ALA D 38 28.07 50.53 36.09
CA ALA D 38 27.19 51.19 35.13
C ALA D 38 27.79 51.21 33.72
N GLY D 39 26.92 51.13 32.72
CA GLY D 39 27.36 51.04 31.33
C GLY D 39 27.47 49.60 30.86
N ALA D 40 27.63 48.68 31.81
CA ALA D 40 27.73 47.25 31.49
C ALA D 40 26.38 46.56 31.55
N ILE D 41 26.14 45.68 30.58
CA ILE D 41 24.92 44.88 30.54
C ILE D 41 25.05 43.64 31.41
N ASP D 42 24.14 43.50 32.37
CA ASP D 42 24.11 42.32 33.22
C ASP D 42 23.14 41.31 32.61
N ALA D 43 23.66 40.15 32.20
CA ALA D 43 22.83 39.13 31.55
C ALA D 43 21.97 38.39 32.56
N GLN D 44 22.35 38.44 33.83
CA GLN D 44 21.59 37.82 34.92
C GLN D 44 21.38 36.32 34.70
N GLY D 45 22.42 35.64 34.21
CA GLY D 45 22.37 34.20 34.06
C GLY D 45 21.63 33.74 32.83
N ARG D 46 21.22 34.69 32.00
CA ARG D 46 20.56 34.37 30.75
C ARG D 46 21.55 33.94 29.68
N LEU D 47 21.03 33.38 28.60
CA LEU D 47 21.85 32.78 27.56
C LEU D 47 22.26 33.84 26.54
N ALA D 48 23.55 33.90 26.27
CA ALA D 48 24.08 34.70 25.17
C ALA D 48 24.46 33.77 24.03
N ILE D 49 23.95 34.06 22.83
CA ILE D 49 24.19 33.20 21.67
C ILE D 49 24.55 34.10 20.50
N PRO D 50 25.18 33.54 19.46
CA PRO D 50 25.25 34.26 18.18
C PRO D 50 23.83 34.40 17.61
N PRO D 51 23.63 35.31 16.64
CA PRO D 51 22.27 35.60 16.15
C PRO D 51 21.50 34.42 15.55
N PHE D 52 20.17 34.48 15.59
CA PHE D 52 19.37 33.51 14.88
C PHE D 52 19.62 33.71 13.38
N VAL D 53 19.49 32.62 12.63
CA VAL D 53 19.67 32.66 11.18
C VAL D 53 18.39 32.26 10.49
N GLU D 54 18.06 32.94 9.41
CA GLU D 54 16.93 32.54 8.57
C GLU D 54 17.47 32.15 7.21
N PRO D 55 17.81 30.87 7.03
CA PRO D 55 18.52 30.43 5.82
C PRO D 55 17.62 30.25 4.59
N HIS D 56 16.32 30.44 4.72
CA HIS D 56 15.46 30.21 3.57
C HIS D 56 14.17 30.97 3.68
N ILE D 57 14.06 32.07 2.96
CA ILE D 57 12.83 32.87 2.93
C ILE D 57 12.66 33.49 1.55
N HIS D 58 11.43 33.91 1.22
CA HIS D 58 11.16 34.55 -0.06
C HIS D 58 10.73 35.98 0.17
N LEU D 59 11.70 36.87 0.28
CA LEU D 59 11.41 38.27 0.53
C LEU D 59 10.70 38.96 -0.63
N ASP D 60 10.78 38.41 -1.84
CA ASP D 60 10.11 39.08 -2.95
C ASP D 60 8.60 38.87 -2.92
N ALA D 61 8.14 37.77 -2.32
CA ALA D 61 6.72 37.44 -2.31
C ALA D 61 6.08 37.74 -0.95
N THR D 62 6.89 38.12 0.01
CA THR D 62 6.40 38.32 1.37
C THR D 62 5.31 39.40 1.40
N LEU D 63 4.28 39.15 2.22
CA LEU D 63 3.19 40.09 2.46
C LEU D 63 2.33 40.36 1.22
N THR D 64 2.13 39.33 0.40
CA THR D 64 1.23 39.45 -0.76
C THR D 64 0.11 38.43 -0.73
N ALA D 65 -0.10 37.80 0.43
CA ALA D 65 -1.13 36.77 0.57
C ALA D 65 -2.51 37.30 0.21
N GLY D 66 -3.24 36.55 -0.62
CA GLY D 66 -4.58 36.94 -1.02
C GLY D 66 -4.65 37.89 -2.21
N GLU D 67 -3.51 38.26 -2.78
CA GLU D 67 -3.46 39.22 -3.89
C GLU D 67 -3.14 38.57 -5.24
N PRO D 68 -4.11 38.58 -6.17
CA PRO D 68 -5.45 39.13 -6.04
C PRO D 68 -6.46 38.09 -5.57
N GLU D 69 -6.03 36.84 -5.44
CA GLU D 69 -6.86 35.77 -4.89
C GLU D 69 -6.10 34.98 -3.83
N TRP D 70 -6.82 34.12 -3.12
CA TRP D 70 -6.20 33.20 -2.18
C TRP D 70 -5.79 31.90 -2.86
N ASN D 71 -4.82 31.22 -2.24
CA ASN D 71 -4.47 29.85 -2.58
C ASN D 71 -5.44 28.93 -1.85
N ARG D 72 -6.55 28.57 -2.50
CA ARG D 72 -7.58 27.80 -1.80
C ARG D 72 -7.19 26.35 -1.48
N SER D 73 -6.44 25.70 -2.37
CA SER D 73 -6.10 24.29 -2.18
C SER D 73 -4.95 24.10 -1.16
N GLY D 74 -4.21 25.17 -0.92
CA GLY D 74 -3.09 25.09 0.02
C GLY D 74 -1.99 24.21 -0.52
N THR D 75 -1.82 24.21 -1.85
CA THR D 75 -0.73 23.44 -2.45
C THR D 75 0.37 24.31 -3.05
N LEU D 76 1.54 23.72 -3.24
CA LEU D 76 2.67 24.37 -3.89
C LEU D 76 2.29 24.89 -5.25
N PHE D 77 1.50 24.10 -5.98
CA PHE D 77 1.19 24.41 -7.37
C PHE D 77 0.16 25.52 -7.56
N GLU D 78 -0.84 25.62 -6.69
CA GLU D 78 -1.74 26.76 -6.80
C GLU D 78 -1.01 28.02 -6.33
N GLY D 79 -0.14 27.87 -5.33
CA GLY D 79 0.71 28.98 -4.88
C GLY D 79 1.45 29.63 -6.04
N ILE D 80 2.04 28.79 -6.89
CA ILE D 80 2.78 29.29 -8.05
C ILE D 80 1.86 30.02 -9.04
N THR D 81 0.67 29.48 -9.24
CA THR D 81 -0.31 30.13 -10.09
C THR D 81 -0.69 31.50 -9.54
N ARG D 82 -0.82 31.57 -8.22
CA ARG D 82 -1.19 32.81 -7.54
C ARG D 82 -0.05 33.82 -7.57
N TRP D 83 1.17 33.32 -7.40
CA TRP D 83 2.34 34.19 -7.46
C TRP D 83 2.51 34.79 -8.86
N SER D 84 2.29 34.00 -9.91
CA SER D 84 2.32 34.51 -11.29
C SER D 84 1.35 35.67 -11.50
N GLN D 85 0.15 35.55 -10.94
CA GLN D 85 -0.81 36.63 -11.02
C GLN D 85 -0.29 37.87 -10.31
N ARG D 86 0.24 37.68 -9.11
CA ARG D 86 0.76 38.78 -8.31
C ARG D 86 1.97 39.43 -8.97
N LYS D 87 2.81 38.62 -9.60
CA LYS D 87 4.01 39.10 -10.28
C LYS D 87 3.73 40.18 -11.35
N ALA D 88 2.50 40.23 -11.86
CA ALA D 88 2.17 41.19 -12.90
C ALA D 88 2.08 42.63 -12.38
N SER D 89 1.98 42.79 -11.06
CA SER D 89 1.85 44.11 -10.45
C SER D 89 3.07 44.48 -9.60
N ILE D 90 4.11 43.66 -9.68
CA ILE D 90 5.35 43.92 -8.95
C ILE D 90 6.05 45.19 -9.46
N THR D 91 6.35 46.11 -8.54
CA THR D 91 7.22 47.24 -8.83
C THR D 91 8.40 47.19 -7.85
N PRO D 92 9.53 47.82 -8.21
CA PRO D 92 10.70 47.81 -7.32
C PRO D 92 10.41 48.42 -5.96
N GLU D 93 9.64 49.51 -5.93
CA GLU D 93 9.34 50.19 -4.68
C GLU D 93 8.42 49.36 -3.79
N ASP D 94 7.48 48.65 -4.42
CA ASP D 94 6.57 47.75 -3.72
C ASP D 94 7.35 46.62 -3.09
N THR D 95 8.23 46.03 -3.89
CA THR D 95 9.12 44.98 -3.44
C THR D 95 9.95 45.45 -2.26
N ARG D 96 10.52 46.64 -2.38
CA ARG D 96 11.43 47.15 -1.36
C ARG D 96 10.73 47.30 -0.02
N GLN D 97 9.51 47.84 -0.05
CA GLN D 97 8.79 48.15 1.19
C GLN D 97 8.35 46.87 1.89
N ARG D 98 7.78 45.94 1.14
CA ARG D 98 7.37 44.66 1.71
C ARG D 98 8.56 43.91 2.32
N ALA D 99 9.68 43.82 1.59
CA ALA D 99 10.86 43.15 2.12
C ALA D 99 11.41 43.82 3.38
N LEU D 100 11.45 45.15 3.39
CA LEU D 100 11.94 45.88 4.57
C LEU D 100 11.09 45.61 5.81
N LYS D 101 9.77 45.55 5.62
CA LYS D 101 8.84 45.30 6.72
C LYS D 101 9.04 43.90 7.31
N THR D 102 9.19 42.93 6.44
CA THR D 102 9.40 41.55 6.87
C THR D 102 10.77 41.43 7.55
N ILE D 103 11.80 42.08 7.00
CA ILE D 103 13.13 42.15 7.62
C ILE D 103 13.05 42.74 9.03
N GLY D 104 12.18 43.73 9.19
CA GLY D 104 11.89 44.28 10.50
C GLY D 104 11.43 43.22 11.50
N MET D 105 10.54 42.33 11.05
CA MET D 105 10.02 41.25 11.88
C MET D 105 11.13 40.30 12.29
N LEU D 106 11.95 39.92 11.30
CA LEU D 106 13.07 39.03 11.54
C LEU D 106 14.00 39.65 12.57
N ARG D 107 14.29 40.94 12.39
CA ARG D 107 15.11 41.69 13.35
C ARG D 107 14.49 41.66 14.75
N ASP D 108 13.19 41.88 14.82
CA ASP D 108 12.48 41.85 16.09
C ASP D 108 12.68 40.52 16.82
N PHE D 109 12.87 39.46 16.06
CA PHE D 109 13.04 38.13 16.62
C PHE D 109 14.47 37.64 16.57
N GLY D 110 15.41 38.57 16.41
CA GLY D 110 16.82 38.28 16.62
C GLY D 110 17.58 37.72 15.44
N VAL D 111 16.95 37.69 14.28
CA VAL D 111 17.64 37.23 13.08
C VAL D 111 18.54 38.33 12.48
N GLN D 112 19.81 38.01 12.29
CA GLN D 112 20.78 38.94 11.70
C GLN D 112 21.38 38.42 10.38
N HIS D 113 21.14 37.15 10.08
CA HIS D 113 21.60 36.55 8.83
C HIS D 113 20.42 35.95 8.08
N VAL D 114 20.24 36.36 6.83
CA VAL D 114 19.12 35.93 6.00
C VAL D 114 19.56 35.52 4.61
N ARG D 115 19.00 34.43 4.12
CA ARG D 115 19.16 34.05 2.73
C ARG D 115 17.78 34.09 2.07
N THR D 116 17.60 35.02 1.15
CA THR D 116 16.32 35.15 0.49
C THR D 116 16.42 34.59 -0.91
N HIS D 117 15.37 33.90 -1.34
CA HIS D 117 15.25 33.55 -2.75
C HIS D 117 14.52 34.68 -3.45
N VAL D 118 14.84 34.89 -4.73
CA VAL D 118 14.13 35.87 -5.54
C VAL D 118 13.76 35.26 -6.88
N ASP D 119 12.47 35.28 -7.22
CA ASP D 119 12.04 34.77 -8.50
C ASP D 119 12.71 35.55 -9.63
N VAL D 120 13.43 34.85 -10.49
CA VAL D 120 14.08 35.49 -11.63
C VAL D 120 13.46 35.04 -12.95
N THR D 121 12.37 34.26 -12.86
CA THR D 121 11.58 33.95 -14.05
C THR D 121 10.63 35.12 -14.28
N ASP D 122 11.24 36.22 -14.72
CA ASP D 122 10.59 37.51 -14.80
C ASP D 122 11.55 38.38 -15.60
N PRO D 123 11.19 38.64 -16.87
CA PRO D 123 12.11 39.33 -17.79
C PRO D 123 12.55 40.69 -17.27
N SER D 124 11.71 41.35 -16.48
CA SER D 124 12.06 42.65 -15.91
C SER D 124 13.17 42.57 -14.86
N LEU D 125 13.26 41.42 -14.19
CA LEU D 125 14.19 41.20 -13.08
C LEU D 125 14.16 42.32 -12.03
N ALA D 126 12.98 42.91 -11.82
CA ALA D 126 12.89 44.09 -10.95
C ALA D 126 13.02 43.75 -9.48
N ALA D 127 12.48 42.60 -9.06
CA ALA D 127 12.58 42.21 -7.65
C ALA D 127 14.03 41.97 -7.29
N LEU D 128 14.75 41.26 -8.16
CA LEU D 128 16.19 41.08 -7.97
C LEU D 128 16.92 42.41 -7.85
N GLN D 129 16.58 43.36 -8.72
CA GLN D 129 17.19 44.69 -8.63
C GLN D 129 16.89 45.32 -7.27
N ALA D 130 15.61 45.34 -6.90
CA ALA D 130 15.18 45.87 -5.61
C ALA D 130 15.87 45.20 -4.42
N LEU D 131 15.89 43.87 -4.39
CA LEU D 131 16.47 43.17 -3.26
C LEU D 131 18.00 43.33 -3.20
N LEU D 132 18.64 43.53 -4.35
CA LEU D 132 20.09 43.81 -4.36
C LEU D 132 20.39 45.14 -3.68
N ALA D 133 19.52 46.13 -3.88
CA ALA D 133 19.62 47.40 -3.19
C ALA D 133 19.37 47.22 -1.69
N VAL D 134 18.30 46.51 -1.35
CA VAL D 134 17.93 46.25 0.04
C VAL D 134 19.08 45.64 0.82
N LYS D 135 19.82 44.74 0.19
CA LYS D 135 21.00 44.13 0.80
C LYS D 135 21.98 45.16 1.38
N GLN D 136 22.22 46.25 0.62
CA GLN D 136 23.02 47.35 1.13
C GLN D 136 22.26 48.21 2.13
N GLU D 137 20.98 48.48 1.84
CA GLU D 137 20.19 49.36 2.70
C GLU D 137 20.03 48.82 4.13
N ALA D 138 19.84 47.52 4.25
CA ALA D 138 19.51 46.94 5.56
C ALA D 138 20.70 46.29 6.24
N ALA D 139 21.91 46.66 5.81
CA ALA D 139 23.14 46.10 6.36
C ALA D 139 23.31 46.46 7.83
N ASP D 140 22.61 47.51 8.26
CA ASP D 140 22.63 47.89 9.67
C ASP D 140 21.88 46.87 10.50
N LEU D 141 21.02 46.09 9.84
CA LEU D 141 20.21 45.10 10.55
C LEU D 141 20.63 43.66 10.30
N ILE D 142 20.86 43.32 9.04
CA ILE D 142 21.09 41.94 8.66
C ILE D 142 22.15 41.78 7.57
N ASP D 143 22.76 40.59 7.54
CA ASP D 143 23.60 40.20 6.42
C ASP D 143 22.76 39.32 5.50
N LEU D 144 22.43 39.87 4.34
CA LEU D 144 21.53 39.24 3.38
C LEU D 144 22.24 38.56 2.20
N GLN D 145 21.91 37.29 1.99
CA GLN D 145 22.35 36.57 0.81
C GLN D 145 21.16 36.44 -0.14
N ILE D 146 21.43 36.48 -1.44
CA ILE D 146 20.39 36.47 -2.47
C ILE D 146 20.55 35.28 -3.41
N VAL D 147 19.48 34.48 -3.53
CA VAL D 147 19.49 33.29 -4.38
C VAL D 147 18.71 33.58 -5.65
N ALA D 148 19.36 33.41 -6.80
CA ALA D 148 18.66 33.49 -8.09
C ALA D 148 17.79 32.27 -8.26
N PHE D 149 16.48 32.46 -8.07
CA PHE D 149 15.55 31.34 -7.99
C PHE D 149 14.59 31.28 -9.19
N PRO D 150 14.73 30.24 -10.03
CA PRO D 150 13.94 30.12 -11.25
C PRO D 150 12.57 29.49 -10.96
N GLN D 151 11.68 30.26 -10.34
CA GLN D 151 10.36 29.77 -9.95
C GLN D 151 9.63 28.98 -11.02
N GLU D 152 9.66 29.47 -12.26
CA GLU D 152 8.94 28.78 -13.33
C GLU D 152 9.80 27.83 -14.15
N GLY D 153 11.00 27.56 -13.63
CA GLY D 153 11.87 26.56 -14.22
C GLY D 153 12.95 27.17 -15.09
N ILE D 154 14.06 26.45 -15.24
CA ILE D 154 15.15 26.91 -16.08
C ILE D 154 14.94 26.46 -17.54
N GLU D 155 14.61 25.18 -17.71
CA GLU D 155 14.46 24.63 -19.04
C GLU D 155 13.02 24.82 -19.52
N SER D 156 12.13 25.13 -18.58
CA SER D 156 10.68 25.09 -18.80
C SER D 156 10.06 26.47 -19.03
N TYR D 157 10.89 27.49 -19.02
CA TYR D 157 10.43 28.87 -19.07
C TYR D 157 11.31 29.60 -20.08
N PRO D 158 10.72 30.51 -20.86
CA PRO D 158 11.42 31.21 -21.94
C PRO D 158 12.69 31.93 -21.48
N ASN D 159 13.80 31.65 -22.15
CA ASN D 159 15.11 32.21 -21.79
C ASN D 159 15.48 31.97 -20.32
N GLY D 160 15.10 30.80 -19.81
CA GLY D 160 15.35 30.48 -18.43
C GLY D 160 16.82 30.47 -18.07
N ARG D 161 17.64 29.87 -18.93
CA ARG D 161 19.08 29.82 -18.71
C ARG D 161 19.67 31.21 -18.76
N GLU D 162 19.18 32.02 -19.69
N GLU D 162 19.19 32.01 -19.71
CA GLU D 162 19.68 33.38 -19.86
CA GLU D 162 19.66 33.39 -19.87
C GLU D 162 19.33 34.25 -18.66
C GLU D 162 19.35 34.22 -18.64
N LEU D 163 18.17 34.00 -18.05
CA LEU D 163 17.74 34.78 -16.89
C LEU D 163 18.56 34.44 -15.66
N MET D 164 18.78 33.16 -15.42
CA MET D 164 19.68 32.72 -14.34
C MET D 164 21.06 33.35 -14.54
N THR D 165 21.58 33.26 -15.75
CA THR D 165 22.91 33.80 -16.03
C THR D 165 22.97 35.30 -15.77
N ARG D 166 21.96 36.03 -16.26
CA ARG D 166 21.86 37.47 -16.01
C ARG D 166 21.79 37.78 -14.52
N ALA D 167 21.02 36.98 -13.77
CA ALA D 167 20.86 37.20 -12.34
C ALA D 167 22.19 37.02 -11.61
N ILE D 168 22.95 36.00 -11.99
CA ILE D 168 24.26 35.78 -11.38
C ILE D 168 25.21 36.93 -11.74
N GLU D 169 25.19 37.33 -13.01
CA GLU D 169 26.00 38.47 -13.46
C GLU D 169 25.66 39.75 -12.69
N MET D 170 24.38 39.98 -12.42
CA MET D 170 23.98 41.16 -11.66
C MET D 170 24.48 41.16 -10.20
N GLY D 171 24.80 39.99 -9.66
CA GLY D 171 25.35 39.92 -8.30
C GLY D 171 24.67 39.00 -7.29
N ALA D 172 23.78 38.13 -7.74
CA ALA D 172 23.17 37.15 -6.82
C ALA D 172 24.28 36.24 -6.32
N ASP D 173 24.32 36.02 -5.00
CA ASP D 173 25.41 35.25 -4.37
C ASP D 173 25.23 33.74 -4.46
N VAL D 174 24.00 33.30 -4.75
CA VAL D 174 23.66 31.88 -4.68
C VAL D 174 22.84 31.51 -5.92
N VAL D 175 23.11 30.34 -6.50
CA VAL D 175 22.37 29.86 -7.66
C VAL D 175 21.26 28.92 -7.18
N GLY D 176 20.02 29.14 -7.64
CA GLY D 176 18.89 28.34 -7.19
C GLY D 176 18.48 27.32 -8.22
N GLY D 177 17.37 26.61 -7.97
CA GLY D 177 16.85 25.62 -8.90
C GLY D 177 15.50 25.06 -8.45
N ILE D 178 14.82 24.32 -9.33
CA ILE D 178 13.54 23.73 -8.96
C ILE D 178 13.23 22.51 -9.86
N PRO D 179 14.13 21.51 -9.81
CA PRO D 179 14.13 20.45 -10.81
C PRO D 179 12.84 19.62 -10.86
N HIS D 180 12.16 19.50 -9.73
CA HIS D 180 10.93 18.71 -9.67
C HIS D 180 9.78 19.42 -10.40
N TYR D 181 9.93 20.71 -10.68
CA TYR D 181 8.90 21.46 -11.38
C TYR D 181 9.18 21.59 -12.88
N GLU D 182 10.37 21.18 -13.31
CA GLU D 182 10.65 21.18 -14.75
C GLU D 182 9.68 20.24 -15.44
N ASN D 183 9.40 20.49 -16.71
CA ASN D 183 8.32 19.79 -17.41
C ASN D 183 8.53 18.28 -17.60
N THR D 184 9.77 17.83 -17.72
CA THR D 184 10.04 16.39 -17.81
C THR D 184 11.19 16.01 -16.89
N ARG D 185 11.28 14.72 -16.51
CA ARG D 185 12.37 14.25 -15.66
C ARG D 185 13.72 14.59 -16.29
N ASP D 186 13.83 14.34 -17.59
CA ASP D 186 15.07 14.60 -18.31
C ASP D 186 15.48 16.08 -18.19
N LYS D 187 14.52 16.99 -18.26
CA LYS D 187 14.84 18.41 -18.15
C LYS D 187 15.11 18.79 -16.70
N GLY D 188 14.55 18.02 -15.77
CA GLY D 188 14.88 18.17 -14.37
C GLY D 188 16.36 17.94 -14.18
N VAL D 189 16.86 16.86 -14.77
CA VAL D 189 18.27 16.51 -14.67
C VAL D 189 19.16 17.55 -15.35
N SER D 190 18.83 17.90 -16.59
CA SER D 190 19.64 18.86 -17.33
C SER D 190 19.69 20.21 -16.61
N SER D 191 18.63 20.53 -15.85
CA SER D 191 18.59 21.80 -15.10
C SER D 191 19.61 21.81 -13.97
N VAL D 192 19.79 20.67 -13.31
CA VAL D 192 20.79 20.54 -12.25
C VAL D 192 22.21 20.65 -12.81
N MET D 193 22.45 20.04 -13.97
CA MET D 193 23.74 20.15 -14.63
C MET D 193 24.01 21.61 -14.96
N PHE D 194 22.99 22.29 -15.47
CA PHE D 194 23.16 23.68 -15.87
C PHE D 194 23.47 24.57 -14.68
N LEU D 195 22.67 24.45 -13.63
CA LEU D 195 22.82 25.33 -12.49
C LEU D 195 24.15 25.09 -11.76
N MET D 196 24.66 23.86 -11.79
CA MET D 196 25.95 23.58 -11.14
C MET D 196 27.12 24.15 -11.97
N ASP D 197 27.07 23.96 -13.28
CA ASP D 197 28.01 24.63 -14.19
C ASP D 197 28.00 26.14 -13.92
N LEU D 198 26.81 26.70 -13.79
CA LEU D 198 26.70 28.14 -13.59
C LEU D 198 27.41 28.58 -12.30
N ALA D 199 27.10 27.91 -11.20
CA ALA D 199 27.64 28.31 -9.91
C ALA D 199 29.15 28.10 -9.85
N GLN D 200 29.62 27.05 -10.50
CA GLN D 200 31.04 26.73 -10.49
C GLN D 200 31.81 27.76 -11.31
N ARG D 201 31.30 28.06 -12.49
CA ARG D 201 31.90 29.03 -13.38
C ARG D 201 32.06 30.38 -12.72
N TYR D 202 31.06 30.79 -11.95
CA TYR D 202 31.08 32.11 -11.34
C TYR D 202 31.52 32.10 -9.89
N GLY D 203 31.82 30.92 -9.36
CA GLY D 203 32.25 30.81 -7.98
C GLY D 203 31.21 31.21 -6.95
N ARG D 204 29.97 30.78 -7.16
CA ARG D 204 28.90 31.11 -6.24
C ARG D 204 28.42 29.91 -5.44
N LEU D 205 27.70 30.18 -4.37
CA LEU D 205 27.05 29.12 -3.58
C LEU D 205 25.87 28.56 -4.35
N VAL D 206 25.32 27.43 -3.89
CA VAL D 206 24.15 26.81 -4.53
C VAL D 206 23.09 26.56 -3.47
N ASP D 207 21.83 26.75 -3.81
CA ASP D 207 20.74 26.40 -2.90
C ASP D 207 19.50 26.10 -3.73
N VAL D 208 19.20 24.82 -3.84
CA VAL D 208 18.18 24.32 -4.74
C VAL D 208 16.88 23.95 -4.03
N HIS D 209 15.75 24.44 -4.54
CA HIS D 209 14.45 23.91 -4.11
C HIS D 209 14.40 22.51 -4.70
N CYS D 210 14.61 21.50 -3.86
CA CYS D 210 14.90 20.17 -4.37
C CYS D 210 13.89 19.14 -3.91
N ASP D 211 13.12 18.63 -4.87
CA ASP D 211 12.13 17.59 -4.61
C ASP D 211 11.09 18.03 -3.60
N GLU D 212 10.59 19.26 -3.77
CA GLU D 212 9.53 19.78 -2.90
C GLU D 212 8.18 19.22 -3.37
N ILE D 213 7.97 17.93 -3.16
CA ILE D 213 6.83 17.22 -3.71
C ILE D 213 6.74 15.84 -3.02
N ASP D 214 5.54 15.31 -2.87
CA ASP D 214 5.38 14.04 -2.14
C ASP D 214 5.62 12.77 -2.97
N ASP D 215 6.01 12.94 -4.25
CA ASP D 215 6.24 11.81 -5.15
C ASP D 215 7.54 11.09 -4.81
N PRO D 216 7.45 9.81 -4.39
CA PRO D 216 8.66 9.06 -4.03
C PRO D 216 9.65 8.88 -5.19
N GLN D 217 9.22 9.14 -6.42
CA GLN D 217 10.14 9.09 -7.54
C GLN D 217 10.82 10.43 -7.90
N SER D 218 10.53 11.49 -7.16
CA SER D 218 11.26 12.74 -7.34
C SER D 218 12.65 12.60 -6.71
N ARG D 219 13.64 12.35 -7.55
CA ARG D 219 14.97 11.93 -7.10
C ARG D 219 16.04 12.80 -7.73
N PHE D 220 15.85 14.12 -7.68
CA PHE D 220 16.85 15.03 -8.23
C PHE D 220 17.96 15.32 -7.22
N LEU D 221 17.66 15.08 -5.95
CA LEU D 221 18.70 15.15 -4.91
C LEU D 221 19.94 14.35 -5.26
N GLU D 222 19.76 13.11 -5.75
CA GLU D 222 20.93 12.29 -6.06
C GLU D 222 21.78 12.97 -7.14
N VAL D 223 21.11 13.64 -8.07
CA VAL D 223 21.83 14.29 -9.17
C VAL D 223 22.59 15.47 -8.61
N LEU D 224 21.93 16.27 -7.78
CA LEU D 224 22.56 17.42 -7.13
C LEU D 224 23.75 17.01 -6.26
N ALA D 225 23.54 16.05 -5.37
CA ALA D 225 24.63 15.58 -4.49
C ALA D 225 25.82 15.01 -5.27
N GLU D 226 25.55 14.28 -6.35
CA GLU D 226 26.63 13.70 -7.13
C GLU D 226 27.47 14.78 -7.84
N GLU D 227 26.83 15.79 -8.43
CA GLU D 227 27.59 16.91 -9.03
C GLU D 227 28.42 17.63 -7.97
N ALA D 228 27.82 17.88 -6.81
CA ALA D 228 28.58 18.53 -5.72
C ALA D 228 29.80 17.71 -5.34
N ARG D 229 29.63 16.40 -5.22
CA ARG D 229 30.72 15.52 -4.84
C ARG D 229 31.80 15.51 -5.90
N VAL D 230 31.39 15.34 -7.16
CA VAL D 230 32.35 15.26 -8.25
C VAL D 230 33.14 16.55 -8.42
N ARG D 231 32.48 17.69 -8.20
CA ARG D 231 33.13 18.99 -8.37
C ARG D 231 33.80 19.54 -7.10
N GLY D 232 33.81 18.78 -6.03
CA GLY D 232 34.41 19.22 -4.77
C GLY D 232 33.75 20.46 -4.17
N MET D 233 32.46 20.59 -4.40
CA MET D 233 31.70 21.80 -4.02
C MET D 233 30.73 21.59 -2.85
N GLY D 234 30.76 20.42 -2.23
CA GLY D 234 29.80 20.08 -1.18
C GLY D 234 29.45 21.17 -0.19
N ALA D 235 30.48 21.79 0.37
CA ALA D 235 30.31 22.75 1.43
C ALA D 235 29.58 23.97 0.95
N GLN D 236 29.69 24.25 -0.35
CA GLN D 236 29.06 25.42 -0.91
C GLN D 236 27.66 25.09 -1.42
N VAL D 237 27.20 23.85 -1.20
CA VAL D 237 25.89 23.41 -1.73
C VAL D 237 24.86 23.04 -0.66
N THR D 238 23.64 23.55 -0.84
CA THR D 238 22.50 23.24 0.01
C THR D 238 21.31 22.70 -0.80
N ALA D 239 20.67 21.65 -0.29
CA ALA D 239 19.38 21.21 -0.82
C ALA D 239 18.27 21.62 0.13
N SER D 240 17.46 22.59 -0.26
CA SER D 240 16.28 22.96 0.51
C SER D 240 15.15 21.96 0.26
N HIS D 241 14.32 21.76 1.29
CA HIS D 241 13.12 20.92 1.27
C HIS D 241 13.34 19.40 1.28
N THR D 242 13.71 18.84 0.13
CA THR D 242 13.85 17.38 -0.04
C THR D 242 12.67 16.65 0.61
N CYS D 243 11.48 17.23 0.46
CA CYS D 243 10.25 16.65 1.00
C CYS D 243 10.09 15.22 0.52
N ALA D 244 10.42 14.97 -0.73
CA ALA D 244 10.22 13.63 -1.29
C ALA D 244 10.99 12.54 -0.51
N MET D 245 12.12 12.91 0.09
CA MET D 245 12.91 11.96 0.88
C MET D 245 12.06 11.38 2.03
N GLY D 246 11.15 12.18 2.57
CA GLY D 246 10.24 11.69 3.60
C GLY D 246 9.23 10.67 3.04
N SER D 247 9.31 10.41 1.74
CA SER D 247 8.49 9.38 1.11
C SER D 247 9.29 8.32 0.32
N TYR D 248 10.62 8.42 0.33
CA TYR D 248 11.44 7.46 -0.44
C TYR D 248 11.33 6.01 0.02
N ASP D 249 11.43 5.12 -0.95
CA ASP D 249 11.69 3.71 -0.68
C ASP D 249 12.91 3.67 0.26
N ASN D 250 12.86 2.83 1.28
CA ASN D 250 13.89 2.88 2.31
C ASN D 250 15.19 2.21 1.92
N ALA D 251 15.09 1.26 1.00
CA ALA D 251 16.29 0.60 0.48
C ALA D 251 17.06 1.62 -0.35
N TYR D 252 16.33 2.36 -1.19
CA TYR D 252 16.94 3.41 -2.02
C TYR D 252 17.54 4.49 -1.13
N CYS D 253 16.83 4.88 -0.07
CA CYS D 253 17.26 6.01 0.73
C CYS D 253 18.51 5.70 1.53
N SER D 254 18.63 4.45 1.96
CA SER D 254 19.78 3.98 2.73
C SER D 254 21.00 3.98 1.84
N LYS D 255 20.84 3.50 0.61
CA LYS D 255 21.90 3.59 -0.37
C LYS D 255 22.27 5.05 -0.61
N LEU D 256 21.25 5.88 -0.78
CA LEU D 256 21.42 7.30 -1.07
C LEU D 256 22.17 8.07 0.00
N PHE D 257 21.91 7.74 1.26
CA PHE D 257 22.60 8.42 2.38
C PHE D 257 24.13 8.36 2.26
N ARG D 258 24.65 7.25 1.73
CA ARG D 258 26.09 7.12 1.51
C ARG D 258 26.64 8.27 0.65
N LEU D 259 25.97 8.51 -0.46
CA LEU D 259 26.28 9.64 -1.34
C LEU D 259 26.00 10.98 -0.66
N LEU D 260 24.90 11.08 0.09
CA LEU D 260 24.62 12.34 0.76
C LEU D 260 25.76 12.70 1.72
N LYS D 261 26.21 11.72 2.49
CA LYS D 261 27.31 11.95 3.43
C LYS D 261 28.59 12.33 2.70
N ALA D 262 28.93 11.55 1.68
CA ALA D 262 30.17 11.77 0.97
C ALA D 262 30.18 13.10 0.21
N SER D 263 29.02 13.60 -0.21
CA SER D 263 29.00 14.84 -0.98
C SER D 263 29.27 16.07 -0.12
N GLY D 264 28.84 16.01 1.13
CA GLY D 264 29.09 17.07 2.07
C GLY D 264 28.10 18.21 2.03
N ILE D 265 27.10 18.12 1.16
CA ILE D 265 26.13 19.20 1.00
C ILE D 265 25.27 19.44 2.24
N ASN D 266 24.66 20.62 2.30
CA ASN D 266 23.83 20.98 3.43
C ASN D 266 22.34 20.78 3.14
N PHE D 267 21.54 20.62 4.19
CA PHE D 267 20.10 20.44 4.07
C PHE D 267 19.32 21.50 4.83
N ILE D 268 18.25 22.00 4.21
CA ILE D 268 17.36 22.93 4.89
C ILE D 268 15.95 22.34 4.84
N SER D 269 15.25 22.38 5.99
CA SER D 269 13.86 21.92 6.06
C SER D 269 12.94 23.04 6.53
N CYS D 270 11.74 23.12 5.95
CA CYS D 270 10.78 24.15 6.31
C CYS D 270 9.51 23.52 6.89
N PRO D 271 9.52 23.26 8.21
CA PRO D 271 8.49 22.38 8.77
C PRO D 271 7.10 23.00 8.80
N THR D 272 6.96 24.30 9.05
CA THR D 272 5.63 24.90 9.05
C THR D 272 5.13 25.01 7.61
N GLU D 273 6.06 25.28 6.69
CA GLU D 273 5.67 25.40 5.29
C GLU D 273 5.24 24.05 4.73
N SER D 274 6.04 23.02 5.00
CA SER D 274 5.77 21.72 4.38
C SER D 274 4.59 20.98 5.06
N ILE D 275 4.37 21.24 6.34
CA ILE D 275 3.22 20.61 7.01
C ILE D 275 1.91 21.15 6.38
N HIS D 276 1.97 22.39 5.91
CA HIS D 276 0.85 23.06 5.25
C HIS D 276 0.72 22.61 3.79
N LEU D 277 1.85 22.65 3.06
CA LEU D 277 1.84 22.33 1.62
C LEU D 277 1.85 20.84 1.25
N GLN D 278 2.43 20.01 2.11
CA GLN D 278 2.55 18.59 1.83
C GLN D 278 1.40 17.78 2.41
N GLY D 279 1.26 16.55 1.93
CA GLY D 279 0.18 15.67 2.36
C GLY D 279 -1.14 16.08 1.73
N ARG D 280 -1.12 16.99 0.77
CA ARG D 280 -2.36 17.52 0.17
C ARG D 280 -3.00 16.58 -0.85
N PHE D 281 -2.23 15.61 -1.30
CA PHE D 281 -2.71 14.69 -2.33
C PHE D 281 -2.93 13.29 -1.78
N ASP D 282 -2.78 13.15 -0.46
CA ASP D 282 -3.16 11.94 0.24
C ASP D 282 -4.63 12.09 0.67
N SER D 283 -5.30 10.97 0.90
CA SER D 283 -6.50 11.04 1.72
C SER D 283 -6.07 10.75 3.15
N TRP D 284 -6.28 9.52 3.58
CA TRP D 284 -5.96 9.14 4.93
C TRP D 284 -5.43 7.72 4.90
N PRO D 285 -4.34 7.44 5.64
CA PRO D 285 -3.56 8.37 6.46
C PRO D 285 -2.81 9.42 5.63
N LYS D 286 -2.54 10.56 6.25
CA LYS D 286 -1.94 11.70 5.57
C LYS D 286 -0.48 11.85 6.03
N ARG D 287 0.47 11.79 5.10
CA ARG D 287 1.88 11.90 5.46
C ARG D 287 2.25 13.31 5.95
N ARG D 288 3.29 13.36 6.75
CA ARG D 288 3.83 14.64 7.20
C ARG D 288 4.49 15.40 6.03
N GLY D 289 5.25 14.69 5.21
CA GLY D 289 5.81 15.27 4.00
C GLY D 289 7.05 16.12 4.27
N VAL D 290 7.73 15.86 5.37
CA VAL D 290 8.93 16.61 5.72
C VAL D 290 10.12 15.67 5.55
N THR D 291 11.27 16.21 5.14
CA THR D 291 12.46 15.39 4.94
C THR D 291 12.91 14.69 6.21
N ARG D 292 13.88 13.78 6.10
CA ARG D 292 14.29 12.96 7.25
C ARG D 292 15.32 13.67 8.12
N VAL D 293 14.93 14.78 8.75
CA VAL D 293 15.85 15.61 9.53
C VAL D 293 16.67 14.90 10.65
N ALA D 294 15.99 14.23 11.57
CA ALA D 294 16.70 13.57 12.68
C ALA D 294 17.70 12.58 12.12
N GLU D 295 17.32 11.89 11.05
CA GLU D 295 18.15 10.87 10.42
C GLU D 295 19.37 11.48 9.72
N LEU D 296 19.15 12.59 9.01
CA LEU D 296 20.28 13.32 8.42
C LEU D 296 21.29 13.73 9.50
N ASP D 297 20.76 14.30 10.59
CA ASP D 297 21.57 14.80 11.68
C ASP D 297 22.37 13.67 12.36
N ARG D 298 21.72 12.51 12.55
CA ARG D 298 22.37 11.38 13.18
C ARG D 298 23.45 10.80 12.29
N ALA D 299 23.29 10.98 10.98
CA ALA D 299 24.27 10.52 10.00
C ALA D 299 25.48 11.48 9.88
N GLY D 300 25.50 12.53 10.70
CA GLY D 300 26.60 13.48 10.68
C GLY D 300 26.46 14.51 9.58
N ILE D 301 25.27 14.59 8.98
CA ILE D 301 24.98 15.54 7.92
C ILE D 301 24.36 16.80 8.51
N ASN D 302 24.84 17.95 8.04
CA ASN D 302 24.31 19.23 8.52
C ASN D 302 22.93 19.60 7.96
N VAL D 303 21.97 19.76 8.87
CA VAL D 303 20.58 20.13 8.50
C VAL D 303 20.09 21.25 9.44
N CYS D 304 19.18 22.09 8.96
CA CYS D 304 18.68 23.20 9.78
C CYS D 304 17.26 23.58 9.36
N PHE D 305 16.61 24.46 10.12
CA PHE D 305 15.20 24.83 9.93
C PHE D 305 15.04 26.25 9.39
N ALA D 306 13.96 26.48 8.64
CA ALA D 306 13.68 27.80 8.09
C ALA D 306 12.18 28.11 8.02
N GLN D 307 11.86 29.39 8.00
CA GLN D 307 10.47 29.85 7.90
C GLN D 307 9.87 29.77 6.49
N ASP D 308 10.70 30.02 5.48
CA ASP D 308 10.30 29.94 4.07
C ASP D 308 9.41 31.11 3.61
N SER D 309 8.20 31.19 4.18
CA SER D 309 7.22 32.20 3.78
C SER D 309 6.71 33.01 4.95
N ILE D 310 6.40 34.28 4.70
CA ILE D 310 5.61 35.08 5.63
C ILE D 310 4.49 35.79 4.88
N GLN D 311 3.26 35.32 5.10
CA GLN D 311 2.06 35.88 4.46
C GLN D 311 2.23 36.06 2.95
N ASP D 312 2.44 34.95 2.24
CA ASP D 312 2.60 35.00 0.79
C ASP D 312 1.64 34.00 0.10
N PRO D 313 1.72 33.84 -1.24
CA PRO D 313 0.81 32.88 -1.89
C PRO D 313 0.83 31.45 -1.35
N TRP D 314 1.91 31.06 -0.69
CA TRP D 314 2.05 29.68 -0.27
C TRP D 314 1.72 29.44 1.21
N TYR D 315 1.59 30.52 1.98
CA TYR D 315 1.50 30.41 3.44
C TYR D 315 0.90 31.69 4.02
N PRO D 316 -0.27 31.58 4.66
CA PRO D 316 -1.01 32.75 5.16
C PRO D 316 -0.52 33.31 6.49
N LEU D 317 0.33 32.60 7.22
CA LEU D 317 0.77 33.05 8.55
C LEU D 317 2.22 33.55 8.55
N GLY D 318 2.82 33.62 9.73
CA GLY D 318 4.20 34.05 9.83
C GLY D 318 4.38 35.36 10.57
N ASN D 319 5.33 35.40 11.49
CA ASN D 319 5.61 36.61 12.24
C ASN D 319 7.09 36.93 12.34
N GLY D 320 7.95 36.08 11.76
CA GLY D 320 9.39 36.30 11.81
C GLY D 320 10.11 35.52 12.91
N ASN D 321 9.34 34.87 13.78
CA ASN D 321 9.93 34.16 14.91
C ASN D 321 10.41 32.75 14.58
N ILE D 322 11.72 32.59 14.39
CA ILE D 322 12.27 31.29 14.04
C ILE D 322 12.07 30.23 15.14
N LEU D 323 11.86 30.67 16.38
CA LEU D 323 11.71 29.73 17.49
C LEU D 323 10.39 28.94 17.38
N ARG D 324 9.40 29.55 16.72
CA ARG D 324 8.12 28.88 16.50
C ARG D 324 8.33 27.74 15.50
N ILE D 325 9.13 28.01 14.48
CA ILE D 325 9.51 27.03 13.48
C ILE D 325 10.36 25.91 14.09
N LEU D 326 11.22 26.26 15.04
CA LEU D 326 12.04 25.26 15.74
C LEU D 326 11.13 24.30 16.50
N ASP D 327 10.17 24.87 17.22
CA ASP D 327 9.15 24.10 17.94
C ASP D 327 8.45 23.11 16.98
N ALA D 328 7.91 23.61 15.87
CA ALA D 328 7.25 22.74 14.88
C ALA D 328 8.13 21.62 14.33
N GLY D 329 9.36 21.96 13.96
CA GLY D 329 10.28 20.96 13.44
C GLY D 329 10.58 19.82 14.39
N LEU D 330 10.86 20.13 15.65
CA LEU D 330 11.11 19.09 16.65
C LEU D 330 9.91 18.15 16.81
N HIS D 331 8.71 18.69 16.79
CA HIS D 331 7.50 17.86 16.87
C HIS D 331 7.32 16.98 15.63
N ILE D 332 7.35 17.62 14.46
CA ILE D 332 6.97 16.93 13.23
C ILE D 332 8.02 15.88 12.87
N CYS D 333 9.26 16.13 13.27
CA CYS D 333 10.38 15.29 12.87
C CYS D 333 10.78 14.31 13.98
N HIS D 334 9.96 14.25 15.04
CA HIS D 334 10.22 13.34 16.16
C HIS D 334 11.60 13.57 16.80
N MET D 335 11.85 14.80 17.18
CA MET D 335 13.11 15.20 17.79
C MET D 335 12.86 15.87 19.15
N LEU D 336 11.99 15.25 19.95
CA LEU D 336 11.70 15.74 21.30
C LEU D 336 12.35 14.89 22.39
N GLY D 337 13.35 14.11 22.02
CA GLY D 337 14.16 13.41 23.02
C GLY D 337 14.92 14.41 23.87
N TYR D 338 15.28 14.04 25.09
CA TYR D 338 15.96 15.00 25.96
C TYR D 338 17.34 15.39 25.45
N ASP D 339 18.04 14.45 24.82
CA ASP D 339 19.31 14.76 24.19
C ASP D 339 19.10 15.75 23.05
N ASP D 340 18.04 15.55 22.25
CA ASP D 340 17.71 16.46 21.17
C ASP D 340 17.49 17.85 21.74
N LEU D 341 16.64 17.94 22.76
CA LEU D 341 16.24 19.23 23.32
C LEU D 341 17.38 20.04 23.95
N GLN D 342 18.38 19.33 24.47
CA GLN D 342 19.52 20.01 25.08
C GLN D 342 20.41 20.77 24.09
N ARG D 343 20.25 20.49 22.80
CA ARG D 343 21.10 21.09 21.76
C ARG D 343 20.29 21.64 20.57
N CYS D 344 18.97 21.72 20.73
CA CYS D 344 18.07 22.08 19.64
C CYS D 344 18.34 23.43 18.96
N LEU D 345 18.90 24.39 19.70
CA LEU D 345 19.25 25.69 19.09
C LEU D 345 20.22 25.56 17.91
N ASP D 346 21.01 24.47 17.90
CA ASP D 346 21.82 24.12 16.74
C ASP D 346 21.08 24.35 15.43
N PHE D 347 19.80 23.95 15.40
CA PHE D 347 19.07 23.92 14.15
C PHE D 347 18.63 25.29 13.65
N VAL D 348 18.83 26.31 14.49
CA VAL D 348 18.50 27.68 14.08
C VAL D 348 19.63 28.66 14.34
N THR D 349 20.81 28.14 14.66
CA THR D 349 22.01 28.96 14.79
C THR D 349 23.21 28.37 14.04
N ASP D 350 23.99 27.53 14.72
CA ASP D 350 25.24 27.01 14.15
C ASP D 350 25.09 26.27 12.81
N ASN D 351 24.06 25.43 12.71
CA ASN D 351 23.86 24.64 11.50
C ASN D 351 23.49 25.50 10.30
N SER D 352 22.64 26.48 10.54
CA SER D 352 22.21 27.40 9.51
C SER D 352 23.37 28.28 9.04
N ALA D 353 24.19 28.74 9.98
CA ALA D 353 25.38 29.51 9.63
C ALA D 353 26.30 28.68 8.75
N ARG D 354 26.38 27.39 9.06
CA ARG D 354 27.24 26.50 8.29
C ARG D 354 26.74 26.38 6.85
N ALA D 355 25.43 26.28 6.69
CA ALA D 355 24.82 26.21 5.35
C ALA D 355 25.06 27.50 4.56
N LEU D 356 25.08 28.63 5.25
CA LEU D 356 25.34 29.93 4.63
C LEU D 356 26.83 30.25 4.46
N CYS D 357 27.68 29.30 4.88
CA CYS D 357 29.14 29.45 4.81
C CYS D 357 29.61 30.74 5.48
N LEU D 358 29.02 31.08 6.62
CA LEU D 358 29.38 32.33 7.28
C LEU D 358 30.78 32.30 7.92
N GLY D 359 31.26 31.10 8.26
CA GLY D 359 32.63 30.97 8.73
C GLY D 359 32.98 31.83 9.93
N ASP D 360 34.09 32.57 9.85
CA ASP D 360 34.55 33.42 10.95
C ASP D 360 33.69 34.67 11.19
N ASN D 361 32.71 34.89 10.33
CA ASN D 361 31.79 36.00 10.47
C ASN D 361 30.64 35.66 11.43
N TYR D 362 30.70 34.47 12.01
CA TYR D 362 29.64 34.00 12.91
C TYR D 362 30.20 33.21 14.09
N GLY D 363 29.57 33.34 15.26
CA GLY D 363 29.97 32.57 16.43
C GLY D 363 30.60 33.45 17.49
N LEU D 364 30.44 33.03 18.75
CA LEU D 364 31.04 33.75 19.87
C LEU D 364 32.46 33.28 20.14
N ALA D 365 33.41 33.86 19.41
CA ALA D 365 34.84 33.63 19.66
C ALA D 365 35.57 34.96 19.62
N GLU D 366 36.61 35.10 20.43
CA GLU D 366 37.44 36.31 20.40
C GLU D 366 37.87 36.62 18.97
N GLY D 367 37.62 37.84 18.52
CA GLY D 367 38.04 38.27 17.20
C GLY D 367 36.94 38.31 16.16
N ARG D 368 35.85 37.59 16.43
CA ARG D 368 34.71 37.56 15.50
C ARG D 368 33.80 38.77 15.71
N PRO D 369 32.90 39.06 14.75
CA PRO D 369 32.01 40.20 14.89
C PRO D 369 31.19 40.19 16.17
N ALA D 370 30.97 41.36 16.75
CA ALA D 370 30.14 41.50 17.94
C ALA D 370 28.66 41.46 17.58
N ASN D 371 28.24 40.29 17.10
CA ASN D 371 26.84 40.05 16.79
C ASN D 371 26.32 38.98 17.73
N LEU D 372 25.42 39.35 18.63
CA LEU D 372 24.85 38.38 19.55
C LEU D 372 23.52 38.81 20.13
N LEU D 373 22.85 37.85 20.76
CA LEU D 373 21.58 38.05 21.42
C LEU D 373 21.68 37.68 22.89
N ILE D 374 20.81 38.24 23.71
CA ILE D 374 20.57 37.69 25.04
C ILE D 374 19.15 37.16 25.07
N LEU D 375 19.00 35.84 25.25
CA LEU D 375 17.70 35.22 25.32
C LEU D 375 17.19 35.19 26.75
N ASP D 376 15.89 35.33 26.92
CA ASP D 376 15.30 35.19 28.24
C ASP D 376 15.18 33.72 28.64
N ALA D 377 16.32 33.04 28.70
CA ALA D 377 16.39 31.63 29.12
C ALA D 377 17.82 31.21 29.44
N GLU D 378 17.96 30.12 30.20
CA GLU D 378 19.29 29.67 30.66
C GLU D 378 19.90 28.59 29.79
N ASN D 379 19.09 27.95 28.95
CA ASN D 379 19.52 26.81 28.15
C ASN D 379 18.57 26.54 26.97
N ASP D 380 18.98 25.66 26.06
CA ASP D 380 18.20 25.32 24.87
C ASP D 380 16.78 24.87 25.18
N TYR D 381 16.66 23.98 26.15
CA TYR D 381 15.39 23.38 26.50
C TYR D 381 14.37 24.44 26.91
N GLU D 382 14.77 25.32 27.83
CA GLU D 382 13.88 26.36 28.30
C GLU D 382 13.58 27.39 27.21
N ALA D 383 14.56 27.64 26.34
CA ALA D 383 14.37 28.55 25.21
C ALA D 383 13.22 28.08 24.31
N VAL D 384 13.20 26.81 23.98
CA VAL D 384 12.17 26.32 23.07
C VAL D 384 10.85 26.07 23.82
N ARG D 385 10.93 25.66 25.08
CA ARG D 385 9.72 25.33 25.82
C ARG D 385 8.90 26.58 26.09
N ARG D 386 9.59 27.67 26.39
CA ARG D 386 8.92 28.91 26.74
C ARG D 386 8.85 29.88 25.56
N GLN D 387 9.53 29.52 24.47
CA GLN D 387 9.63 30.38 23.29
C GLN D 387 10.21 31.71 23.76
N ALA D 388 11.38 31.61 24.36
CA ALA D 388 11.99 32.72 25.09
C ALA D 388 12.17 33.96 24.23
N ARG D 389 11.96 35.11 24.84
CA ARG D 389 12.07 36.39 24.15
C ARG D 389 13.53 36.75 23.92
N VAL D 390 13.77 37.50 22.86
CA VAL D 390 15.07 38.13 22.66
C VAL D 390 15.04 39.44 23.46
N LEU D 391 15.81 39.49 24.54
CA LEU D 391 15.85 40.69 25.37
C LEU D 391 16.80 41.75 24.80
N THR D 392 17.87 41.29 24.17
CA THR D 392 18.83 42.21 23.59
C THR D 392 19.41 41.64 22.31
N SER D 393 19.45 42.46 21.28
CA SER D 393 20.13 42.11 20.04
C SER D 393 21.23 43.13 19.80
N ILE D 394 22.46 42.63 19.72
CA ILE D 394 23.62 43.50 19.50
C ILE D 394 24.21 43.20 18.13
N ARG D 395 24.49 44.24 17.36
CA ARG D 395 25.05 44.06 16.02
C ARG D 395 26.19 45.03 15.78
N HIS D 396 27.31 44.50 15.29
CA HIS D 396 28.52 45.29 15.08
C HIS D 396 28.89 46.07 16.33
N GLY D 397 28.71 45.44 17.48
CA GLY D 397 29.03 46.04 18.76
C GLY D 397 28.02 47.01 19.33
N LYS D 398 26.93 47.25 18.60
CA LYS D 398 25.92 48.20 19.04
C LYS D 398 24.59 47.52 19.35
N VAL D 399 23.87 48.04 20.34
CA VAL D 399 22.54 47.55 20.66
C VAL D 399 21.56 48.03 19.61
N ILE D 400 20.93 47.09 18.90
CA ILE D 400 19.95 47.48 17.89
C ILE D 400 18.51 47.13 18.31
N LEU D 401 18.39 46.36 19.38
CA LEU D 401 17.08 46.01 19.90
C LEU D 401 17.14 45.79 21.41
N GLN D 402 16.19 46.36 22.14
CA GLN D 402 16.12 46.16 23.58
C GLN D 402 14.67 45.91 24.02
N ARG D 403 14.43 44.74 24.62
CA ARG D 403 13.12 44.40 25.16
C ARG D 403 13.15 44.43 26.67
N GLU D 404 12.00 44.71 27.27
CA GLU D 404 11.85 44.61 28.70
C GLU D 404 11.49 43.17 29.06
N VAL D 405 12.06 42.67 30.16
CA VAL D 405 11.68 41.37 30.70
C VAL D 405 10.20 41.39 31.08
N GLU D 406 9.47 40.32 30.78
CA GLU D 406 8.05 40.27 31.09
C GLU D 406 7.78 40.33 32.60
N HIS D 407 6.87 41.23 32.98
CA HIS D 407 6.42 41.29 34.37
C HIS D 407 4.90 41.17 34.44
N ILE D 408 4.42 39.96 34.68
CA ILE D 408 3.00 39.70 34.85
C ILE D 408 2.55 40.14 36.25
N ARG D 409 1.39 40.78 36.33
CA ARG D 409 0.86 41.21 37.63
C ARG D 409 -0.52 40.61 37.93
N TYR D 410 -0.76 40.34 39.22
CA TYR D 410 -2.00 39.72 39.67
C TYR D 410 -2.68 40.58 40.73
N PRO D 411 -3.65 41.41 40.30
CA PRO D 411 -4.34 42.38 41.16
C PRO D 411 -5.23 41.69 42.18
N ALA D 412 -5.54 42.39 43.26
CA ALA D 412 -6.34 41.82 44.33
C ALA D 412 -7.35 42.84 44.86
N MET E 1 -49.88 -22.92 -30.19
CA MET E 1 -49.10 -22.30 -31.25
C MET E 1 -47.72 -22.96 -31.39
N LYS E 2 -47.25 -23.11 -32.62
CA LYS E 2 -45.96 -23.73 -32.88
C LYS E 2 -44.90 -22.71 -33.29
N ILE E 3 -43.72 -22.87 -32.72
CA ILE E 3 -42.57 -22.06 -33.10
C ILE E 3 -41.58 -22.94 -33.85
N ILE E 4 -41.25 -22.53 -35.07
CA ILE E 4 -40.46 -23.35 -35.97
C ILE E 4 -39.08 -22.71 -36.15
N ASN E 5 -38.06 -23.54 -36.37
CA ASN E 5 -36.72 -23.07 -36.69
C ASN E 5 -36.10 -22.30 -35.55
N ALA E 6 -36.24 -22.81 -34.33
CA ALA E 6 -35.66 -22.15 -33.16
C ALA E 6 -34.31 -22.75 -32.76
N ARG E 7 -33.34 -21.90 -32.40
CA ARG E 7 -32.10 -22.37 -31.77
C ARG E 7 -32.31 -22.50 -30.28
N LEU E 8 -31.76 -23.55 -29.71
CA LEU E 8 -31.77 -23.71 -28.25
C LEU E 8 -30.33 -23.63 -27.77
N ARG E 9 -30.12 -22.99 -26.63
CA ARG E 9 -28.79 -22.58 -26.19
C ARG E 9 -27.70 -23.64 -26.26
N ARG E 10 -26.54 -23.21 -26.77
CA ARG E 10 -25.34 -24.04 -26.90
C ARG E 10 -25.52 -25.33 -27.71
N GLN E 11 -26.53 -25.32 -28.58
CA GLN E 11 -26.74 -26.42 -29.52
C GLN E 11 -26.71 -25.87 -30.94
N GLU E 12 -26.49 -26.77 -31.92
CA GLU E 12 -26.38 -26.37 -33.31
C GLU E 12 -27.63 -26.71 -34.11
N ALA E 13 -28.42 -27.65 -33.61
CA ALA E 13 -29.62 -28.11 -34.31
C ALA E 13 -30.77 -27.09 -34.24
N LEU E 14 -31.75 -27.28 -35.10
CA LEU E 14 -32.95 -26.46 -35.04
C LEU E 14 -34.08 -27.20 -34.33
N PHE E 15 -35.04 -26.45 -33.79
CA PHE E 15 -36.11 -27.05 -32.99
C PHE E 15 -37.48 -26.43 -33.25
N THR E 16 -38.50 -27.26 -33.14
CA THR E 16 -39.88 -26.81 -33.15
C THR E 16 -40.42 -26.92 -31.74
N LEU E 17 -40.99 -25.83 -31.22
CA LEU E 17 -41.64 -25.85 -29.92
C LEU E 17 -43.15 -25.75 -30.07
N ASP E 18 -43.86 -26.76 -29.56
CA ASP E 18 -45.31 -26.80 -29.60
C ASP E 18 -45.90 -26.31 -28.27
N LEU E 19 -46.47 -25.11 -28.29
CA LEU E 19 -47.08 -24.53 -27.10
C LEU E 19 -48.61 -24.76 -27.10
N GLN E 20 -49.11 -25.49 -26.09
CA GLN E 20 -50.56 -25.70 -25.94
C GLN E 20 -50.96 -25.57 -24.49
N ASP E 21 -52.20 -25.15 -24.22
CA ASP E 21 -52.77 -25.17 -22.88
C ASP E 21 -52.03 -24.27 -21.86
N GLY E 22 -51.13 -23.42 -22.35
CA GLY E 22 -50.39 -22.54 -21.46
C GLY E 22 -49.04 -23.13 -21.07
N ILE E 23 -48.78 -24.34 -21.57
CA ILE E 23 -47.52 -25.01 -21.26
C ILE E 23 -46.79 -25.39 -22.54
N ILE E 24 -45.55 -25.85 -22.39
CA ILE E 24 -44.77 -26.36 -23.50
C ILE E 24 -45.12 -27.83 -23.69
N HIS E 25 -45.81 -28.12 -24.77
CA HIS E 25 -46.37 -29.45 -24.98
C HIS E 25 -45.34 -30.41 -25.56
N ARG E 26 -44.51 -29.89 -26.45
CA ARG E 26 -43.56 -30.72 -27.17
C ARG E 26 -42.43 -29.86 -27.70
N ILE E 27 -41.21 -30.35 -27.55
CA ILE E 27 -40.03 -29.73 -28.15
C ILE E 27 -39.36 -30.77 -29.02
N THR E 28 -39.20 -30.46 -30.31
CA THR E 28 -38.75 -31.45 -31.26
C THR E 28 -37.64 -30.94 -32.17
N ALA E 29 -36.56 -31.72 -32.25
CA ALA E 29 -35.44 -31.41 -33.12
C ALA E 29 -35.88 -31.54 -34.57
N GLN E 30 -35.48 -30.59 -35.40
CA GLN E 30 -35.83 -30.59 -36.82
C GLN E 30 -34.66 -31.14 -37.64
N ALA E 31 -34.98 -31.69 -38.80
CA ALA E 31 -33.95 -32.15 -39.73
C ALA E 31 -33.13 -30.97 -40.19
N ALA E 32 -33.83 -29.92 -40.62
CA ALA E 32 -33.20 -28.71 -41.10
C ALA E 32 -34.17 -27.55 -40.93
N MET E 33 -33.84 -26.43 -41.57
CA MET E 33 -34.73 -25.29 -41.62
C MET E 33 -35.99 -25.71 -42.38
N GLN E 34 -37.16 -25.31 -41.88
CA GLN E 34 -38.44 -25.66 -42.51
C GLN E 34 -39.22 -24.43 -42.95
N THR E 35 -40.13 -24.62 -43.90
CA THR E 35 -41.07 -23.56 -44.24
C THR E 35 -42.14 -23.54 -43.16
N ALA E 36 -42.33 -22.40 -42.51
CA ALA E 36 -43.34 -22.29 -41.46
C ALA E 36 -44.72 -22.11 -42.07
N ASP E 37 -45.72 -22.70 -41.41
CA ASP E 37 -47.10 -22.57 -41.83
C ASP E 37 -47.64 -21.18 -41.49
N ALA E 38 -48.59 -20.70 -42.29
CA ALA E 38 -49.19 -19.38 -42.11
C ALA E 38 -49.54 -19.02 -40.66
N GLY E 39 -50.06 -19.99 -39.90
CA GLY E 39 -50.45 -19.75 -38.53
C GLY E 39 -49.39 -20.06 -37.49
N ALA E 40 -48.14 -20.24 -37.93
CA ALA E 40 -47.06 -20.57 -37.01
C ALA E 40 -46.10 -19.41 -36.88
N ILE E 41 -45.31 -19.43 -35.81
CA ILE E 41 -44.26 -18.43 -35.63
C ILE E 41 -42.94 -18.95 -36.18
N ASP E 42 -42.34 -18.20 -37.10
CA ASP E 42 -41.06 -18.60 -37.67
C ASP E 42 -39.90 -17.85 -37.00
N ALA E 43 -39.13 -18.58 -36.19
CA ALA E 43 -37.98 -18.00 -35.48
C ALA E 43 -36.79 -17.75 -36.38
N GLN E 44 -36.82 -18.31 -37.59
CA GLN E 44 -35.77 -18.10 -38.59
C GLN E 44 -34.34 -18.32 -38.11
N GLY E 45 -34.10 -19.37 -37.34
CA GLY E 45 -32.75 -19.66 -36.90
C GLY E 45 -32.32 -18.88 -35.66
N ARG E 46 -33.23 -18.06 -35.12
CA ARG E 46 -32.92 -17.28 -33.93
C ARG E 46 -33.07 -18.11 -32.65
N LEU E 47 -32.46 -17.61 -31.57
CA LEU E 47 -32.44 -18.30 -30.31
C LEU E 47 -33.74 -18.10 -29.54
N ALA E 48 -34.36 -19.22 -29.13
CA ALA E 48 -35.43 -19.17 -28.13
C ALA E 48 -34.84 -19.48 -26.76
N ILE E 49 -35.18 -18.66 -25.77
CA ILE E 49 -34.71 -18.86 -24.40
C ILE E 49 -35.85 -18.66 -23.41
N PRO E 50 -35.72 -19.19 -22.20
CA PRO E 50 -36.66 -18.83 -21.13
C PRO E 50 -36.48 -17.32 -20.83
N PRO E 51 -37.41 -16.71 -20.08
CA PRO E 51 -37.38 -15.24 -19.95
C PRO E 51 -36.17 -14.73 -19.20
N PHE E 52 -35.75 -13.50 -19.50
CA PHE E 52 -34.74 -12.84 -18.69
C PHE E 52 -35.30 -12.65 -17.29
N VAL E 53 -34.39 -12.55 -16.32
CA VAL E 53 -34.78 -12.39 -14.94
C VAL E 53 -34.16 -11.11 -14.45
N GLU E 54 -34.90 -10.35 -13.65
CA GLU E 54 -34.31 -9.21 -12.96
C GLU E 54 -34.35 -9.52 -11.47
N PRO E 55 -33.27 -10.13 -10.94
CA PRO E 55 -33.36 -10.68 -9.58
C PRO E 55 -33.16 -9.62 -8.49
N HIS E 56 -32.95 -8.39 -8.89
CA HIS E 56 -32.65 -7.38 -7.90
C HIS E 56 -32.96 -5.99 -8.40
N ILE E 57 -34.11 -5.44 -7.99
CA ILE E 57 -34.47 -4.08 -8.40
C ILE E 57 -35.19 -3.37 -7.27
N HIS E 58 -35.18 -2.04 -7.27
CA HIS E 58 -35.99 -1.27 -6.31
C HIS E 58 -37.18 -0.57 -6.97
N LEU E 59 -38.31 -1.27 -7.05
CA LEU E 59 -39.50 -0.72 -7.67
C LEU E 59 -40.12 0.41 -6.86
N ASP E 60 -39.89 0.43 -5.55
CA ASP E 60 -40.43 1.50 -4.72
C ASP E 60 -39.74 2.83 -5.02
N ALA E 61 -38.46 2.75 -5.40
CA ALA E 61 -37.63 3.93 -5.58
C ALA E 61 -37.47 4.40 -7.04
N THR E 62 -37.83 3.54 -7.99
CA THR E 62 -37.68 3.85 -9.42
C THR E 62 -38.34 5.15 -9.88
N LEU E 63 -37.75 5.77 -10.89
CA LEU E 63 -38.24 7.02 -11.49
C LEU E 63 -38.36 8.21 -10.52
N THR E 64 -37.44 8.33 -9.57
CA THR E 64 -37.48 9.46 -8.64
C THR E 64 -36.17 10.26 -8.62
N ALA E 65 -35.24 9.92 -9.50
CA ALA E 65 -33.95 10.62 -9.56
C ALA E 65 -34.14 12.13 -9.69
N GLY E 66 -33.34 12.86 -8.91
CA GLY E 66 -33.34 14.31 -8.94
C GLY E 66 -34.40 14.97 -8.06
N GLU E 67 -35.20 14.16 -7.36
CA GLU E 67 -36.29 14.70 -6.55
C GLU E 67 -36.12 14.41 -5.06
N PRO E 68 -35.90 15.45 -4.23
CA PRO E 68 -35.96 16.87 -4.57
C PRO E 68 -34.62 17.40 -5.08
N GLU E 69 -33.54 16.68 -4.79
CA GLU E 69 -32.20 17.05 -5.23
C GLU E 69 -31.55 15.82 -5.80
N TRP E 70 -30.41 16.02 -6.47
CA TRP E 70 -29.62 14.90 -6.98
C TRP E 70 -28.62 14.34 -5.94
N ASN E 71 -28.24 13.07 -6.11
CA ASN E 71 -27.11 12.47 -5.42
C ASN E 71 -25.85 13.02 -6.08
N ARG E 72 -25.36 14.17 -5.58
CA ARG E 72 -24.22 14.84 -6.22
C ARG E 72 -22.89 14.10 -6.09
N SER E 73 -22.69 13.39 -4.98
CA SER E 73 -21.46 12.63 -4.77
C SER E 73 -21.43 11.30 -5.51
N GLY E 74 -22.58 10.82 -5.96
CA GLY E 74 -22.67 9.49 -6.53
C GLY E 74 -22.28 8.37 -5.56
N THR E 75 -22.67 8.49 -4.29
CA THR E 75 -22.41 7.45 -3.29
C THR E 75 -23.68 6.76 -2.75
N LEU E 76 -23.52 5.55 -2.22
CA LEU E 76 -24.59 4.83 -1.55
C LEU E 76 -25.24 5.70 -0.49
N PHE E 77 -24.39 6.30 0.34
CA PHE E 77 -24.84 7.06 1.51
C PHE E 77 -25.61 8.34 1.18
N GLU E 78 -25.16 9.11 0.20
CA GLU E 78 -25.95 10.28 -0.19
C GLU E 78 -27.26 9.84 -0.85
N GLY E 79 -27.22 8.73 -1.60
CA GLY E 79 -28.42 8.12 -2.16
C GLY E 79 -29.46 7.83 -1.10
N ILE E 80 -29.00 7.26 0.01
CA ILE E 80 -29.87 6.96 1.15
C ILE E 80 -30.45 8.25 1.71
N THR E 81 -29.61 9.28 1.85
CA THR E 81 -30.07 10.60 2.27
C THR E 81 -31.11 11.22 1.33
N ARG E 82 -30.86 11.15 0.02
CA ARG E 82 -31.83 11.68 -0.95
C ARG E 82 -33.13 10.89 -0.89
N TRP E 83 -33.02 9.57 -0.78
CA TRP E 83 -34.22 8.73 -0.69
C TRP E 83 -35.09 9.08 0.52
N SER E 84 -34.46 9.33 1.66
CA SER E 84 -35.18 9.74 2.86
C SER E 84 -35.94 11.04 2.62
N GLN E 85 -35.34 11.96 1.87
CA GLN E 85 -36.05 13.17 1.49
C GLN E 85 -37.27 12.86 0.62
N ARG E 86 -37.11 11.95 -0.32
CA ARG E 86 -38.13 11.73 -1.34
C ARG E 86 -39.38 11.00 -0.85
N LYS E 87 -39.19 10.01 0.02
CA LYS E 87 -40.30 9.14 0.41
C LYS E 87 -41.32 9.81 1.34
N ALA E 88 -41.01 11.04 1.76
CA ALA E 88 -41.95 11.81 2.55
C ALA E 88 -43.17 12.21 1.71
N SER E 89 -43.00 12.27 0.39
CA SER E 89 -44.07 12.76 -0.48
C SER E 89 -44.77 11.66 -1.28
N ILE E 90 -44.33 10.41 -1.11
CA ILE E 90 -44.90 9.31 -1.87
C ILE E 90 -46.30 8.89 -1.41
N THR E 91 -47.22 8.78 -2.35
CA THR E 91 -48.58 8.28 -2.10
C THR E 91 -48.67 6.86 -2.66
N PRO E 92 -49.62 6.06 -2.16
CA PRO E 92 -49.82 4.69 -2.68
C PRO E 92 -50.04 4.67 -4.19
N GLU E 93 -50.78 5.63 -4.73
CA GLU E 93 -51.00 5.70 -6.16
C GLU E 93 -49.72 6.05 -6.91
N ASP E 94 -48.88 6.90 -6.33
CA ASP E 94 -47.60 7.26 -6.96
C ASP E 94 -46.62 6.09 -6.97
N THR E 95 -46.61 5.30 -5.89
CA THR E 95 -45.84 4.05 -5.85
C THR E 95 -46.29 3.12 -6.97
N ARG E 96 -47.60 2.94 -7.11
CA ARG E 96 -48.13 2.04 -8.11
C ARG E 96 -47.78 2.52 -9.53
N GLN E 97 -47.90 3.81 -9.77
CA GLN E 97 -47.70 4.33 -11.13
C GLN E 97 -46.25 4.18 -11.58
N ARG E 98 -45.32 4.60 -10.74
CA ARG E 98 -43.91 4.47 -11.10
C ARG E 98 -43.52 3.00 -11.23
N ALA E 99 -43.99 2.16 -10.34
CA ALA E 99 -43.62 0.74 -10.39
C ALA E 99 -44.17 0.06 -11.65
N LEU E 100 -45.43 0.36 -12.01
CA LEU E 100 -46.00 -0.20 -13.22
C LEU E 100 -45.20 0.25 -14.43
N LYS E 101 -44.75 1.50 -14.41
CA LYS E 101 -44.02 2.05 -15.55
C LYS E 101 -42.72 1.31 -15.76
N THR E 102 -41.98 1.13 -14.68
CA THR E 102 -40.72 0.43 -14.79
C THR E 102 -40.92 -1.05 -15.12
N ILE E 103 -41.99 -1.64 -14.62
CA ILE E 103 -42.34 -3.01 -14.97
C ILE E 103 -42.58 -3.11 -16.48
N GLY E 104 -43.17 -2.07 -17.04
CA GLY E 104 -43.34 -1.97 -18.48
C GLY E 104 -42.03 -2.03 -19.25
N MET E 105 -41.03 -1.26 -18.81
CA MET E 105 -39.69 -1.31 -19.42
C MET E 105 -39.08 -2.71 -19.35
N LEU E 106 -39.19 -3.34 -18.19
CA LEU E 106 -38.68 -4.71 -18.00
C LEU E 106 -39.33 -5.67 -18.99
N ARG E 107 -40.66 -5.59 -19.09
CA ARG E 107 -41.44 -6.33 -20.06
C ARG E 107 -40.87 -6.10 -21.47
N ASP E 108 -40.64 -4.84 -21.78
CA ASP E 108 -40.17 -4.44 -23.11
C ASP E 108 -38.88 -5.14 -23.50
N PHE E 109 -38.09 -5.53 -22.49
CA PHE E 109 -36.80 -6.18 -22.72
C PHE E 109 -36.76 -7.63 -22.26
N GLY E 110 -37.92 -8.27 -22.26
CA GLY E 110 -37.99 -9.71 -22.10
C GLY E 110 -38.02 -10.25 -20.68
N VAL E 111 -38.17 -9.37 -19.70
CA VAL E 111 -38.13 -9.79 -18.31
C VAL E 111 -39.50 -10.23 -17.81
N GLN E 112 -39.60 -11.48 -17.36
CA GLN E 112 -40.87 -11.98 -16.83
C GLN E 112 -40.76 -12.39 -15.35
N HIS E 113 -39.54 -12.29 -14.81
CA HIS E 113 -39.32 -12.63 -13.41
C HIS E 113 -38.53 -11.52 -12.74
N VAL E 114 -39.08 -11.01 -11.65
CA VAL E 114 -38.59 -9.82 -10.99
C VAL E 114 -38.60 -10.04 -9.48
N ARG E 115 -37.48 -9.76 -8.82
CA ARG E 115 -37.42 -9.69 -7.37
C ARG E 115 -37.14 -8.25 -6.98
N THR E 116 -38.08 -7.62 -6.30
CA THR E 116 -37.94 -6.22 -5.94
C THR E 116 -37.75 -6.07 -4.43
N HIS E 117 -36.85 -5.18 -4.05
CA HIS E 117 -36.73 -4.83 -2.65
C HIS E 117 -37.68 -3.67 -2.39
N VAL E 118 -38.17 -3.60 -1.16
CA VAL E 118 -39.05 -2.52 -0.76
C VAL E 118 -38.61 -2.04 0.61
N ASP E 119 -38.37 -0.73 0.71
CA ASP E 119 -37.97 -0.10 1.96
C ASP E 119 -39.11 -0.21 2.96
N VAL E 120 -38.85 -0.86 4.09
CA VAL E 120 -39.86 -1.03 5.12
C VAL E 120 -39.62 -0.18 6.36
N THR E 121 -38.95 0.98 6.22
CA THR E 121 -38.79 1.89 7.36
C THR E 121 -40.13 2.47 7.77
N ASP E 122 -40.93 2.81 6.76
CA ASP E 122 -42.26 3.38 6.98
C ASP E 122 -43.09 2.47 7.89
N PRO E 123 -43.41 2.93 9.11
CA PRO E 123 -44.25 2.14 10.03
C PRO E 123 -45.60 1.78 9.44
N SER E 124 -46.06 2.59 8.48
CA SER E 124 -47.33 2.32 7.82
C SER E 124 -47.17 1.28 6.72
N LEU E 125 -45.93 0.99 6.32
CA LEU E 125 -45.67 0.03 5.25
C LEU E 125 -46.51 0.29 4.00
N ALA E 126 -46.64 1.55 3.60
CA ALA E 126 -47.50 1.89 2.46
C ALA E 126 -46.96 1.41 1.12
N ALA E 127 -45.65 1.52 0.92
CA ALA E 127 -45.02 1.05 -0.33
C ALA E 127 -45.12 -0.46 -0.46
N LEU E 128 -44.92 -1.16 0.66
CA LEU E 128 -45.06 -2.60 0.68
C LEU E 128 -46.47 -3.03 0.24
N GLN E 129 -47.49 -2.40 0.82
CA GLN E 129 -48.88 -2.73 0.49
C GLN E 129 -49.20 -2.50 -0.99
N ALA E 130 -48.74 -1.38 -1.54
CA ALA E 130 -48.99 -1.09 -2.95
C ALA E 130 -48.30 -2.09 -3.87
N LEU E 131 -47.10 -2.53 -3.51
CA LEU E 131 -46.36 -3.49 -4.35
C LEU E 131 -46.89 -4.92 -4.22
N LEU E 132 -47.43 -5.24 -3.05
CA LEU E 132 -48.16 -6.49 -2.85
C LEU E 132 -49.36 -6.53 -3.82
N ALA E 133 -50.00 -5.38 -3.99
CA ALA E 133 -51.11 -5.28 -4.93
C ALA E 133 -50.63 -5.35 -6.37
N VAL E 134 -49.57 -4.61 -6.69
CA VAL E 134 -48.96 -4.62 -8.03
C VAL E 134 -48.60 -6.04 -8.49
N LYS E 135 -48.16 -6.85 -7.53
CA LYS E 135 -47.79 -8.22 -7.80
C LYS E 135 -48.95 -9.01 -8.42
N GLN E 136 -50.17 -8.69 -8.01
CA GLN E 136 -51.36 -9.30 -8.60
C GLN E 136 -51.77 -8.57 -9.87
N GLU E 137 -51.85 -7.25 -9.81
CA GLU E 137 -52.15 -6.43 -10.98
C GLU E 137 -51.29 -6.78 -12.21
N ALA E 138 -49.98 -6.88 -12.02
CA ALA E 138 -49.07 -7.07 -13.15
C ALA E 138 -48.69 -8.53 -13.41
N ALA E 139 -49.41 -9.45 -12.78
CA ALA E 139 -49.08 -10.88 -12.93
C ALA E 139 -49.28 -11.39 -14.35
N ASP E 140 -49.91 -10.57 -15.19
CA ASP E 140 -50.06 -10.90 -16.60
C ASP E 140 -48.78 -10.63 -17.40
N LEU E 141 -47.87 -9.86 -16.79
CA LEU E 141 -46.58 -9.53 -17.43
C LEU E 141 -45.38 -10.16 -16.72
N ILE E 142 -45.47 -10.33 -15.41
CA ILE E 142 -44.33 -10.83 -14.62
C ILE E 142 -44.76 -11.62 -13.39
N ASP E 143 -43.85 -12.45 -12.88
CA ASP E 143 -44.03 -13.05 -11.56
C ASP E 143 -43.14 -12.26 -10.60
N LEU E 144 -43.77 -11.53 -9.67
CA LEU E 144 -43.02 -10.64 -8.78
C LEU E 144 -42.80 -11.19 -7.37
N GLN E 145 -41.54 -11.24 -6.95
CA GLN E 145 -41.16 -11.48 -5.55
C GLN E 145 -40.87 -10.15 -4.84
N ILE E 146 -41.21 -10.08 -3.56
CA ILE E 146 -41.05 -8.86 -2.78
C ILE E 146 -40.13 -9.06 -1.57
N VAL E 147 -39.08 -8.24 -1.46
CA VAL E 147 -38.15 -8.32 -0.34
C VAL E 147 -38.40 -7.22 0.69
N ALA E 148 -38.65 -7.60 1.93
CA ALA E 148 -38.73 -6.64 3.03
C ALA E 148 -37.32 -6.13 3.33
N PHE E 149 -37.05 -4.90 2.92
CA PHE E 149 -35.71 -4.33 2.92
C PHE E 149 -35.61 -3.24 3.97
N PRO E 150 -34.85 -3.50 5.03
CA PRO E 150 -34.76 -2.49 6.09
C PRO E 150 -33.73 -1.42 5.73
N GLN E 151 -34.08 -0.50 4.83
CA GLN E 151 -33.11 0.48 4.31
C GLN E 151 -32.28 1.20 5.37
N GLU E 152 -32.91 1.58 6.49
CA GLU E 152 -32.20 2.37 7.50
C GLU E 152 -31.70 1.53 8.68
N GLY E 153 -31.64 0.22 8.48
CA GLY E 153 -31.16 -0.69 9.51
C GLY E 153 -32.25 -1.38 10.31
N ILE E 154 -31.93 -2.58 10.78
CA ILE E 154 -32.82 -3.35 11.63
C ILE E 154 -32.61 -3.01 13.10
N GLU E 155 -31.36 -2.78 13.49
CA GLU E 155 -31.03 -2.67 14.91
C GLU E 155 -31.04 -1.29 15.53
N SER E 156 -30.96 -0.23 14.73
CA SER E 156 -30.92 1.09 15.35
C SER E 156 -32.12 1.95 15.02
N TYR E 157 -32.66 1.76 13.82
CA TYR E 157 -33.88 2.45 13.44
C TYR E 157 -35.00 2.02 14.40
N PRO E 158 -35.79 2.99 14.88
CA PRO E 158 -36.92 2.76 15.81
C PRO E 158 -37.87 1.65 15.36
N ASN E 159 -38.14 0.70 16.26
CA ASN E 159 -39.02 -0.43 16.00
C ASN E 159 -38.59 -1.30 14.79
N GLY E 160 -37.28 -1.33 14.55
CA GLY E 160 -36.75 -2.02 13.38
C GLY E 160 -37.12 -3.49 13.24
N ARG E 161 -36.98 -4.26 14.32
CA ARG E 161 -37.29 -5.68 14.30
C ARG E 161 -38.80 -5.90 14.14
N GLU E 162 -39.56 -5.05 14.82
CA GLU E 162 -41.02 -5.11 14.75
C GLU E 162 -41.52 -4.90 13.32
N LEU E 163 -40.89 -3.98 12.60
CA LEU E 163 -41.30 -3.66 11.22
C LEU E 163 -41.00 -4.80 10.26
N MET E 164 -39.81 -5.39 10.40
CA MET E 164 -39.42 -6.53 9.58
C MET E 164 -40.41 -7.67 9.77
N THR E 165 -40.75 -7.93 11.04
CA THR E 165 -41.66 -8.99 11.38
C THR E 165 -43.04 -8.69 10.76
N ARG E 166 -43.52 -7.46 10.95
CA ARG E 166 -44.81 -7.05 10.38
C ARG E 166 -44.82 -7.14 8.85
N ALA E 167 -43.73 -6.72 8.22
CA ALA E 167 -43.58 -6.79 6.77
C ALA E 167 -43.70 -8.22 6.27
N ILE E 168 -43.10 -9.15 7.00
CA ILE E 168 -43.17 -10.55 6.63
C ILE E 168 -44.61 -11.07 6.77
N GLU E 169 -45.24 -10.81 7.91
CA GLU E 169 -46.62 -11.24 8.15
C GLU E 169 -47.58 -10.70 7.08
N MET E 170 -47.29 -9.49 6.62
CA MET E 170 -48.08 -8.83 5.60
C MET E 170 -47.98 -9.52 4.24
N GLY E 171 -46.89 -10.27 4.04
CA GLY E 171 -46.78 -11.14 2.88
C GLY E 171 -45.51 -11.03 2.03
N ALA E 172 -44.51 -10.31 2.51
CA ALA E 172 -43.22 -10.25 1.82
C ALA E 172 -42.65 -11.65 1.66
N ASP E 173 -42.25 -12.00 0.44
CA ASP E 173 -41.79 -13.35 0.12
C ASP E 173 -40.37 -13.57 0.63
N VAL E 174 -39.62 -12.48 0.76
CA VAL E 174 -38.18 -12.54 0.99
C VAL E 174 -37.77 -11.62 2.14
N VAL E 175 -36.84 -12.06 2.97
CA VAL E 175 -36.33 -11.25 4.08
C VAL E 175 -35.02 -10.58 3.67
N GLY E 176 -34.98 -9.25 3.76
CA GLY E 176 -33.79 -8.51 3.39
C GLY E 176 -32.93 -8.09 4.58
N GLY E 177 -31.92 -7.28 4.30
CA GLY E 177 -31.06 -6.80 5.36
C GLY E 177 -30.00 -5.85 4.84
N ILE E 178 -29.28 -5.24 5.77
CA ILE E 178 -28.23 -4.29 5.36
C ILE E 178 -27.17 -4.19 6.49
N PRO E 179 -26.48 -5.29 6.77
CA PRO E 179 -25.60 -5.32 7.97
C PRO E 179 -24.47 -4.29 7.97
N HIS E 180 -23.95 -3.95 6.80
CA HIS E 180 -22.81 -3.03 6.71
C HIS E 180 -23.22 -1.61 7.07
N TYR E 181 -24.53 -1.36 7.05
CA TYR E 181 -25.07 -0.06 7.37
C TYR E 181 -25.58 0.06 8.81
N GLU E 182 -25.66 -1.07 9.54
CA GLU E 182 -25.94 -1.00 10.97
C GLU E 182 -24.85 -0.16 11.66
N ASN E 183 -25.22 0.53 12.73
CA ASN E 183 -24.34 1.52 13.35
C ASN E 183 -23.04 1.01 13.94
N THR E 184 -23.01 -0.25 14.33
CA THR E 184 -21.79 -0.88 14.83
C THR E 184 -21.65 -2.26 14.23
N ARG E 185 -20.45 -2.81 14.30
CA ARG E 185 -20.18 -4.15 13.78
C ARG E 185 -21.00 -5.19 14.53
N ASP E 186 -21.02 -5.09 15.85
CA ASP E 186 -21.77 -6.04 16.67
C ASP E 186 -23.26 -6.03 16.28
N LYS E 187 -23.80 -4.86 16.01
CA LYS E 187 -25.19 -4.78 15.55
C LYS E 187 -25.39 -5.26 14.12
N GLY E 188 -24.37 -5.13 13.29
CA GLY E 188 -24.39 -5.75 11.98
C GLY E 188 -24.55 -7.27 12.13
N VAL E 189 -23.76 -7.86 13.03
CA VAL E 189 -23.82 -9.30 13.28
C VAL E 189 -25.17 -9.73 13.85
N SER E 190 -25.68 -8.97 14.81
CA SER E 190 -26.97 -9.33 15.40
C SER E 190 -28.13 -9.18 14.41
N SER E 191 -28.00 -8.25 13.46
CA SER E 191 -29.05 -8.04 12.46
C SER E 191 -29.19 -9.27 11.56
N VAL E 192 -28.06 -9.91 11.28
CA VAL E 192 -28.06 -11.11 10.45
C VAL E 192 -28.65 -12.28 11.23
N MET E 193 -28.30 -12.39 12.52
CA MET E 193 -28.89 -13.43 13.36
C MET E 193 -30.42 -13.31 13.37
N PHE E 194 -30.91 -12.08 13.59
CA PHE E 194 -32.35 -11.82 13.62
C PHE E 194 -33.07 -12.15 12.32
N LEU E 195 -32.54 -11.66 11.20
CA LEU E 195 -33.21 -11.79 9.91
C LEU E 195 -33.26 -13.24 9.47
N MET E 196 -32.20 -13.99 9.79
CA MET E 196 -32.20 -15.42 9.51
C MET E 196 -33.23 -16.16 10.38
N ASP E 197 -33.40 -15.73 11.63
CA ASP E 197 -34.37 -16.37 12.52
C ASP E 197 -35.76 -16.12 11.99
N LEU E 198 -35.95 -14.89 11.55
CA LEU E 198 -37.22 -14.43 11.02
C LEU E 198 -37.58 -15.25 9.78
N ALA E 199 -36.62 -15.40 8.87
CA ALA E 199 -36.85 -16.12 7.62
C ALA E 199 -37.17 -17.59 7.90
N GLN E 200 -36.42 -18.20 8.81
CA GLN E 200 -36.54 -19.61 9.06
C GLN E 200 -37.84 -19.89 9.80
N ARG E 201 -38.23 -18.96 10.67
CA ARG E 201 -39.43 -19.12 11.46
C ARG E 201 -40.66 -19.10 10.53
N TYR E 202 -40.61 -18.24 9.52
CA TYR E 202 -41.76 -18.02 8.64
C TYR E 202 -41.70 -18.76 7.30
N GLY E 203 -40.62 -19.50 7.08
CA GLY E 203 -40.44 -20.24 5.84
C GLY E 203 -40.30 -19.33 4.63
N ARG E 204 -39.51 -18.26 4.76
CA ARG E 204 -39.34 -17.30 3.66
C ARG E 204 -37.96 -17.37 3.07
N LEU E 205 -37.79 -16.74 1.90
CA LEU E 205 -36.49 -16.64 1.25
C LEU E 205 -35.69 -15.48 1.86
N VAL E 206 -34.37 -15.49 1.65
CA VAL E 206 -33.50 -14.42 2.14
C VAL E 206 -32.72 -13.76 0.99
N ASP E 207 -32.64 -12.43 1.00
CA ASP E 207 -31.77 -11.72 0.05
C ASP E 207 -31.23 -10.48 0.73
N VAL E 208 -29.98 -10.55 1.18
CA VAL E 208 -29.43 -9.47 1.98
C VAL E 208 -28.59 -8.49 1.11
N HIS E 209 -28.70 -7.19 1.36
CA HIS E 209 -27.71 -6.26 0.82
C HIS E 209 -26.46 -6.41 1.70
N CYS E 210 -25.49 -7.18 1.23
CA CYS E 210 -24.43 -7.66 2.08
C CYS E 210 -23.10 -7.02 1.68
N ASP E 211 -22.54 -6.22 2.59
CA ASP E 211 -21.24 -5.57 2.39
C ASP E 211 -21.14 -4.72 1.12
N GLU E 212 -22.17 -3.90 0.84
CA GLU E 212 -22.12 -2.98 -0.29
C GLU E 212 -21.26 -1.77 0.09
N ILE E 213 -19.96 -2.01 0.23
CA ILE E 213 -19.03 -1.01 0.71
C ILE E 213 -17.61 -1.46 0.36
N ASP E 214 -16.68 -0.52 0.19
CA ASP E 214 -15.32 -0.88 -0.24
C ASP E 214 -14.36 -1.18 0.91
N ASP E 215 -14.88 -1.20 2.14
CA ASP E 215 -14.08 -1.50 3.33
C ASP E 215 -13.71 -2.99 3.38
N PRO E 216 -12.39 -3.31 3.31
CA PRO E 216 -11.97 -4.72 3.33
C PRO E 216 -12.34 -5.44 4.63
N GLN E 217 -12.69 -4.70 5.67
CA GLN E 217 -13.11 -5.32 6.92
C GLN E 217 -14.62 -5.47 7.04
N SER E 218 -15.36 -5.09 6.02
CA SER E 218 -16.80 -5.38 6.01
C SER E 218 -16.96 -6.85 5.67
N ARG E 219 -17.21 -7.67 6.70
CA ARG E 219 -17.23 -9.14 6.55
C ARG E 219 -18.50 -9.75 7.11
N PHE E 220 -19.64 -9.20 6.71
CA PHE E 220 -20.88 -9.72 7.20
C PHE E 220 -21.32 -10.92 6.39
N LEU E 221 -20.77 -11.03 5.18
CA LEU E 221 -20.96 -12.23 4.37
C LEU E 221 -20.66 -13.53 5.11
N GLU E 222 -19.55 -13.61 5.85
CA GLU E 222 -19.21 -14.87 6.55
C GLU E 222 -20.32 -15.20 7.56
N VAL E 223 -20.93 -14.17 8.13
CA VAL E 223 -21.93 -14.39 9.16
C VAL E 223 -23.16 -14.95 8.48
N LEU E 224 -23.57 -14.33 7.37
CA LEU E 224 -24.75 -14.77 6.62
C LEU E 224 -24.53 -16.16 6.07
N ALA E 225 -23.37 -16.40 5.45
CA ALA E 225 -23.09 -17.73 4.90
C ALA E 225 -23.02 -18.86 5.94
N GLU E 226 -22.52 -18.56 7.13
CA GLU E 226 -22.48 -19.61 8.16
C GLU E 226 -23.86 -19.94 8.69
N GLU E 227 -24.67 -18.90 8.90
CA GLU E 227 -26.06 -19.10 9.31
C GLU E 227 -26.82 -19.96 8.32
N ALA E 228 -26.66 -19.68 7.03
CA ALA E 228 -27.29 -20.49 5.99
C ALA E 228 -26.81 -21.95 6.01
N ARG E 229 -25.52 -22.16 6.24
CA ARG E 229 -24.97 -23.51 6.31
C ARG E 229 -25.48 -24.29 7.52
N VAL E 230 -25.51 -23.64 8.68
CA VAL E 230 -25.97 -24.29 9.92
C VAL E 230 -27.44 -24.67 9.85
N ARG E 231 -28.24 -23.77 9.29
CA ARG E 231 -29.70 -23.96 9.22
C ARG E 231 -30.14 -24.83 8.04
N GLY E 232 -29.22 -25.16 7.15
CA GLY E 232 -29.54 -25.92 5.95
C GLY E 232 -30.38 -25.11 4.97
N MET E 233 -30.10 -23.82 4.90
CA MET E 233 -30.93 -22.87 4.16
C MET E 233 -30.30 -22.30 2.89
N GLY E 234 -29.18 -22.89 2.45
CA GLY E 234 -28.41 -22.34 1.34
C GLY E 234 -29.21 -21.98 0.10
N ALA E 235 -30.01 -22.93 -0.38
CA ALA E 235 -30.78 -22.72 -1.60
C ALA E 235 -31.70 -21.50 -1.47
N GLN E 236 -32.13 -21.20 -0.25
CA GLN E 236 -33.12 -20.14 -0.03
C GLN E 236 -32.50 -18.76 0.22
N VAL E 237 -31.18 -18.69 0.24
CA VAL E 237 -30.47 -17.47 0.64
C VAL E 237 -29.68 -16.85 -0.51
N THR E 238 -29.74 -15.53 -0.62
CA THR E 238 -28.94 -14.81 -1.58
C THR E 238 -28.21 -13.67 -0.87
N ALA E 239 -26.95 -13.49 -1.24
CA ALA E 239 -26.20 -12.33 -0.77
C ALA E 239 -26.05 -11.39 -1.95
N SER E 240 -26.71 -10.23 -1.89
CA SER E 240 -26.57 -9.25 -2.97
C SER E 240 -25.35 -8.36 -2.75
N HIS E 241 -24.76 -7.94 -3.86
CA HIS E 241 -23.60 -7.03 -3.91
C HIS E 241 -22.28 -7.68 -3.52
N THR E 242 -22.07 -7.84 -2.21
CA THR E 242 -20.78 -8.28 -1.64
C THR E 242 -19.58 -7.55 -2.24
N CYS E 243 -19.72 -6.23 -2.44
CA CYS E 243 -18.67 -5.42 -3.05
C CYS E 243 -17.35 -5.52 -2.30
N ALA E 244 -17.42 -5.59 -0.98
CA ALA E 244 -16.24 -5.64 -0.15
C ALA E 244 -15.31 -6.79 -0.52
N MET E 245 -15.91 -7.89 -0.98
CA MET E 245 -15.16 -9.07 -1.41
C MET E 245 -14.16 -8.69 -2.52
N GLY E 246 -14.53 -7.70 -3.34
CA GLY E 246 -13.65 -7.21 -4.39
C GLY E 246 -12.41 -6.52 -3.81
N SER E 247 -12.40 -6.38 -2.48
CA SER E 247 -11.36 -5.66 -1.78
C SER E 247 -10.76 -6.49 -0.62
N TYR E 248 -11.18 -7.75 -0.51
CA TYR E 248 -10.74 -8.59 0.61
C TYR E 248 -9.27 -8.96 0.55
N ASP E 249 -8.69 -9.13 1.72
CA ASP E 249 -7.38 -9.76 1.87
C ASP E 249 -7.45 -11.10 1.18
N ASN E 250 -6.40 -11.47 0.44
CA ASN E 250 -6.49 -12.66 -0.42
C ASN E 250 -6.46 -13.98 0.36
N ALA E 251 -5.62 -14.07 1.39
CA ALA E 251 -5.60 -15.25 2.26
C ALA E 251 -6.95 -15.44 2.97
N TYR E 252 -7.53 -14.35 3.47
CA TYR E 252 -8.87 -14.42 4.05
C TYR E 252 -9.90 -14.89 3.03
N CYS E 253 -9.85 -14.32 1.83
CA CYS E 253 -10.88 -14.63 0.86
C CYS E 253 -10.80 -16.08 0.38
N SER E 254 -9.59 -16.60 0.31
CA SER E 254 -9.40 -18.00 -0.04
C SER E 254 -10.02 -18.90 1.03
N LYS E 255 -9.78 -18.57 2.30
CA LYS E 255 -10.34 -19.33 3.41
C LYS E 255 -11.86 -19.23 3.40
N LEU E 256 -12.36 -18.00 3.18
CA LEU E 256 -13.80 -17.76 3.12
C LEU E 256 -14.54 -18.57 2.05
N PHE E 257 -13.93 -18.74 0.88
CA PHE E 257 -14.60 -19.44 -0.25
C PHE E 257 -15.05 -20.85 0.12
N ARG E 258 -14.30 -21.48 1.01
CA ARG E 258 -14.62 -22.83 1.46
C ARG E 258 -15.99 -22.80 2.14
N LEU E 259 -16.23 -21.77 2.94
CA LEU E 259 -17.52 -21.57 3.58
C LEU E 259 -18.61 -21.24 2.57
N LEU E 260 -18.34 -20.27 1.70
CA LEU E 260 -19.28 -19.89 0.66
C LEU E 260 -19.76 -21.10 -0.10
N LYS E 261 -18.83 -21.97 -0.49
CA LYS E 261 -19.17 -23.16 -1.24
C LYS E 261 -19.99 -24.14 -0.38
N ALA E 262 -19.54 -24.41 0.85
CA ALA E 262 -20.31 -25.29 1.74
C ALA E 262 -21.72 -24.75 2.01
N SER E 263 -21.86 -23.43 2.11
CA SER E 263 -23.12 -22.82 2.52
C SER E 263 -24.22 -23.04 1.48
N GLY E 264 -23.84 -23.10 0.21
CA GLY E 264 -24.80 -23.27 -0.86
C GLY E 264 -25.55 -22.02 -1.27
N ILE E 265 -25.21 -20.86 -0.69
CA ILE E 265 -25.97 -19.64 -1.01
C ILE E 265 -25.69 -19.11 -2.41
N ASN E 266 -26.62 -18.27 -2.89
CA ASN E 266 -26.54 -17.57 -4.17
C ASN E 266 -25.94 -16.17 -4.03
N PHE E 267 -25.35 -15.67 -5.12
CA PHE E 267 -24.84 -14.30 -5.21
C PHE E 267 -25.44 -13.45 -6.35
N ILE E 268 -25.72 -12.18 -6.06
CA ILE E 268 -26.11 -11.24 -7.08
C ILE E 268 -25.09 -10.09 -7.14
N SER E 269 -24.67 -9.76 -8.35
CA SER E 269 -23.82 -8.61 -8.56
C SER E 269 -24.55 -7.62 -9.45
N CYS E 270 -24.40 -6.33 -9.15
CA CYS E 270 -25.00 -5.27 -9.96
C CYS E 270 -23.86 -4.40 -10.49
N PRO E 271 -23.33 -4.76 -11.67
CA PRO E 271 -22.12 -4.13 -12.21
C PRO E 271 -22.28 -2.65 -12.57
N THR E 272 -23.37 -2.27 -13.21
CA THR E 272 -23.52 -0.85 -13.59
C THR E 272 -23.78 -0.02 -12.33
N GLU E 273 -24.46 -0.60 -11.36
CA GLU E 273 -24.76 0.13 -10.13
C GLU E 273 -23.46 0.36 -9.33
N SER E 274 -22.62 -0.66 -9.28
CA SER E 274 -21.48 -0.66 -8.37
C SER E 274 -20.30 0.10 -8.98
N ILE E 275 -20.18 0.03 -10.30
CA ILE E 275 -19.15 0.81 -10.98
C ILE E 275 -19.41 2.30 -10.71
N HIS E 276 -20.68 2.64 -10.55
CA HIS E 276 -21.09 4.01 -10.27
C HIS E 276 -20.91 4.38 -8.79
N LEU E 277 -21.46 3.55 -7.90
CA LEU E 277 -21.43 3.82 -6.45
C LEU E 277 -20.09 3.50 -5.78
N GLN E 278 -19.36 2.50 -6.30
CA GLN E 278 -18.13 2.08 -5.66
C GLN E 278 -16.92 2.83 -6.20
N GLY E 279 -15.81 2.69 -5.49
CA GLY E 279 -14.58 3.35 -5.85
C GLY E 279 -14.59 4.85 -5.61
N ARG E 280 -15.62 5.34 -4.91
CA ARG E 280 -15.77 6.79 -4.70
C ARG E 280 -14.86 7.33 -3.61
N PHE E 281 -14.30 6.44 -2.79
CA PHE E 281 -13.46 6.90 -1.70
C PHE E 281 -11.95 6.68 -1.94
N ASP E 282 -11.65 6.10 -3.09
CA ASP E 282 -10.28 6.07 -3.63
C ASP E 282 -9.99 7.35 -4.39
N SER E 283 -8.70 7.65 -4.54
CA SER E 283 -8.29 8.61 -5.55
C SER E 283 -7.82 7.82 -6.77
N TRP E 284 -6.51 7.63 -6.87
CA TRP E 284 -5.94 6.84 -7.95
C TRP E 284 -4.84 5.96 -7.36
N PRO E 285 -4.77 4.68 -7.77
CA PRO E 285 -5.72 4.02 -8.68
C PRO E 285 -7.12 3.80 -8.08
N LYS E 286 -8.11 3.65 -8.95
CA LYS E 286 -9.51 3.61 -8.52
C LYS E 286 -10.09 2.21 -8.69
N ARG E 287 -10.47 1.57 -7.59
CA ARG E 287 -10.92 0.17 -7.68
C ARG E 287 -12.29 0.02 -8.35
N ARG E 288 -12.48 -1.15 -8.98
CA ARG E 288 -13.72 -1.51 -9.63
C ARG E 288 -14.90 -1.54 -8.65
N GLY E 289 -14.68 -2.16 -7.49
CA GLY E 289 -15.68 -2.25 -6.43
C GLY E 289 -16.68 -3.37 -6.60
N VAL E 290 -16.41 -4.32 -7.49
CA VAL E 290 -17.39 -5.34 -7.80
C VAL E 290 -16.91 -6.65 -7.21
N THR E 291 -17.85 -7.48 -6.77
CA THR E 291 -17.50 -8.76 -6.16
C THR E 291 -16.78 -9.65 -7.14
N ARG E 292 -16.20 -10.75 -6.63
CA ARG E 292 -15.38 -11.64 -7.44
C ARG E 292 -16.26 -12.62 -8.23
N VAL E 293 -17.06 -12.06 -9.13
CA VAL E 293 -18.01 -12.83 -9.94
C VAL E 293 -17.38 -14.04 -10.66
N ALA E 294 -16.29 -13.79 -11.41
CA ALA E 294 -15.69 -14.87 -12.20
C ALA E 294 -15.20 -16.01 -11.33
N GLU E 295 -14.61 -15.63 -10.19
CA GLU E 295 -13.99 -16.55 -9.25
C GLU E 295 -15.06 -17.38 -8.54
N LEU E 296 -16.15 -16.72 -8.17
CA LEU E 296 -17.29 -17.40 -7.59
C LEU E 296 -17.82 -18.48 -8.53
N ASP E 297 -18.01 -18.09 -9.81
CA ASP E 297 -18.56 -19.01 -10.81
C ASP E 297 -17.60 -20.18 -11.04
N ARG E 298 -16.31 -19.89 -11.10
CA ARG E 298 -15.34 -20.94 -11.33
C ARG E 298 -15.34 -21.94 -10.18
N ALA E 299 -15.66 -21.46 -8.98
CA ALA E 299 -15.65 -22.34 -7.81
C ALA E 299 -16.96 -23.12 -7.66
N GLY E 300 -17.85 -23.02 -8.65
CA GLY E 300 -19.08 -23.78 -8.64
C GLY E 300 -20.23 -23.13 -7.88
N ILE E 301 -20.11 -21.82 -7.66
CA ILE E 301 -21.06 -21.09 -6.84
C ILE E 301 -21.93 -20.29 -7.78
N ASN E 302 -23.23 -20.29 -7.51
CA ASN E 302 -24.20 -19.59 -8.37
C ASN E 302 -24.13 -18.08 -8.22
N VAL E 303 -23.94 -17.38 -9.33
CA VAL E 303 -23.83 -15.93 -9.28
C VAL E 303 -24.51 -15.36 -10.53
N CYS E 304 -25.13 -14.19 -10.40
CA CYS E 304 -25.86 -13.61 -11.52
C CYS E 304 -25.84 -12.08 -11.47
N PHE E 305 -26.35 -11.43 -12.52
CA PHE E 305 -26.28 -9.97 -12.67
C PHE E 305 -27.65 -9.32 -12.54
N ALA E 306 -27.66 -8.05 -12.13
CA ALA E 306 -28.93 -7.36 -11.97
C ALA E 306 -28.77 -5.85 -12.15
N GLN E 307 -29.87 -5.19 -12.50
CA GLN E 307 -29.83 -3.76 -12.75
C GLN E 307 -29.87 -2.90 -11.51
N ASP E 308 -30.47 -3.43 -10.44
CA ASP E 308 -30.57 -2.72 -9.17
C ASP E 308 -31.48 -1.47 -9.20
N SER E 309 -31.11 -0.47 -9.98
CA SER E 309 -31.85 0.79 -9.98
C SER E 309 -32.27 1.25 -11.38
N ILE E 310 -33.41 1.92 -11.48
CA ILE E 310 -33.78 2.61 -12.73
C ILE E 310 -34.27 4.02 -12.38
N GLN E 311 -33.43 4.99 -12.71
CA GLN E 311 -33.71 6.42 -12.50
C GLN E 311 -34.15 6.73 -11.06
N ASP E 312 -33.29 6.39 -10.10
CA ASP E 312 -33.62 6.58 -8.68
C ASP E 312 -32.52 7.40 -7.96
N PRO E 313 -32.63 7.59 -6.62
CA PRO E 313 -31.58 8.37 -5.97
C PRO E 313 -30.15 7.80 -6.11
N TRP E 314 -30.01 6.52 -6.41
CA TRP E 314 -28.68 5.90 -6.51
C TRP E 314 -28.11 5.88 -7.92
N TYR E 315 -28.98 5.97 -8.91
CA TYR E 315 -28.56 5.70 -10.27
C TYR E 315 -29.41 6.50 -11.26
N PRO E 316 -28.76 7.40 -12.03
CA PRO E 316 -29.52 8.35 -12.85
C PRO E 316 -30.01 7.77 -14.18
N LEU E 317 -29.40 6.67 -14.63
CA LEU E 317 -29.81 6.09 -15.91
C LEU E 317 -30.71 4.86 -15.71
N GLY E 318 -30.80 4.02 -16.73
CA GLY E 318 -31.60 2.81 -16.65
C GLY E 318 -32.75 2.77 -17.64
N ASN E 319 -32.90 1.63 -18.32
CA ASN E 319 -33.97 1.50 -19.32
C ASN E 319 -34.66 0.13 -19.27
N GLY E 320 -34.21 -0.72 -18.33
CA GLY E 320 -34.78 -2.05 -18.14
C GLY E 320 -34.14 -3.17 -18.95
N ASN E 321 -33.19 -2.82 -19.80
CA ASN E 321 -32.55 -3.82 -20.64
C ASN E 321 -31.42 -4.55 -19.89
N ILE E 322 -31.69 -5.77 -19.44
CA ILE E 322 -30.74 -6.58 -18.68
C ILE E 322 -29.47 -6.90 -19.47
N LEU E 323 -29.58 -6.91 -20.80
CA LEU E 323 -28.44 -7.22 -21.65
C LEU E 323 -27.39 -6.13 -21.59
N ARG E 324 -27.82 -4.90 -21.38
CA ARG E 324 -26.84 -3.83 -21.19
C ARG E 324 -26.00 -4.13 -19.91
N ILE E 325 -26.65 -4.71 -18.92
CA ILE E 325 -26.02 -4.99 -17.64
C ILE E 325 -25.08 -6.19 -17.76
N LEU E 326 -25.46 -7.17 -18.58
CA LEU E 326 -24.62 -8.32 -18.85
C LEU E 326 -23.31 -7.87 -19.52
N ASP E 327 -23.44 -7.03 -20.54
CA ASP E 327 -22.29 -6.45 -21.22
C ASP E 327 -21.34 -5.79 -20.20
N ALA E 328 -21.87 -4.90 -19.38
CA ALA E 328 -21.10 -4.27 -18.30
C ALA E 328 -20.42 -5.26 -17.35
N GLY E 329 -21.16 -6.28 -16.90
CA GLY E 329 -20.60 -7.29 -16.02
C GLY E 329 -19.42 -8.05 -16.59
N LEU E 330 -19.57 -8.53 -17.83
CA LEU E 330 -18.52 -9.30 -18.47
C LEU E 330 -17.23 -8.50 -18.66
N HIS E 331 -17.37 -7.19 -18.88
CA HIS E 331 -16.21 -6.32 -19.01
C HIS E 331 -15.55 -6.09 -17.65
N ILE E 332 -16.34 -5.61 -16.70
CA ILE E 332 -15.82 -5.20 -15.40
C ILE E 332 -15.21 -6.38 -14.62
N CYS E 333 -15.80 -7.56 -14.81
CA CYS E 333 -15.39 -8.76 -14.08
C CYS E 333 -14.33 -9.60 -14.79
N HIS E 334 -13.83 -9.12 -15.92
CA HIS E 334 -12.83 -9.86 -16.69
C HIS E 334 -13.35 -11.22 -17.15
N MET E 335 -14.51 -11.21 -17.79
CA MET E 335 -15.12 -12.45 -18.25
C MET E 335 -15.43 -12.40 -19.73
N LEU E 336 -14.46 -11.98 -20.53
CA LEU E 336 -14.60 -11.90 -21.99
C LEU E 336 -13.76 -12.95 -22.73
N GLY E 337 -13.42 -14.03 -22.04
CA GLY E 337 -12.79 -15.17 -22.69
C GLY E 337 -13.82 -15.82 -23.59
N TYR E 338 -13.36 -16.53 -24.62
CA TYR E 338 -14.26 -17.19 -25.55
C TYR E 338 -15.20 -18.17 -24.85
N ASP E 339 -14.70 -18.87 -23.84
CA ASP E 339 -15.51 -19.81 -23.08
C ASP E 339 -16.65 -19.08 -22.35
N ASP E 340 -16.32 -17.97 -21.71
CA ASP E 340 -17.28 -17.15 -20.99
C ASP E 340 -18.38 -16.64 -21.94
N LEU E 341 -17.97 -16.10 -23.07
CA LEU E 341 -18.92 -15.52 -24.03
C LEU E 341 -19.94 -16.52 -24.59
N GLN E 342 -19.52 -17.77 -24.77
CA GLN E 342 -20.41 -18.83 -25.26
C GLN E 342 -21.56 -19.23 -24.32
N ARG E 343 -21.42 -18.92 -23.04
CA ARG E 343 -22.45 -19.25 -22.05
C ARG E 343 -22.93 -18.03 -21.25
N CYS E 344 -22.61 -16.83 -21.73
CA CYS E 344 -22.82 -15.66 -20.89
C CYS E 344 -24.26 -15.42 -20.54
N LEU E 345 -25.20 -15.97 -21.31
CA LEU E 345 -26.62 -15.76 -21.01
C LEU E 345 -27.03 -16.44 -19.69
N ASP E 346 -26.18 -17.35 -19.18
CA ASP E 346 -26.40 -17.96 -17.86
C ASP E 346 -26.66 -16.89 -16.80
N PHE E 347 -25.92 -15.79 -16.89
CA PHE E 347 -25.87 -14.84 -15.79
C PHE E 347 -27.12 -13.96 -15.70
N VAL E 348 -27.97 -14.04 -16.71
CA VAL E 348 -29.16 -13.21 -16.76
C VAL E 348 -30.42 -14.04 -17.01
N THR E 349 -30.26 -15.37 -17.09
CA THR E 349 -31.40 -16.28 -17.20
C THR E 349 -31.34 -17.42 -16.16
N ASP E 350 -30.66 -18.51 -16.51
CA ASP E 350 -30.64 -19.72 -15.68
C ASP E 350 -30.13 -19.49 -14.25
N ASN E 351 -28.97 -18.84 -14.10
CA ASN E 351 -28.43 -18.57 -12.75
C ASN E 351 -29.37 -17.72 -11.90
N SER E 352 -30.05 -16.78 -12.54
CA SER E 352 -30.95 -15.89 -11.82
C SER E 352 -32.22 -16.61 -11.36
N ALA E 353 -32.72 -17.50 -12.22
CA ALA E 353 -33.87 -18.34 -11.88
C ALA E 353 -33.57 -19.20 -10.65
N ARG E 354 -32.36 -19.71 -10.59
CA ARG E 354 -31.93 -20.50 -9.45
C ARG E 354 -31.94 -19.66 -8.18
N ALA E 355 -31.43 -18.43 -8.28
CA ALA E 355 -31.44 -17.48 -7.17
C ALA E 355 -32.86 -17.28 -6.61
N LEU E 356 -33.83 -17.19 -7.51
CA LEU E 356 -35.21 -16.92 -7.14
C LEU E 356 -35.98 -18.17 -6.76
N CYS E 357 -35.31 -19.32 -6.82
CA CYS E 357 -35.90 -20.61 -6.49
C CYS E 357 -37.13 -20.86 -7.35
N LEU E 358 -37.02 -20.53 -8.63
CA LEU E 358 -38.13 -20.65 -9.55
C LEU E 358 -38.49 -22.11 -9.84
N GLY E 359 -37.46 -22.97 -9.76
CA GLY E 359 -37.61 -24.39 -10.06
C GLY E 359 -38.46 -24.71 -11.27
N ASP E 360 -39.53 -25.45 -11.03
CA ASP E 360 -40.45 -25.98 -12.03
C ASP E 360 -41.11 -24.89 -12.89
N ASN E 361 -41.14 -23.67 -12.39
CA ASN E 361 -41.84 -22.59 -13.09
C ASN E 361 -40.98 -21.87 -14.13
N TYR E 362 -39.85 -22.48 -14.51
CA TYR E 362 -38.89 -21.85 -15.40
C TYR E 362 -38.22 -22.89 -16.26
N GLY E 363 -37.78 -22.51 -17.45
CA GLY E 363 -37.02 -23.41 -18.29
C GLY E 363 -37.78 -23.93 -19.50
N LEU E 364 -37.06 -24.15 -20.59
CA LEU E 364 -37.67 -24.68 -21.81
C LEU E 364 -37.66 -26.21 -21.77
N ALA E 365 -38.72 -26.78 -21.20
CA ALA E 365 -38.89 -28.23 -21.12
C ALA E 365 -40.36 -28.56 -21.18
N GLU E 366 -40.69 -29.70 -21.78
CA GLU E 366 -42.07 -30.15 -21.87
C GLU E 366 -42.72 -30.21 -20.49
N GLY E 367 -43.93 -29.66 -20.39
CA GLY E 367 -44.69 -29.68 -19.15
C GLY E 367 -44.57 -28.41 -18.33
N ARG E 368 -43.53 -27.64 -18.57
CA ARG E 368 -43.32 -26.40 -17.85
C ARG E 368 -44.11 -25.27 -18.54
N PRO E 369 -44.27 -24.11 -17.87
CA PRO E 369 -45.11 -23.10 -18.51
C PRO E 369 -44.47 -22.53 -19.76
N ALA E 370 -45.33 -22.12 -20.68
CA ALA E 370 -44.92 -21.61 -21.98
C ALA E 370 -44.56 -20.14 -21.88
N ASN E 371 -43.46 -19.87 -21.16
CA ASN E 371 -42.90 -18.53 -21.08
C ASN E 371 -41.55 -18.54 -21.74
N LEU E 372 -41.42 -17.86 -22.88
CA LEU E 372 -40.14 -17.82 -23.57
C LEU E 372 -39.97 -16.54 -24.36
N LEU E 373 -38.76 -16.32 -24.88
CA LEU E 373 -38.45 -15.17 -25.73
C LEU E 373 -37.86 -15.66 -27.02
N ILE E 374 -38.07 -14.91 -28.10
CA ILE E 374 -37.26 -15.08 -29.30
C ILE E 374 -36.31 -13.88 -29.47
N LEU E 375 -35.00 -14.14 -29.41
CA LEU E 375 -33.97 -13.10 -29.51
C LEU E 375 -33.44 -12.93 -30.92
N ASP E 376 -33.06 -11.71 -31.28
CA ASP E 376 -32.55 -11.44 -32.62
C ASP E 376 -31.06 -11.79 -32.71
N ALA E 377 -30.74 -13.05 -32.40
CA ALA E 377 -29.37 -13.58 -32.41
C ALA E 377 -29.44 -15.11 -32.40
N GLU E 378 -28.43 -15.79 -32.93
CA GLU E 378 -28.45 -17.25 -32.96
C GLU E 378 -27.71 -17.93 -31.79
N ASN E 379 -26.98 -17.13 -31.01
CA ASN E 379 -26.21 -17.70 -29.90
C ASN E 379 -25.89 -16.67 -28.84
N ASP E 380 -25.39 -17.13 -27.70
CA ASP E 380 -24.99 -16.27 -26.58
C ASP E 380 -24.06 -15.15 -27.01
N TYR E 381 -23.07 -15.49 -27.82
CA TYR E 381 -22.01 -14.56 -28.17
C TYR E 381 -22.57 -13.40 -28.98
N GLU E 382 -23.34 -13.73 -30.02
CA GLU E 382 -23.97 -12.71 -30.85
C GLU E 382 -24.99 -11.88 -30.07
N ALA E 383 -25.72 -12.52 -29.16
CA ALA E 383 -26.70 -11.82 -28.33
C ALA E 383 -26.05 -10.66 -27.59
N VAL E 384 -24.95 -10.91 -26.92
CA VAL E 384 -24.34 -9.84 -26.14
C VAL E 384 -23.58 -8.84 -27.03
N ARG E 385 -22.98 -9.32 -28.11
CA ARG E 385 -22.18 -8.44 -28.97
C ARG E 385 -23.08 -7.42 -29.68
N ARG E 386 -24.23 -7.89 -30.13
CA ARG E 386 -25.16 -7.08 -30.91
C ARG E 386 -26.21 -6.43 -30.02
N GLN E 387 -26.19 -6.79 -28.73
CA GLN E 387 -27.22 -6.35 -27.79
C GLN E 387 -28.58 -6.73 -28.36
N ALA E 388 -28.76 -8.02 -28.61
CA ALA E 388 -29.85 -8.45 -29.48
C ALA E 388 -31.23 -8.13 -28.92
N ARG E 389 -32.09 -7.58 -29.78
CA ARG E 389 -33.46 -7.25 -29.39
C ARG E 389 -34.28 -8.49 -29.09
N VAL E 390 -35.32 -8.31 -28.28
CA VAL E 390 -36.27 -9.35 -28.02
C VAL E 390 -37.38 -9.12 -29.05
N LEU E 391 -37.58 -10.08 -29.96
CA LEU E 391 -38.53 -9.89 -31.06
C LEU E 391 -39.89 -10.45 -30.74
N THR E 392 -39.92 -11.39 -29.80
CA THR E 392 -41.14 -12.05 -29.38
C THR E 392 -41.01 -12.45 -27.92
N SER E 393 -41.99 -12.04 -27.11
CA SER E 393 -42.05 -12.51 -25.73
C SER E 393 -43.40 -13.19 -25.55
N ILE E 394 -43.38 -14.45 -25.15
CA ILE E 394 -44.59 -15.24 -24.99
C ILE E 394 -44.71 -15.57 -23.51
N ARG E 395 -45.90 -15.36 -22.95
CA ARG E 395 -46.12 -15.63 -21.53
C ARG E 395 -47.41 -16.41 -21.35
N HIS E 396 -47.32 -17.51 -20.62
CA HIS E 396 -48.44 -18.43 -20.43
C HIS E 396 -49.06 -18.88 -21.75
N GLY E 397 -48.24 -18.97 -22.80
CA GLY E 397 -48.73 -19.47 -24.08
C GLY E 397 -49.18 -18.40 -25.07
N LYS E 398 -49.24 -17.16 -24.60
CA LYS E 398 -49.72 -16.06 -25.44
C LYS E 398 -48.65 -15.02 -25.75
N VAL E 399 -48.56 -14.60 -27.01
CA VAL E 399 -47.66 -13.50 -27.40
C VAL E 399 -48.04 -12.22 -26.65
N ILE E 400 -47.17 -11.76 -25.75
CA ILE E 400 -47.41 -10.49 -25.06
C ILE E 400 -46.60 -9.30 -25.61
N LEU E 401 -45.63 -9.56 -26.48
CA LEU E 401 -44.88 -8.49 -27.12
C LEU E 401 -44.33 -8.99 -28.44
N GLN E 402 -44.28 -8.12 -29.44
CA GLN E 402 -43.70 -8.47 -30.72
C GLN E 402 -42.98 -7.28 -31.34
N ARG E 403 -41.66 -7.41 -31.53
CA ARG E 403 -40.87 -6.44 -32.27
C ARG E 403 -40.67 -6.87 -33.71
N GLU E 404 -40.48 -5.89 -34.60
CA GLU E 404 -40.19 -6.14 -35.99
C GLU E 404 -38.69 -5.98 -36.18
N VAL E 405 -38.15 -6.58 -37.23
CA VAL E 405 -36.73 -6.52 -37.50
C VAL E 405 -36.34 -5.12 -37.99
N HIS E 407 -34.70 -3.55 -40.37
CA HIS E 407 -33.58 -3.50 -41.32
C HIS E 407 -33.29 -2.08 -41.77
N ILE E 408 -32.01 -1.79 -42.00
CA ILE E 408 -31.59 -0.48 -42.48
C ILE E 408 -31.73 -0.38 -43.99
N ARG E 409 -32.12 0.79 -44.49
CA ARG E 409 -32.17 1.08 -45.92
C ARG E 409 -31.00 1.97 -46.33
N TYR E 410 -30.40 1.68 -47.49
CA TYR E 410 -29.34 2.50 -48.06
C TYR E 410 -29.68 2.95 -49.48
N PRO E 411 -30.05 4.22 -49.66
CA PRO E 411 -30.19 4.69 -51.04
C PRO E 411 -28.84 5.04 -51.65
N MET F 1 -16.59 46.60 36.71
CA MET F 1 -16.22 47.88 36.10
C MET F 1 -16.70 47.96 34.66
N LYS F 2 -16.33 49.03 33.98
CA LYS F 2 -16.63 49.20 32.56
C LYS F 2 -15.44 48.78 31.71
N ILE F 3 -15.72 48.07 30.62
CA ILE F 3 -14.72 47.82 29.61
C ILE F 3 -15.17 48.45 28.31
N ILE F 4 -14.40 49.44 27.86
CA ILE F 4 -14.79 50.24 26.70
C ILE F 4 -13.85 50.02 25.52
N ASN F 5 -14.30 50.41 24.33
CA ASN F 5 -13.54 50.31 23.10
C ASN F 5 -13.08 48.89 22.77
N ALA F 6 -13.90 47.91 23.16
CA ALA F 6 -13.56 46.51 22.90
C ALA F 6 -14.21 46.01 21.62
N ARG F 7 -13.50 45.15 20.89
CA ARG F 7 -14.11 44.47 19.76
C ARG F 7 -14.67 43.12 20.17
N LEU F 8 -15.68 42.66 19.44
CA LEU F 8 -16.26 41.35 19.70
C LEU F 8 -16.18 40.51 18.43
N ARG F 9 -16.04 39.21 18.59
CA ARG F 9 -16.00 38.30 17.45
C ARG F 9 -17.36 38.28 16.75
N ARG F 10 -17.33 38.27 15.42
CA ARG F 10 -18.54 38.21 14.60
C ARG F 10 -19.42 39.44 14.76
N GLN F 11 -18.87 40.47 15.39
CA GLN F 11 -19.53 41.77 15.47
C GLN F 11 -18.58 42.79 14.89
N GLU F 12 -19.11 43.94 14.47
CA GLU F 12 -18.25 44.99 13.93
C GLU F 12 -18.56 46.31 14.63
N ALA F 13 -17.59 47.22 14.59
CA ALA F 13 -17.54 48.43 15.43
C ALA F 13 -17.12 48.07 16.86
N LEU F 14 -17.22 49.03 17.77
CA LEU F 14 -16.74 48.85 19.14
C LEU F 14 -17.86 48.74 20.17
N PHE F 15 -17.57 48.06 21.28
CA PHE F 15 -18.56 47.79 22.31
C PHE F 15 -18.07 48.16 23.70
N THR F 16 -19.00 48.59 24.54
CA THR F 16 -18.76 48.78 25.96
C THR F 16 -19.38 47.60 26.73
N LEU F 17 -18.58 46.97 27.58
CA LEU F 17 -19.04 45.88 28.43
C LEU F 17 -19.18 46.35 29.86
N ASP F 18 -20.41 46.39 30.36
CA ASP F 18 -20.67 46.81 31.73
C ASP F 18 -20.73 45.58 32.64
N LEU F 19 -19.83 45.54 33.62
CA LEU F 19 -19.75 44.43 34.56
C LEU F 19 -20.12 44.88 35.96
N GLN F 20 -20.89 44.06 36.67
CA GLN F 20 -21.30 44.39 38.01
C GLN F 20 -21.76 43.14 38.75
N ASP F 21 -21.40 43.04 40.02
CA ASP F 21 -21.77 41.90 40.87
C ASP F 21 -21.43 40.56 40.25
N GLY F 22 -20.27 40.51 39.60
CA GLY F 22 -19.76 39.27 39.05
C GLY F 22 -20.36 38.85 37.72
N ILE F 23 -21.35 39.59 37.24
CA ILE F 23 -22.01 39.20 35.99
C ILE F 23 -21.95 40.30 34.94
N ILE F 24 -22.23 39.94 33.69
CA ILE F 24 -22.26 40.91 32.59
C ILE F 24 -23.57 41.66 32.61
N HIS F 25 -23.56 42.87 33.17
CA HIS F 25 -24.77 43.66 33.30
C HIS F 25 -25.31 44.18 31.98
N ARG F 26 -24.41 44.65 31.11
CA ARG F 26 -24.84 45.25 29.85
C ARG F 26 -23.72 45.25 28.80
N ILE F 27 -24.11 45.02 27.55
CA ILE F 27 -23.18 45.08 26.43
C ILE F 27 -23.72 46.09 25.43
N THR F 28 -23.05 47.24 25.31
CA THR F 28 -23.56 48.32 24.47
C THR F 28 -22.63 48.64 23.31
N ALA F 29 -23.21 48.75 22.12
CA ALA F 29 -22.45 49.15 20.95
C ALA F 29 -22.22 50.65 21.02
N GLN F 30 -20.97 51.06 20.85
CA GLN F 30 -20.61 52.47 21.03
C GLN F 30 -20.87 53.31 19.78
N ALA F 31 -21.05 54.61 19.99
CA ALA F 31 -21.17 55.55 18.89
C ALA F 31 -19.76 55.86 18.35
N ALA F 32 -18.85 56.17 19.26
CA ALA F 32 -17.47 56.46 18.89
C ALA F 32 -16.48 55.88 19.90
N MET F 33 -15.20 55.93 19.55
CA MET F 33 -14.12 55.56 20.46
C MET F 33 -14.09 56.53 21.64
N GLN F 34 -14.17 55.98 22.86
CA GLN F 34 -14.32 56.82 24.05
C GLN F 34 -13.06 56.88 24.92
N THR F 35 -13.17 57.67 25.99
CA THR F 35 -12.12 57.79 26.99
C THR F 35 -12.60 57.08 28.26
N ALA F 36 -11.69 56.43 28.97
CA ALA F 36 -12.04 55.71 30.19
C ALA F 36 -11.96 56.60 31.43
N ASP F 37 -12.69 56.22 32.47
CA ASP F 37 -12.64 56.91 33.76
C ASP F 37 -11.63 56.21 34.67
N ALA F 38 -11.41 56.79 35.85
CA ALA F 38 -10.50 56.21 36.83
C ALA F 38 -11.06 54.89 37.38
N GLY F 39 -10.86 53.81 36.62
CA GLY F 39 -11.37 52.51 37.02
C GLY F 39 -11.77 51.68 35.81
N ALA F 40 -12.36 52.34 34.81
CA ALA F 40 -12.72 51.65 33.58
C ALA F 40 -11.46 51.18 32.84
N ILE F 41 -11.60 50.10 32.08
CA ILE F 41 -10.48 49.56 31.33
C ILE F 41 -10.63 49.85 29.84
N ASP F 42 -9.65 50.53 29.28
CA ASP F 42 -9.66 50.83 27.84
C ASP F 42 -9.07 49.66 27.05
N ALA F 43 -9.91 48.95 26.31
CA ALA F 43 -9.46 47.83 25.49
C ALA F 43 -8.77 48.30 24.22
N GLN F 44 -8.86 49.60 23.96
CA GLN F 44 -8.13 50.24 22.85
C GLN F 44 -8.30 49.53 21.51
N GLY F 45 -9.52 49.12 21.19
CA GLY F 45 -9.80 48.46 19.92
C GLY F 45 -9.44 46.99 19.85
N ARG F 46 -8.94 46.44 20.97
CA ARG F 46 -8.61 45.01 21.02
C ARG F 46 -9.83 44.11 21.27
N LEU F 47 -9.65 42.81 21.05
CA LEU F 47 -10.72 41.84 21.21
C LEU F 47 -11.07 41.54 22.65
N ALA F 48 -12.35 41.54 22.96
CA ALA F 48 -12.83 40.96 24.21
C ALA F 48 -13.40 39.58 23.87
N ILE F 49 -12.89 38.55 24.54
CA ILE F 49 -13.37 37.20 24.33
C ILE F 49 -13.67 36.51 25.67
N PRO F 50 -14.56 35.50 25.67
CA PRO F 50 -14.68 34.69 26.88
C PRO F 50 -13.36 33.96 27.11
N PRO F 51 -13.13 33.40 28.32
CA PRO F 51 -11.83 32.79 28.62
C PRO F 51 -11.46 31.62 27.71
N PHE F 52 -10.16 31.36 27.57
CA PHE F 52 -9.68 30.18 26.87
C PHE F 52 -10.04 28.96 27.69
N VAL F 53 -10.09 27.81 27.03
CA VAL F 53 -10.53 26.59 27.69
C VAL F 53 -9.51 25.50 27.44
N GLU F 54 -9.11 24.79 28.50
CA GLU F 54 -8.27 23.61 28.37
C GLU F 54 -9.12 22.37 28.68
N PRO F 55 -9.72 21.76 27.63
CA PRO F 55 -10.70 20.70 27.82
C PRO F 55 -10.09 19.30 28.01
N HIS F 56 -8.77 19.22 28.03
CA HIS F 56 -8.10 17.92 28.19
C HIS F 56 -6.65 18.08 28.63
N ILE F 57 -6.38 17.82 29.90
CA ILE F 57 -5.03 17.85 30.45
C ILE F 57 -4.87 16.78 31.54
N HIS F 58 -3.65 16.38 31.81
CA HIS F 58 -3.38 15.42 32.89
C HIS F 58 -2.66 16.10 34.05
N LEU F 59 -3.43 16.74 34.92
CA LEU F 59 -2.84 17.49 36.02
C LEU F 59 -2.16 16.59 37.06
N ASP F 60 -2.57 15.32 37.13
CA ASP F 60 -1.95 14.42 38.10
C ASP F 60 -0.53 14.03 37.71
N ALA F 61 -0.24 14.10 36.41
CA ALA F 61 1.05 13.67 35.90
C ALA F 61 1.97 14.82 35.49
N THR F 62 1.49 16.05 35.59
CA THR F 62 2.22 17.19 35.06
C THR F 62 3.48 17.47 35.88
N LEU F 63 4.52 17.94 35.21
CA LEU F 63 5.80 18.28 35.82
C LEU F 63 6.53 17.07 36.41
N THR F 64 6.45 15.92 35.75
CA THR F 64 7.13 14.71 36.21
C THR F 64 8.04 14.10 35.15
N ALA F 65 8.27 14.83 34.05
CA ALA F 65 9.04 14.27 32.94
C ALA F 65 10.48 13.95 33.34
N GLY F 66 10.98 12.81 32.90
CA GLY F 66 12.33 12.40 33.20
C GLY F 66 12.53 11.72 34.54
N GLU F 67 11.44 11.47 35.25
CA GLU F 67 11.52 10.86 36.58
C GLU F 67 10.75 9.53 36.63
N PRO F 68 11.46 8.43 36.95
CA PRO F 68 12.90 8.33 37.22
C PRO F 68 13.75 8.15 35.97
N GLU F 69 13.11 7.89 34.82
CA GLU F 69 13.78 7.79 33.52
C GLU F 69 12.91 8.51 32.51
N TRP F 70 13.40 8.63 31.28
CA TRP F 70 12.64 9.26 30.20
C TRP F 70 11.84 8.30 29.33
N ASN F 71 10.84 8.83 28.62
CA ASN F 71 10.14 8.12 27.55
C ASN F 71 11.04 8.20 26.32
N ARG F 72 11.90 7.21 26.14
CA ARG F 72 12.92 7.30 25.10
C ARG F 72 12.39 7.01 23.69
N SER F 73 11.34 6.21 23.58
CA SER F 73 10.74 5.89 22.29
C SER F 73 9.74 6.97 21.87
N GLY F 74 9.28 7.75 22.83
CA GLY F 74 8.31 8.80 22.58
C GLY F 74 7.00 8.23 22.08
N THR F 75 6.58 7.13 22.70
CA THR F 75 5.34 6.46 22.36
C THR F 75 4.40 6.48 23.56
N LEU F 76 3.10 6.28 23.27
CA LEU F 76 2.08 6.24 24.31
C LEU F 76 2.41 5.15 25.32
N PHE F 77 2.76 3.98 24.81
CA PHE F 77 2.96 2.80 25.66
C PHE F 77 4.17 2.90 26.60
N GLU F 78 5.30 3.42 26.10
CA GLU F 78 6.43 3.64 27.00
C GLU F 78 6.06 4.72 28.00
N GLY F 79 5.23 5.65 27.56
CA GLY F 79 4.71 6.70 28.43
C GLY F 79 3.94 6.12 29.60
N ILE F 80 3.05 5.17 29.32
CA ILE F 80 2.28 4.50 30.37
C ILE F 80 3.22 3.75 31.33
N THR F 81 4.23 3.08 30.77
CA THR F 81 5.19 2.38 31.61
C THR F 81 5.93 3.31 32.56
N ARG F 82 6.45 4.43 32.06
CA ARG F 82 7.24 5.33 32.91
C ARG F 82 6.38 6.00 33.96
N TRP F 83 5.09 6.18 33.64
CA TRP F 83 4.15 6.79 34.59
C TRP F 83 3.92 5.82 35.73
N SER F 84 3.83 4.54 35.40
CA SER F 84 3.61 3.53 36.42
C SER F 84 4.77 3.55 37.40
N GLN F 85 5.98 3.73 36.88
CA GLN F 85 7.15 3.88 37.74
C GLN F 85 7.01 5.10 38.65
N ARG F 86 6.64 6.23 38.04
CA ARG F 86 6.51 7.49 38.77
C ARG F 86 5.35 7.47 39.78
N LYS F 87 4.27 6.78 39.41
CA LYS F 87 3.06 6.72 40.21
C LYS F 87 3.31 6.19 41.62
N ALA F 88 4.41 5.47 41.78
CA ALA F 88 4.73 4.83 43.04
C ALA F 88 5.02 5.83 44.16
N SER F 89 5.80 6.87 43.85
CA SER F 89 6.27 7.81 44.87
C SER F 89 5.39 9.05 45.02
N ILE F 90 4.23 9.05 44.38
CA ILE F 90 3.30 10.18 44.44
C ILE F 90 2.71 10.36 45.84
N THR F 91 2.85 11.56 46.39
CA THR F 91 2.16 11.91 47.64
C THR F 91 1.04 12.88 47.31
N PRO F 92 -0.01 12.91 48.15
CA PRO F 92 -1.10 13.87 47.95
C PRO F 92 -0.62 15.32 47.86
N GLU F 93 0.36 15.68 48.68
CA GLU F 93 0.92 17.04 48.66
C GLU F 93 1.73 17.33 47.40
N ASP F 94 2.39 16.33 46.86
CA ASP F 94 3.17 16.54 45.65
C ASP F 94 2.24 16.77 44.48
N THR F 95 1.15 16.00 44.47
CA THR F 95 0.12 16.17 43.47
C THR F 95 -0.43 17.59 43.51
N ARG F 96 -0.75 18.06 44.71
CA ARG F 96 -1.27 19.42 44.87
C ARG F 96 -0.28 20.44 44.35
N GLN F 97 0.97 20.31 44.79
CA GLN F 97 2.05 21.23 44.41
C GLN F 97 2.23 21.32 42.90
N ARG F 98 2.29 20.18 42.22
CA ARG F 98 2.53 20.20 40.78
C ARG F 98 1.29 20.71 40.04
N ALA F 99 0.12 20.30 40.50
CA ALA F 99 -1.12 20.69 39.83
C ALA F 99 -1.37 22.19 39.90
N LEU F 100 -1.12 22.79 41.07
CA LEU F 100 -1.35 24.22 41.23
C LEU F 100 -0.39 25.04 40.37
N LYS F 101 0.83 24.53 40.21
CA LYS F 101 1.86 25.22 39.44
C LYS F 101 1.46 25.27 37.97
N THR F 102 1.04 24.12 37.44
CA THR F 102 0.60 24.07 36.06
C THR F 102 -0.69 24.86 35.88
N ILE F 103 -1.55 24.84 36.91
CA ILE F 103 -2.76 25.67 36.86
C ILE F 103 -2.38 27.14 36.69
N GLY F 104 -1.27 27.53 37.32
CA GLY F 104 -0.74 28.87 37.19
C GLY F 104 -0.33 29.23 35.76
N MET F 105 0.26 28.27 35.05
CA MET F 105 0.62 28.47 33.65
C MET F 105 -0.63 28.68 32.79
N LEU F 106 -1.65 27.86 33.03
CA LEU F 106 -2.92 27.97 32.33
C LEU F 106 -3.57 29.34 32.57
N ARG F 107 -3.64 29.73 33.83
CA ARG F 107 -4.17 31.04 34.22
C ARG F 107 -3.39 32.15 33.52
N ASP F 108 -2.08 31.97 33.42
CA ASP F 108 -1.21 32.97 32.82
C ASP F 108 -1.51 33.18 31.35
N PHE F 109 -2.07 32.17 30.71
CA PHE F 109 -2.44 32.29 29.30
C PHE F 109 -3.94 32.39 29.07
N GLY F 110 -4.65 32.86 30.08
CA GLY F 110 -6.06 33.19 29.93
C GLY F 110 -7.02 32.01 30.05
N VAL F 111 -6.54 30.88 30.51
CA VAL F 111 -7.39 29.70 30.69
C VAL F 111 -8.16 29.75 32.02
N GLN F 112 -9.49 29.73 31.95
CA GLN F 112 -10.30 29.75 33.19
C GLN F 112 -11.18 28.52 33.34
N HIS F 113 -11.20 27.66 32.32
CA HIS F 113 -11.94 26.41 32.36
C HIS F 113 -11.03 25.23 32.01
N VAL F 114 -10.98 24.23 32.89
CA VAL F 114 -10.04 23.12 32.73
C VAL F 114 -10.67 21.78 33.01
N ARG F 115 -10.46 20.82 32.12
CA ARG F 115 -10.89 19.46 32.35
C ARG F 115 -9.67 18.56 32.50
N THR F 116 -9.44 18.07 33.71
CA THR F 116 -8.30 17.20 33.95
C THR F 116 -8.74 15.75 34.08
N HIS F 117 -7.94 14.87 33.49
CA HIS F 117 -8.08 13.46 33.72
C HIS F 117 -7.25 13.09 34.94
N VAL F 118 -7.70 12.08 35.68
CA VAL F 118 -6.96 11.62 36.84
C VAL F 118 -6.87 10.11 36.82
N ASP F 119 -5.65 9.59 36.91
CA ASP F 119 -5.43 8.15 36.98
C ASP F 119 -6.00 7.57 38.27
N VAL F 120 -6.97 6.68 38.11
CA VAL F 120 -7.65 6.08 39.26
C VAL F 120 -7.38 4.59 39.32
N THR F 121 -6.58 4.09 38.39
CA THR F 121 -6.08 2.73 38.53
C THR F 121 -4.97 2.78 39.59
N ASP F 122 -5.41 2.86 40.84
CA ASP F 122 -4.58 3.09 42.02
C ASP F 122 -5.46 3.07 43.28
N PRO F 123 -5.48 1.95 44.00
CA PRO F 123 -6.42 1.62 45.09
C PRO F 123 -6.77 2.77 46.04
N SER F 124 -5.76 3.53 46.44
CA SER F 124 -5.91 4.62 47.41
C SER F 124 -6.66 5.83 46.86
N LEU F 125 -6.64 6.01 45.54
CA LEU F 125 -7.23 7.17 44.89
C LEU F 125 -6.74 8.49 45.50
N ALA F 126 -5.45 8.54 45.80
CA ALA F 126 -4.86 9.72 46.44
C ALA F 126 -4.84 10.95 45.52
N ALA F 127 -4.40 10.75 44.28
CA ALA F 127 -4.38 11.85 43.29
C ALA F 127 -5.77 12.44 43.08
N LEU F 128 -6.77 11.56 42.98
CA LEU F 128 -8.15 12.00 42.81
C LEU F 128 -8.59 12.83 44.01
N GLN F 129 -8.21 12.37 45.20
CA GLN F 129 -8.59 13.07 46.41
C GLN F 129 -7.92 14.45 46.46
N ALA F 130 -6.66 14.52 46.02
CA ALA F 130 -5.95 15.79 46.02
C ALA F 130 -6.54 16.77 45.00
N LEU F 131 -6.94 16.25 43.85
CA LEU F 131 -7.46 17.11 42.80
C LEU F 131 -8.89 17.61 43.08
N LEU F 132 -9.67 16.81 43.81
CA LEU F 132 -10.98 17.27 44.26
C LEU F 132 -10.83 18.48 45.17
N ALA F 133 -9.75 18.49 45.96
CA ALA F 133 -9.46 19.60 46.85
C ALA F 133 -8.90 20.80 46.07
N VAL F 134 -8.00 20.52 45.13
CA VAL F 134 -7.43 21.56 44.26
C VAL F 134 -8.54 22.34 43.54
N LYS F 135 -9.58 21.61 43.13
CA LYS F 135 -10.73 22.20 42.48
C LYS F 135 -11.31 23.34 43.33
N GLN F 136 -11.39 23.13 44.63
CA GLN F 136 -11.90 24.14 45.54
C GLN F 136 -10.85 25.21 45.82
N GLU F 137 -9.59 24.78 45.98
CA GLU F 137 -8.51 25.72 46.29
C GLU F 137 -8.27 26.70 45.14
N ALA F 138 -8.53 26.26 43.91
CA ALA F 138 -8.23 27.06 42.74
C ALA F 138 -9.45 27.72 42.12
N ALA F 139 -10.56 27.74 42.86
CA ALA F 139 -11.81 28.29 42.35
C ALA F 139 -11.69 29.77 41.96
N ASP F 140 -10.77 30.47 42.60
CA ASP F 140 -10.49 31.87 42.27
C ASP F 140 -9.84 32.03 40.89
N LEU F 141 -9.35 30.92 40.33
CA LEU F 141 -8.62 30.96 39.06
C LEU F 141 -9.34 30.22 37.94
N ILE F 142 -9.84 29.03 38.23
CA ILE F 142 -10.44 28.19 37.20
C ILE F 142 -11.66 27.45 37.72
N ASP F 143 -12.54 27.03 36.80
CA ASP F 143 -13.53 26.01 37.09
C ASP F 143 -12.96 24.68 36.59
N LEU F 144 -12.65 23.80 37.52
CA LEU F 144 -12.02 22.53 37.18
C LEU F 144 -13.00 21.35 37.13
N GLN F 145 -13.04 20.68 35.99
CA GLN F 145 -13.71 19.39 35.87
C GLN F 145 -12.69 18.25 36.07
N ILE F 146 -13.15 17.14 36.63
CA ILE F 146 -12.30 15.99 36.94
C ILE F 146 -12.84 14.69 36.36
N VAL F 147 -12.03 14.05 35.53
CA VAL F 147 -12.43 12.84 34.82
C VAL F 147 -11.76 11.62 35.44
N ALA F 148 -12.57 10.65 35.84
CA ALA F 148 -12.03 9.39 36.36
C ALA F 148 -11.39 8.57 35.24
N PHE F 149 -10.06 8.51 35.22
CA PHE F 149 -9.31 7.94 34.08
C PHE F 149 -8.64 6.63 34.44
N PRO F 150 -9.15 5.51 33.91
CA PRO F 150 -8.53 4.22 34.25
C PRO F 150 -7.33 3.95 33.34
N GLN F 151 -6.19 4.57 33.66
CA GLN F 151 -5.00 4.50 32.81
C GLN F 151 -4.59 3.08 32.42
N GLU F 152 -4.70 2.12 33.33
CA GLU F 152 -4.29 0.76 32.97
C GLU F 152 -5.44 -0.17 32.62
N GLY F 153 -6.57 0.43 32.25
CA GLY F 153 -7.70 -0.33 31.76
C GLY F 153 -8.72 -0.64 32.84
N ILE F 154 -9.92 -1.02 32.42
CA ILE F 154 -11.01 -1.30 33.35
C ILE F 154 -11.16 -2.81 33.54
N GLU F 155 -10.99 -3.55 32.46
CA GLU F 155 -11.45 -4.94 32.42
C GLU F 155 -10.37 -5.95 32.76
N SER F 156 -9.12 -5.51 32.77
CA SER F 156 -8.05 -6.43 33.10
C SER F 156 -7.31 -6.03 34.38
N TYR F 157 -7.15 -4.73 34.60
CA TYR F 157 -6.53 -4.24 35.84
C TYR F 157 -7.38 -4.69 37.04
N PRO F 158 -6.71 -5.20 38.10
CA PRO F 158 -7.38 -5.74 39.28
C PRO F 158 -8.36 -4.75 39.92
N ASN F 159 -9.59 -5.20 40.15
CA ASN F 159 -10.64 -4.35 40.72
C ASN F 159 -10.95 -3.11 39.87
N GLY F 160 -10.83 -3.26 38.55
CA GLY F 160 -10.96 -2.16 37.61
C GLY F 160 -12.30 -1.44 37.65
N ARG F 161 -13.38 -2.20 37.59
CA ARG F 161 -14.72 -1.61 37.63
C ARG F 161 -15.00 -0.99 38.99
N GLU F 162 -14.50 -1.64 40.03
CA GLU F 162 -14.68 -1.15 41.40
C GLU F 162 -14.01 0.21 41.59
N LEU F 163 -12.77 0.31 41.13
CA LEU F 163 -12.00 1.54 41.23
C LEU F 163 -12.72 2.70 40.55
N MET F 164 -13.25 2.44 39.36
CA MET F 164 -13.99 3.45 38.60
C MET F 164 -15.25 3.88 39.35
N THR F 165 -16.00 2.90 39.84
CA THR F 165 -17.24 3.17 40.55
C THR F 165 -16.96 4.02 41.79
N ARG F 166 -15.94 3.63 42.54
CA ARG F 166 -15.55 4.37 43.73
C ARG F 166 -15.11 5.80 43.42
N ALA F 167 -14.45 5.99 42.27
CA ALA F 167 -13.99 7.31 41.87
C ALA F 167 -15.16 8.25 41.58
N ILE F 168 -16.19 7.71 40.92
CA ILE F 168 -17.41 8.47 40.64
C ILE F 168 -18.14 8.84 41.93
N GLU F 169 -18.25 7.87 42.84
CA GLU F 169 -18.86 8.12 44.14
C GLU F 169 -18.11 9.21 44.91
N MET F 170 -16.79 9.26 44.76
CA MET F 170 -15.97 10.26 45.43
C MET F 170 -16.21 11.68 44.92
N GLY F 171 -16.83 11.81 43.75
CA GLY F 171 -17.14 13.12 43.21
C GLY F 171 -16.52 13.47 41.85
N ALA F 172 -15.93 12.50 41.17
CA ALA F 172 -15.46 12.76 39.82
C ALA F 172 -16.68 13.11 38.99
N ASP F 173 -16.63 14.24 38.29
CA ASP F 173 -17.80 14.70 37.57
C ASP F 173 -17.89 14.13 36.15
N VAL F 174 -16.82 13.47 35.70
CA VAL F 174 -16.74 12.90 34.36
C VAL F 174 -16.19 11.47 34.38
N VAL F 175 -16.77 10.60 33.54
CA VAL F 175 -16.32 9.21 33.43
C VAL F 175 -15.38 9.02 32.24
N GLY F 176 -14.20 8.46 32.50
CA GLY F 176 -13.22 8.24 31.44
C GLY F 176 -13.16 6.79 30.98
N GLY F 177 -12.33 6.52 29.98
CA GLY F 177 -12.11 5.16 29.50
C GLY F 177 -10.88 5.10 28.61
N ILE F 178 -10.45 3.89 28.28
CA ILE F 178 -9.31 3.70 27.38
C ILE F 178 -9.41 2.37 26.60
N PRO F 179 -10.46 2.23 25.77
CA PRO F 179 -10.81 0.94 25.16
C PRO F 179 -9.71 0.30 24.31
N HIS F 180 -8.92 1.13 23.64
CA HIS F 180 -7.84 0.67 22.77
C HIS F 180 -6.68 0.07 23.57
N TYR F 181 -6.68 0.25 24.89
CA TYR F 181 -5.60 -0.26 25.75
C TYR F 181 -6.04 -1.51 26.51
N GLU F 182 -7.34 -1.82 26.46
CA GLU F 182 -7.83 -3.08 27.00
C GLU F 182 -7.15 -4.23 26.26
N ASN F 183 -7.03 -5.37 26.92
CA ASN F 183 -6.24 -6.48 26.39
C ASN F 183 -6.78 -7.19 25.16
N THR F 184 -8.11 -7.20 24.95
CA THR F 184 -8.66 -7.74 23.71
C THR F 184 -9.70 -6.77 23.17
N ARG F 185 -9.99 -6.87 21.88
CA ARG F 185 -11.06 -6.09 21.27
C ARG F 185 -12.39 -6.28 22.01
N ASP F 186 -12.73 -7.52 22.35
CA ASP F 186 -13.99 -7.79 23.03
C ASP F 186 -14.07 -7.05 24.38
N LYS F 187 -12.92 -6.95 25.06
CA LYS F 187 -12.87 -6.26 26.34
C LYS F 187 -12.86 -4.74 26.19
N GLY F 188 -12.29 -4.26 25.09
CA GLY F 188 -12.43 -2.85 24.75
C GLY F 188 -13.91 -2.49 24.60
N VAL F 189 -14.68 -3.36 23.95
CA VAL F 189 -16.11 -3.11 23.76
C VAL F 189 -16.88 -3.13 25.08
N SER F 190 -16.63 -4.13 25.92
CA SER F 190 -17.32 -4.20 27.21
C SER F 190 -16.97 -3.02 28.13
N SER F 191 -15.72 -2.57 28.07
CA SER F 191 -15.31 -1.42 28.89
C SER F 191 -16.17 -0.20 28.57
N VAL F 192 -16.45 -0.02 27.29
CA VAL F 192 -17.31 1.08 26.84
C VAL F 192 -18.74 0.92 27.34
N MET F 193 -19.31 -0.28 27.23
CA MET F 193 -20.62 -0.55 27.81
C MET F 193 -20.63 -0.26 29.31
N PHE F 194 -19.60 -0.70 30.02
CA PHE F 194 -19.55 -0.49 31.46
C PHE F 194 -19.48 1.00 31.81
N LEU F 195 -18.63 1.72 31.10
CA LEU F 195 -18.37 3.13 31.44
C LEU F 195 -19.58 4.01 31.16
N MET F 196 -20.29 3.73 30.07
CA MET F 196 -21.53 4.43 29.78
C MET F 196 -22.64 4.06 30.78
N ASP F 197 -22.65 2.81 31.23
CA ASP F 197 -23.57 2.43 32.30
C ASP F 197 -23.31 3.23 33.56
N LEU F 198 -22.03 3.32 33.94
CA LEU F 198 -21.66 4.05 35.16
C LEU F 198 -22.05 5.52 35.07
N ALA F 199 -21.75 6.14 33.93
CA ALA F 199 -22.07 7.55 33.70
C ALA F 199 -23.57 7.83 33.72
N GLN F 200 -24.34 6.97 33.05
CA GLN F 200 -25.79 7.16 32.97
C GLN F 200 -26.47 7.00 34.33
N ARG F 201 -25.99 6.05 35.12
CA ARG F 201 -26.60 5.79 36.42
C ARG F 201 -26.26 6.86 37.46
N TYR F 202 -25.10 7.48 37.33
CA TYR F 202 -24.70 8.51 38.28
C TYR F 202 -24.92 9.92 37.71
N GLY F 203 -25.41 9.98 36.48
CA GLY F 203 -25.69 11.26 35.84
C GLY F 203 -24.45 12.12 35.65
N ARG F 204 -23.38 11.51 35.16
CA ARG F 204 -22.09 12.19 35.02
C ARG F 204 -21.76 12.36 33.54
N LEU F 205 -20.84 13.27 33.24
CA LEU F 205 -20.40 13.46 31.87
C LEU F 205 -19.47 12.32 31.46
N VAL F 206 -19.19 12.23 30.17
CA VAL F 206 -18.27 11.20 29.68
C VAL F 206 -17.15 11.82 28.87
N ASP F 207 -15.92 11.34 29.06
CA ASP F 207 -14.80 11.75 28.22
C ASP F 207 -13.78 10.64 28.15
N VAL F 208 -13.76 9.94 27.02
CA VAL F 208 -13.00 8.72 26.83
C VAL F 208 -11.80 8.97 25.93
N HIS F 209 -10.63 8.48 26.36
CA HIS F 209 -9.47 8.38 25.48
C HIS F 209 -9.80 7.33 24.44
N CYS F 210 -10.18 7.77 23.25
CA CYS F 210 -10.77 6.86 22.27
C CYS F 210 -9.87 6.64 21.06
N ASP F 211 -9.43 5.39 20.88
CA ASP F 211 -8.63 5.02 19.72
C ASP F 211 -7.37 5.90 19.57
N GLU F 212 -6.62 6.08 20.66
CA GLU F 212 -5.35 6.81 20.58
C GLU F 212 -4.24 5.86 20.13
N ILE F 213 -4.27 5.49 18.85
CA ILE F 213 -3.36 4.49 18.32
C ILE F 213 -3.48 4.60 16.80
N ASP F 214 -2.44 4.20 16.06
CA ASP F 214 -2.48 4.34 14.60
C ASP F 214 -3.11 3.17 13.84
N ASP F 215 -3.55 2.15 14.57
CA ASP F 215 -4.24 0.98 14.00
C ASP F 215 -5.60 1.34 13.36
N PRO F 216 -5.70 1.20 12.02
CA PRO F 216 -6.95 1.52 11.31
C PRO F 216 -8.14 0.66 11.75
N GLN F 217 -7.87 -0.40 12.51
CA GLN F 217 -8.96 -1.25 13.01
C GLN F 217 -9.34 -0.97 14.45
N SER F 218 -8.78 0.09 15.02
CA SER F 218 -9.17 0.48 16.37
C SER F 218 -10.43 1.29 16.20
N ARG F 219 -11.57 0.65 16.43
CA ARG F 219 -12.88 1.21 16.08
C ARG F 219 -13.83 1.26 17.29
N PHE F 220 -13.33 1.75 18.43
CA PHE F 220 -14.18 1.80 19.61
C PHE F 220 -15.08 3.04 19.59
N LEU F 221 -14.75 4.00 18.73
CA LEU F 221 -15.52 5.23 18.58
C LEU F 221 -16.95 4.93 18.17
N GLU F 222 -17.09 3.99 17.26
CA GLU F 222 -18.41 3.61 16.78
C GLU F 222 -19.22 3.06 17.97
N VAL F 223 -18.57 2.31 18.86
CA VAL F 223 -19.28 1.75 20.02
C VAL F 223 -19.73 2.85 20.97
N LEU F 224 -18.81 3.78 21.24
CA LEU F 224 -19.10 4.90 22.14
C LEU F 224 -20.18 5.81 21.55
N ALA F 225 -20.05 6.14 20.27
CA ALA F 225 -21.02 7.04 19.63
C ALA F 225 -22.41 6.41 19.60
N GLU F 226 -22.48 5.11 19.32
CA GLU F 226 -23.78 4.44 19.31
C GLU F 226 -24.42 4.38 20.69
N GLU F 227 -23.61 4.12 21.71
CA GLU F 227 -24.12 4.09 23.07
C GLU F 227 -24.70 5.45 23.43
N ALA F 228 -23.98 6.51 23.09
CA ALA F 228 -24.45 7.85 23.37
C ALA F 228 -25.78 8.14 22.67
N ARG F 229 -25.85 7.78 21.40
CA ARG F 229 -27.03 8.02 20.58
C ARG F 229 -28.27 7.30 21.12
N VAL F 230 -28.12 6.00 21.37
CA VAL F 230 -29.18 5.17 21.95
C VAL F 230 -29.62 5.65 23.34
N ARG F 231 -28.67 6.14 24.15
CA ARG F 231 -28.97 6.57 25.51
C ARG F 231 -29.38 8.04 25.61
N GLY F 232 -29.45 8.74 24.48
CA GLY F 232 -29.79 10.15 24.45
C GLY F 232 -28.82 11.07 25.19
N MET F 233 -27.58 10.66 25.35
CA MET F 233 -26.63 11.48 26.10
C MET F 233 -25.51 12.13 25.28
N GLY F 234 -25.77 12.34 23.99
CA GLY F 234 -24.79 12.93 23.09
C GLY F 234 -24.04 14.15 23.61
N ALA F 235 -24.79 15.16 24.02
CA ALA F 235 -24.20 16.41 24.49
C ALA F 235 -23.24 16.19 25.67
N GLN F 236 -23.49 15.13 26.44
CA GLN F 236 -22.71 14.84 27.65
C GLN F 236 -21.52 13.95 27.37
N VAL F 237 -21.35 13.59 26.10
CA VAL F 237 -20.27 12.69 25.72
C VAL F 237 -19.19 13.33 24.85
N THR F 238 -17.94 13.07 25.21
CA THR F 238 -16.81 13.51 24.41
C THR F 238 -15.89 12.34 24.10
N ALA F 239 -15.46 12.25 22.84
CA ALA F 239 -14.41 11.32 22.46
C ALA F 239 -13.12 12.10 22.25
N SER F 240 -12.15 11.87 23.13
CA SER F 240 -10.83 12.50 23.01
C SER F 240 -9.90 11.66 22.13
N HIS F 241 -9.04 12.37 21.40
CA HIS F 241 -8.02 11.82 20.48
C HIS F 241 -8.58 11.33 19.14
N THR F 242 -9.24 10.18 19.15
CA THR F 242 -9.62 9.48 17.92
C THR F 242 -8.55 9.53 16.82
N CYS F 243 -7.28 9.35 17.20
CA CYS F 243 -6.15 9.33 16.26
C CYS F 243 -6.31 8.28 15.18
N ALA F 244 -6.94 7.16 15.52
CA ALA F 244 -7.13 6.08 14.55
C ALA F 244 -7.95 6.54 13.36
N MET F 245 -8.92 7.43 13.60
CA MET F 245 -9.76 7.95 12.51
C MET F 245 -8.90 8.64 11.45
N GLY F 246 -7.74 9.13 11.85
CA GLY F 246 -6.77 9.66 10.90
C GLY F 246 -6.15 8.61 10.01
N SER F 247 -6.46 7.34 10.26
CA SER F 247 -5.97 6.23 9.43
C SER F 247 -7.10 5.31 8.90
N TYR F 248 -8.35 5.67 9.16
CA TYR F 248 -9.48 4.81 8.75
C TYR F 248 -9.58 4.62 7.23
N ASP F 249 -10.05 3.45 6.82
CA ASP F 249 -10.55 3.24 5.47
C ASP F 249 -11.59 4.32 5.18
N ASN F 250 -11.56 4.89 3.98
CA ASN F 250 -12.41 6.03 3.69
C ASN F 250 -13.88 5.69 3.51
N ALA F 251 -14.18 4.53 2.96
CA ALA F 251 -15.59 4.14 2.80
C ALA F 251 -16.21 3.98 4.18
N TYR F 252 -15.51 3.25 5.05
CA TYR F 252 -15.97 3.08 6.43
C TYR F 252 -16.16 4.44 7.10
N CYS F 253 -15.18 5.32 6.97
CA CYS F 253 -15.25 6.59 7.69
C CYS F 253 -16.42 7.44 7.23
N SER F 254 -16.75 7.38 5.94
CA SER F 254 -17.88 8.13 5.41
C SER F 254 -19.17 7.61 6.04
N LYS F 255 -19.31 6.29 6.07
CA LYS F 255 -20.45 5.66 6.72
C LYS F 255 -20.52 6.08 8.18
N LEU F 256 -19.37 5.96 8.86
CA LEU F 256 -19.27 6.29 10.28
C LEU F 256 -19.68 7.73 10.61
N PHE F 257 -19.25 8.69 9.79
CA PHE F 257 -19.66 10.10 9.98
C PHE F 257 -21.18 10.32 10.14
N ARG F 258 -21.98 9.47 9.52
CA ARG F 258 -23.44 9.57 9.68
C ARG F 258 -23.83 9.34 11.14
N LEU F 259 -23.28 8.28 11.74
CA LEU F 259 -23.54 7.97 13.15
C LEU F 259 -23.04 9.09 14.05
N LEU F 260 -21.80 9.52 13.79
CA LEU F 260 -21.17 10.56 14.58
C LEU F 260 -22.03 11.81 14.72
N LYS F 261 -22.57 12.28 13.60
CA LYS F 261 -23.45 13.45 13.62
C LYS F 261 -24.74 13.14 14.36
N ALA F 262 -25.33 11.98 14.08
CA ALA F 262 -26.55 11.57 14.75
C ALA F 262 -26.34 11.45 16.25
N SER F 263 -25.16 10.98 16.66
CA SER F 263 -24.89 10.79 18.08
C SER F 263 -24.90 12.10 18.87
N GLY F 264 -24.38 13.17 18.26
CA GLY F 264 -24.27 14.45 18.94
C GLY F 264 -23.07 14.61 19.88
N ILE F 265 -22.19 13.61 19.90
CA ILE F 265 -21.04 13.68 20.81
C ILE F 265 -19.94 14.67 20.35
N ASN F 266 -19.08 15.04 21.29
CA ASN F 266 -18.00 16.01 21.06
C ASN F 266 -16.66 15.33 20.82
N PHE F 267 -15.73 16.08 20.20
CA PHE F 267 -14.40 15.58 19.89
C PHE F 267 -13.29 16.54 20.35
N ILE F 268 -12.22 15.97 20.90
CA ILE F 268 -11.07 16.76 21.32
C ILE F 268 -9.86 16.16 20.64
N SER F 269 -9.05 17.03 20.04
CA SER F 269 -7.85 16.61 19.35
C SER F 269 -6.69 17.32 20.02
N CYS F 270 -5.59 16.60 20.17
CA CYS F 270 -4.42 17.14 20.84
C CYS F 270 -3.26 17.08 19.87
N PRO F 271 -3.15 18.11 19.01
CA PRO F 271 -2.20 18.10 17.89
C PRO F 271 -0.72 18.04 18.31
N THR F 272 -0.31 18.76 19.35
CA THR F 272 1.10 18.65 19.74
C THR F 272 1.40 17.28 20.36
N GLU F 273 0.46 16.76 21.15
CA GLU F 273 0.66 15.47 21.79
C GLU F 273 0.80 14.36 20.75
N SER F 274 -0.13 14.35 19.80
CA SER F 274 -0.24 13.30 18.81
C SER F 274 0.81 13.37 17.71
N ILE F 275 1.23 14.57 17.34
CA ILE F 275 2.30 14.63 16.34
C ILE F 275 3.59 14.04 16.97
N HIS F 276 3.68 14.12 18.28
CA HIS F 276 4.81 13.56 19.03
C HIS F 276 4.66 12.04 19.23
N LEU F 277 3.46 11.61 19.62
CA LEU F 277 3.21 10.20 19.98
C LEU F 277 2.83 9.28 18.81
N GLN F 278 2.18 9.84 17.79
CA GLN F 278 1.77 9.03 16.66
C GLN F 278 2.82 8.97 15.58
N GLY F 279 2.59 8.09 14.60
CA GLY F 279 3.53 7.87 13.52
C GLY F 279 4.80 7.16 13.96
N ARG F 280 4.87 6.73 15.21
CA ARG F 280 6.10 6.12 15.73
C ARG F 280 6.34 4.71 15.19
N PHE F 281 5.31 4.14 14.56
CA PHE F 281 5.43 2.78 14.06
C PHE F 281 5.42 2.71 12.54
N ASP F 282 5.39 3.88 11.89
CA ASP F 282 5.70 3.95 10.46
C ASP F 282 7.19 4.10 10.22
N SER F 283 7.62 3.81 9.00
CA SER F 283 8.92 4.28 8.54
C SER F 283 8.69 5.55 7.73
N TRP F 284 8.69 5.40 6.41
CA TRP F 284 8.45 6.52 5.51
C TRP F 284 7.57 6.04 4.34
N PRO F 285 6.52 6.81 4.00
CA PRO F 285 6.04 8.04 4.64
C PRO F 285 5.51 7.85 6.05
N LYS F 286 5.63 8.91 6.85
CA LYS F 286 5.25 8.88 8.24
C LYS F 286 3.93 9.63 8.40
N ARG F 287 2.92 8.96 8.94
CA ARG F 287 1.60 9.58 9.04
C ARG F 287 1.54 10.66 10.13
N ARG F 288 0.63 11.61 9.95
CA ARG F 288 0.41 12.67 10.95
C ARG F 288 -0.11 12.08 12.26
N GLY F 289 -1.15 11.24 12.15
CA GLY F 289 -1.71 10.54 13.29
C GLY F 289 -2.71 11.37 14.07
N VAL F 290 -3.33 12.33 13.40
CA VAL F 290 -4.29 13.21 14.05
C VAL F 290 -5.67 12.93 13.47
N THR F 291 -6.71 13.05 14.29
CA THR F 291 -8.09 12.80 13.81
C THR F 291 -8.51 13.81 12.74
N ARG F 292 -9.62 13.53 12.07
CA ARG F 292 -10.06 14.34 10.94
C ARG F 292 -10.78 15.60 11.41
N VAL F 293 -10.04 16.48 12.07
CA VAL F 293 -10.62 17.70 12.68
C VAL F 293 -11.39 18.57 11.69
N ALA F 294 -10.77 18.90 10.56
CA ALA F 294 -11.39 19.80 9.60
C ALA F 294 -12.66 19.18 9.06
N GLU F 295 -12.59 17.89 8.82
CA GLU F 295 -13.70 17.10 8.32
C GLU F 295 -14.90 17.07 9.29
N LEU F 296 -14.61 16.83 10.56
CA LEU F 296 -15.66 16.81 11.58
C LEU F 296 -16.32 18.17 11.64
N ASP F 297 -15.51 19.22 11.68
CA ASP F 297 -16.04 20.58 11.74
C ASP F 297 -16.95 20.94 10.55
N ARG F 298 -16.53 20.55 9.34
CA ARG F 298 -17.30 20.83 8.14
C ARG F 298 -18.61 20.05 8.11
N ALA F 299 -18.63 18.91 8.78
CA ALA F 299 -19.85 18.12 8.89
C ALA F 299 -20.74 18.64 10.02
N GLY F 300 -20.37 19.77 10.61
CA GLY F 300 -21.16 20.34 11.68
C GLY F 300 -21.02 19.57 12.98
N ILE F 301 -19.88 18.91 13.16
CA ILE F 301 -19.61 18.20 14.40
C ILE F 301 -18.65 19.01 15.29
N ASN F 302 -18.98 19.12 16.58
CA ASN F 302 -18.18 19.94 17.49
C ASN F 302 -16.84 19.29 17.82
N VAL F 303 -15.76 19.99 17.48
CA VAL F 303 -14.41 19.51 17.77
C VAL F 303 -13.57 20.69 18.27
N CYS F 304 -12.57 20.40 19.10
CA CYS F 304 -11.72 21.45 19.65
C CYS F 304 -10.33 20.91 19.97
N PHE F 305 -9.42 21.80 20.35
CA PHE F 305 -8.01 21.45 20.55
C PHE F 305 -7.61 21.53 22.02
N ALA F 306 -6.62 20.73 22.42
CA ALA F 306 -6.14 20.66 23.81
C ALA F 306 -4.64 20.40 23.94
N GLN F 307 -4.04 20.84 25.05
CA GLN F 307 -2.60 20.64 25.27
C GLN F 307 -2.26 19.20 25.66
N ASP F 308 -3.18 18.56 26.38
CA ASP F 308 -3.03 17.18 26.85
C ASP F 308 -2.01 17.03 27.99
N SER F 309 -0.76 17.35 27.69
CA SER F 309 0.33 17.16 28.63
C SER F 309 1.21 18.39 28.78
N ILE F 310 1.67 18.62 30.01
CA ILE F 310 2.72 19.62 30.26
C ILE F 310 3.85 19.01 31.07
N GLN F 311 4.98 18.78 30.40
CA GLN F 311 6.20 18.25 31.02
C GLN F 311 5.94 16.96 31.81
N ASP F 312 5.52 15.92 31.12
CA ASP F 312 5.08 14.71 31.80
C ASP F 312 5.66 13.50 31.05
N PRO F 313 5.34 12.26 31.49
CA PRO F 313 6.08 11.18 30.79
C PRO F 313 5.68 10.98 29.34
N TRP F 314 4.63 11.64 28.86
CA TRP F 314 4.27 11.48 27.46
C TRP F 314 4.85 12.60 26.59
N TYR F 315 5.13 13.74 27.21
CA TYR F 315 5.44 14.95 26.44
C TYR F 315 6.39 15.84 27.23
N PRO F 316 7.55 16.19 26.65
CA PRO F 316 8.57 16.86 27.46
C PRO F 316 8.50 18.39 27.47
N LEU F 317 7.66 18.97 26.61
CA LEU F 317 7.52 20.42 26.58
C LEU F 317 6.20 20.84 27.23
N GLY F 318 5.75 22.06 26.94
CA GLY F 318 4.51 22.56 27.52
C GLY F 318 4.72 23.81 28.35
N ASN F 319 3.87 24.80 28.14
CA ASN F 319 3.97 26.04 28.90
C ASN F 319 2.63 26.64 29.28
N GLY F 320 1.55 25.98 28.86
CA GLY F 320 0.21 26.40 29.23
C GLY F 320 -0.51 27.21 28.17
N ASN F 321 0.22 27.60 27.13
CA ASN F 321 -0.35 28.48 26.12
C ASN F 321 -1.16 27.76 25.03
N ILE F 322 -2.48 27.78 25.16
CA ILE F 322 -3.38 27.14 24.20
C ILE F 322 -3.22 27.68 22.78
N LEU F 323 -2.73 28.91 22.64
CA LEU F 323 -2.56 29.49 21.30
C LEU F 323 -1.50 28.76 20.49
N ARG F 324 -0.54 28.14 21.19
CA ARG F 324 0.52 27.37 20.54
C ARG F 324 -0.09 26.10 19.97
N ILE F 325 -1.02 25.53 20.72
CA ILE F 325 -1.70 24.30 20.31
C ILE F 325 -2.62 24.58 19.13
N LEU F 326 -3.30 25.73 19.15
CA LEU F 326 -4.18 26.13 18.05
C LEU F 326 -3.38 26.31 16.77
N ASP F 327 -2.21 26.94 16.89
CA ASP F 327 -1.29 27.11 15.77
C ASP F 327 -0.87 25.76 15.20
N ALA F 328 -0.41 24.87 16.06
CA ALA F 328 0.00 23.52 15.64
C ALA F 328 -1.13 22.81 14.92
N GLY F 329 -2.33 22.87 15.51
CA GLY F 329 -3.48 22.16 15.00
C GLY F 329 -3.94 22.63 13.64
N LEU F 330 -4.01 23.94 13.44
CA LEU F 330 -4.41 24.47 12.14
C LEU F 330 -3.43 24.03 11.05
N HIS F 331 -2.16 23.86 11.42
CA HIS F 331 -1.14 23.41 10.47
C HIS F 331 -1.29 21.92 10.12
N ILE F 332 -1.36 21.10 11.16
CA ILE F 332 -1.35 19.65 10.96
C ILE F 332 -2.66 19.17 10.32
N CYS F 333 -3.77 19.81 10.69
CA CYS F 333 -5.10 19.44 10.18
C CYS F 333 -5.48 20.13 8.86
N HIS F 334 -4.55 20.87 8.28
CA HIS F 334 -4.77 21.57 7.02
C HIS F 334 -5.94 22.53 7.09
N MET F 335 -5.90 23.41 8.09
CA MET F 335 -6.97 24.37 8.32
C MET F 335 -6.42 25.80 8.28
N LEU F 336 -5.67 26.10 7.23
CA LEU F 336 -5.10 27.44 7.06
C LEU F 336 -5.76 28.22 5.92
N GLY F 337 -6.99 27.84 5.58
CA GLY F 337 -7.75 28.61 4.62
C GLY F 337 -8.10 29.92 5.28
N TYR F 338 -8.33 30.96 4.48
CA TYR F 338 -8.65 32.24 5.09
C TYR F 338 -9.96 32.14 5.88
N ASP F 339 -10.90 31.34 5.38
CA ASP F 339 -12.16 31.15 6.08
C ASP F 339 -11.93 30.53 7.47
N ASP F 340 -11.09 29.50 7.52
CA ASP F 340 -10.72 28.84 8.78
C ASP F 340 -10.11 29.84 9.76
N LEU F 341 -9.19 30.66 9.26
CA LEU F 341 -8.39 31.55 10.11
C LEU F 341 -9.24 32.67 10.72
N GLN F 342 -10.35 33.01 10.05
CA GLN F 342 -11.16 34.12 10.55
C GLN F 342 -11.99 33.71 11.76
N ARG F 343 -12.14 32.41 11.95
CA ARG F 343 -13.00 31.88 13.01
C ARG F 343 -12.25 30.89 13.90
N CYS F 344 -10.93 30.86 13.79
CA CYS F 344 -10.14 29.79 14.38
C CYS F 344 -10.19 29.74 15.91
N LEU F 345 -10.54 30.85 16.54
CA LEU F 345 -10.61 30.87 18.00
C LEU F 345 -11.78 30.04 18.53
N ASP F 346 -12.71 29.65 17.64
CA ASP F 346 -13.80 28.74 18.04
C ASP F 346 -13.22 27.48 18.63
N PHE F 347 -12.08 27.05 18.11
CA PHE F 347 -11.49 25.78 18.49
C PHE F 347 -10.83 25.76 19.87
N VAL F 348 -10.71 26.93 20.50
CA VAL F 348 -10.15 26.99 21.84
C VAL F 348 -11.02 27.80 22.78
N THR F 349 -12.21 28.17 22.31
CA THR F 349 -13.17 28.90 23.13
C THR F 349 -14.57 28.25 23.13
N ASP F 350 -15.46 28.70 22.24
CA ASP F 350 -16.85 28.21 22.20
C ASP F 350 -16.96 26.69 22.10
N ASN F 351 -16.18 26.08 21.19
CA ASN F 351 -16.29 24.66 20.95
C ASN F 351 -15.89 23.83 22.17
N SER F 352 -14.88 24.31 22.89
CA SER F 352 -14.39 23.57 24.05
C SER F 352 -15.34 23.75 25.23
N ALA F 353 -16.01 24.90 25.26
CA ALA F 353 -16.99 25.18 26.30
C ALA F 353 -18.16 24.25 26.08
N ARG F 354 -18.57 24.11 24.83
CA ARG F 354 -19.63 23.19 24.49
C ARG F 354 -19.30 21.76 24.93
N ALA F 355 -18.07 21.33 24.67
CA ALA F 355 -17.64 19.99 25.06
C ALA F 355 -17.70 19.78 26.57
N LEU F 356 -17.51 20.87 27.32
CA LEU F 356 -17.53 20.80 28.78
C LEU F 356 -18.91 21.08 29.35
N CYS F 357 -19.89 21.33 28.47
CA CYS F 357 -21.25 21.63 28.88
C CYS F 357 -21.35 22.85 29.82
N LEU F 358 -20.55 23.86 29.52
CA LEU F 358 -20.55 25.07 30.35
C LEU F 358 -21.82 25.90 30.23
N GLY F 359 -22.48 25.82 29.07
CA GLY F 359 -23.74 26.48 28.83
C GLY F 359 -23.79 27.98 29.13
N ASP F 360 -24.77 28.37 29.94
CA ASP F 360 -24.99 29.78 30.27
C ASP F 360 -23.92 30.35 31.21
N ASN F 361 -23.00 29.49 31.65
CA ASN F 361 -21.89 29.93 32.50
C ASN F 361 -20.64 30.27 31.68
N TYR F 362 -20.83 30.47 30.39
CA TYR F 362 -19.76 30.81 29.46
C TYR F 362 -20.30 31.66 28.32
N GLY F 363 -19.49 32.60 27.85
CA GLY F 363 -19.87 33.42 26.71
C GLY F 363 -20.18 34.85 27.08
N LEU F 364 -19.91 35.78 26.17
CA LEU F 364 -20.17 37.19 26.43
C LEU F 364 -21.58 37.57 26.04
N ALA F 365 -22.45 37.64 27.04
CA ALA F 365 -23.86 37.95 26.86
C ALA F 365 -24.41 38.39 28.21
N GLU F 366 -25.30 39.38 28.19
CA GLU F 366 -25.84 39.94 29.42
C GLU F 366 -26.43 38.85 30.32
N GLY F 367 -26.18 38.95 31.62
CA GLY F 367 -26.68 37.97 32.57
C GLY F 367 -25.70 36.86 32.88
N ARG F 368 -24.81 36.59 31.95
CA ARG F 368 -23.82 35.52 32.13
C ARG F 368 -22.65 36.01 32.98
N PRO F 369 -21.91 35.08 33.60
CA PRO F 369 -20.82 35.47 34.51
C PRO F 369 -19.77 36.33 33.85
N ALA F 370 -19.22 37.27 34.61
CA ALA F 370 -18.23 38.20 34.08
C ALA F 370 -16.84 37.58 34.07
N ASN F 371 -16.65 36.62 33.16
CA ASN F 371 -15.34 36.05 32.87
C ASN F 371 -14.97 36.36 31.43
N LEU F 372 -13.89 37.10 31.22
CA LEU F 372 -13.47 37.45 29.86
C LEU F 372 -12.00 37.80 29.79
N LEU F 373 -11.49 37.89 28.56
CA LEU F 373 -10.12 38.33 28.30
C LEU F 373 -10.12 39.50 27.31
N ILE F 374 -9.12 40.36 27.45
CA ILE F 374 -8.79 41.30 26.39
C ILE F 374 -7.54 40.75 25.72
N LEU F 375 -7.66 40.39 24.45
CA LEU F 375 -6.54 39.86 23.67
C LEU F 375 -5.78 40.98 22.97
N ASP F 376 -4.47 40.84 22.83
CA ASP F 376 -3.66 41.86 22.16
C ASP F 376 -3.74 41.75 20.64
N ALA F 377 -4.97 41.77 20.12
CA ALA F 377 -5.24 41.69 18.68
C ALA F 377 -6.70 42.04 18.46
N GLU F 378 -7.06 42.41 17.23
CA GLU F 378 -8.46 42.75 16.98
C GLU F 378 -9.25 41.76 16.12
N ASN F 379 -8.64 40.61 15.80
CA ASN F 379 -9.36 39.51 15.17
C ASN F 379 -8.67 38.14 15.33
N ASP F 380 -9.39 37.07 15.01
CA ASP F 380 -8.89 35.71 15.12
C ASP F 380 -7.57 35.53 14.37
N TYR F 381 -7.54 36.01 13.13
CA TYR F 381 -6.37 35.86 12.27
C TYR F 381 -5.10 36.41 12.91
N GLU F 382 -5.13 37.68 13.31
CA GLU F 382 -3.98 38.28 13.98
C GLU F 382 -3.66 37.59 15.31
N ALA F 383 -4.68 37.09 16.00
CA ALA F 383 -4.47 36.43 17.29
C ALA F 383 -3.57 35.20 17.15
N VAL F 384 -3.84 34.35 16.17
CA VAL F 384 -3.03 33.16 15.97
C VAL F 384 -1.71 33.47 15.26
N ARG F 385 -1.73 34.41 14.31
CA ARG F 385 -0.53 34.79 13.57
C ARG F 385 0.56 35.36 14.48
N ARG F 386 0.16 36.25 15.39
CA ARG F 386 1.13 36.90 16.27
C ARG F 386 1.24 36.22 17.62
N GLN F 387 0.44 35.17 17.82
CA GLN F 387 0.37 34.49 19.13
C GLN F 387 0.06 35.51 20.20
N ALA F 388 -1.04 36.25 20.02
CA ALA F 388 -1.37 37.43 20.81
C ALA F 388 -1.41 37.20 22.33
N ARG F 389 -0.75 38.09 23.06
CA ARG F 389 -0.74 38.03 24.52
C ARG F 389 -2.11 38.30 25.11
N VAL F 390 -2.35 37.72 26.29
CA VAL F 390 -3.50 38.03 27.11
C VAL F 390 -3.13 39.24 27.97
N LEU F 391 -3.76 40.38 27.68
CA LEU F 391 -3.41 41.62 28.37
C LEU F 391 -4.17 41.73 29.68
N THR F 392 -5.34 41.13 29.72
CA THR F 392 -6.21 41.25 30.88
C THR F 392 -7.07 40.01 30.99
N SER F 393 -7.07 39.40 32.17
CA SER F 393 -7.98 38.31 32.46
C SER F 393 -8.90 38.73 33.59
N ILE F 394 -10.20 38.69 33.33
CA ILE F 394 -11.17 39.05 34.34
C ILE F 394 -11.99 37.83 34.73
N ARG F 395 -12.14 37.62 36.02
CA ARG F 395 -12.89 36.46 36.52
C ARG F 395 -13.79 36.88 37.67
N HIS F 396 -15.09 36.56 37.54
CA HIS F 396 -16.11 36.99 38.49
C HIS F 396 -16.16 38.53 38.60
N GLY F 397 -15.87 39.22 37.50
CA GLY F 397 -15.94 40.67 37.48
C GLY F 397 -14.70 41.34 38.04
N LYS F 398 -13.75 40.54 38.51
CA LYS F 398 -12.52 41.05 39.09
C LYS F 398 -11.36 40.80 38.13
N VAL F 399 -10.38 41.70 38.15
CA VAL F 399 -9.15 41.49 37.40
C VAL F 399 -8.24 40.56 38.20
N ILE F 400 -7.84 39.46 37.58
CA ILE F 400 -6.94 38.52 38.23
C ILE F 400 -5.60 38.49 37.50
N LEU F 401 -5.56 39.05 36.29
CA LEU F 401 -4.30 39.14 35.55
C LEU F 401 -4.21 40.42 34.75
N GLN F 402 -3.08 41.11 34.90
CA GLN F 402 -2.79 42.30 34.13
C GLN F 402 -1.37 42.19 33.56
N ARG F 403 -1.27 42.21 32.24
CA ARG F 403 0.01 42.34 31.58
C ARG F 403 0.16 43.78 31.15
N GLU F 404 1.38 44.16 30.82
CA GLU F 404 1.61 45.44 30.18
C GLU F 404 1.86 45.18 28.71
N VAL F 405 1.45 46.11 27.85
CA VAL F 405 1.67 45.95 26.43
C VAL F 405 3.17 46.02 26.15
N GLU F 406 3.65 45.10 25.31
CA GLU F 406 5.06 44.99 25.01
C GLU F 406 5.55 46.17 24.19
N HIS F 407 6.60 46.83 24.66
CA HIS F 407 7.24 47.87 23.86
C HIS F 407 8.70 47.52 23.59
N ILE F 408 9.07 47.59 22.33
CA ILE F 408 10.44 47.32 21.92
C ILE F 408 11.10 48.65 21.60
N ARG F 409 12.28 48.89 22.16
CA ARG F 409 13.00 50.11 21.84
C ARG F 409 14.16 49.81 20.90
N TYR F 410 14.44 50.76 20.01
CA TYR F 410 15.46 50.60 18.99
C TYR F 410 16.46 51.73 19.11
N PRO F 411 17.49 51.56 19.96
CA PRO F 411 18.51 52.59 20.16
C PRO F 411 19.60 52.54 19.09
#